data_8TXC
#
_entry.id   8TXC
#
_cell.length_a   1.00
_cell.length_b   1.00
_cell.length_c   1.00
_cell.angle_alpha   90.00
_cell.angle_beta   90.00
_cell.angle_gamma   90.00
#
_symmetry.space_group_name_H-M   'P 1'
#
_entity_poly.entity_id   1
_entity_poly.type   'polypeptide(L)'
_entity_poly.pdbx_seq_one_letter_code
;MAMPRHGRRPARCSSNRASQWLLLVLGVALAASPRFLLLVEAATYTLTLDKLGPTVNPTTSDAVTFTATVASPDSTTAVF
FTLDYGDGVTAETTRTTTGALSTTPTANLVSAGTYTVTYASIGTKFVTLRLYDSAVAPGVLLASKTVPIYVEDSTLTATL
LQSGVPRLNLAFSGFKGRVSSSTANRADMWATIQLDTAPGVFESSRIFIGIAPTASTNYDFVIPDQVYNLEGAKTTVLRI
YDAPVGGTLLRTFTPAAANAVYVVDPSKYVLTLTVGPTSVTTADQVTFTQTTTEVSYSASATSPILQWRFNWDDPSVVET
PLAYPDALTAASNFPTTATAVSSAAASTFRYTSTGSKNARLRLYDGANNVIAEKIVVITVSNAGYTLALAKTTADPVTTD
DTIAFSAGAKHLSSTSQVWWTIDYGAGESSPRTALTMTNVGAAAPNAIASLSNQYTSGGTKLATLRIYDRDGVGANTGLL
LASTTVTFTVTPVLYALESAVEPFSPIATVAAKWSFRIQRSKATPAGVTESIKCAFFGADTGTAPADLAAWLTAANGAGG
LTATILPSSIPSDIISFTRTYAAAAASLQGKLQCFIGSTPLWDPYYPTPVFQVLAAAPTYTLSASVTPAVVPVDTATLWT
YNIIRSVPVPAGGPSLPILCSFWDGKTGAAPTTDAGWAALAGSANGKGTSMAPGSTTATCSFTPSYSTTGTATPTLQLIQ
NSFALDAATTVGFLSPVYTAPAFATVTAASYTISSYLNPVTPVAGGAAAVWRIVITRNAAVTASAKTLTCQMPDNGQGGS
PADVTADIAVGGTTTVCVFSIAGYTTATPGPYFATVNVVDGAVTTSHITKNFTVLASGTTAPTYAVTSVVSPATPVKVST
PVTYTFTITRTTAVPAGGIPQPIICEFFNGEGTAPASAAAYWRVSTTIPDADTVVAVMAPGETTTTCTFTTYYTTVSAGG
FTAKLMVFGESATAAPLLTSLSVTPSQLLAAVHSFATPMVVAAAVVAVESTTISPNYNPTTPYTNIPTYFTFTLLRDPPV
PPSASSGVQFACALYTGQNVNPASAPSAITDAVYKTFTDVTTAVATDANYFADQQLRVVTMAPGTGRVSCTFPTLYAAAG
PFSPKFFVFEYASSTVGANALAVADTVTSLTSFTTQAAPTFITGPTNVPQRVPLPKGFRTTCFDGYELIFSNDNYTNGVR
VAVDAYPYPVGQCRKCPGGTATMDGYRCIPCPSGYWSNEGARECTACPAGTIAKPAALTARAKYSIDPTTYHFVTHLAMG
PESCKKCPKGYFQPNIAGTVCLPCPSGFVSTSGATGCTACSEGTYHTDGVGTTTPGEATSLDTTDTFGSIYPIIPNTCRQ
CPANTYLPLRGQAAIASMNLAAVSSATPCRPCEDGTWSKAGAAGCQKCPPGTYRNTWFSGQLGSPFITADGVPVATTLTE
LGSGCSQCPPGTYAPTFGMSVCLPCPAGTFASAPGATACQQCKPGTNSLMGDRTQQMALVVTNAANDFPALRAYTISGMV
AGPAYAKPIVTGPDTNFFMAGKSETCSTNLPGYYTDVDGLPIQLPCKPGTFMPFDTATANLLDTGLTVDGTQCYTCQTGT
FNDEFSQPVCKACWSGSFASKRGLPTCEIAQPGTFTNVAAAANATFNTATLIPTGLVKGAQAPTPCGMGYFQSSAETTTC
TACAVGTYADQAGLAACKPCQPGRYQNSIGQRVCKPCDMGTYSRYGGELCTKCPAGTVASKTGSSQCTPCAAGFYANAPD
SATSCRACPRGYYGPYSGAYADNLGDEFEGPRGCYKCPYDFFADRPGVRQCTACPPLDLGGGNLVEQCTEDLGSQRCKPC
SLLSKPKTARTEQSPPPPSPSPPPPPPPSPRPPSPNPPSPRPPSPAPPSPNPPPTSPPPSPPPSPPPPRPPPPPPPPPSP
PPPNRSPPPPPPASSAINPGGGVNQNGDPVGHRRAILSLMEDEDAEAAQEEQAIVDVDAEMQPQDDE
;
_entity_poly.pdbx_strand_id   A
#
# COMPACT_ATOMS: atom_id res chain seq x y z
N ALA A 43 -156.11 -56.48 42.51
CA ALA A 43 -156.76 -55.85 41.36
C ALA A 43 -155.74 -55.57 40.25
N THR A 44 -154.59 -55.03 40.64
CA THR A 44 -153.52 -54.71 39.71
C THR A 44 -152.35 -55.66 39.93
N TYR A 45 -151.92 -56.32 38.86
CA TYR A 45 -150.86 -57.30 38.91
C TYR A 45 -149.74 -56.90 37.97
N THR A 46 -148.50 -57.03 38.44
CA THR A 46 -147.31 -56.82 37.63
C THR A 46 -146.73 -58.18 37.27
N LEU A 47 -146.25 -58.31 36.04
CA LEU A 47 -145.73 -59.57 35.53
C LEU A 47 -144.39 -59.32 34.85
N THR A 48 -143.45 -60.24 35.01
CA THR A 48 -142.23 -60.23 34.23
C THR A 48 -142.03 -61.61 33.61
N LEU A 49 -141.61 -61.62 32.34
CA LEU A 49 -141.35 -62.85 31.60
C LEU A 49 -140.05 -62.69 30.83
N ASP A 50 -139.12 -63.62 31.05
CA ASP A 50 -137.79 -63.54 30.45
C ASP A 50 -137.37 -64.91 29.98
N LYS A 51 -136.34 -64.93 29.12
CA LYS A 51 -135.82 -66.16 28.56
C LYS A 51 -134.86 -66.82 29.54
N LEU A 52 -135.24 -67.99 30.05
CA LEU A 52 -134.41 -68.76 30.96
C LEU A 52 -133.42 -69.66 30.22
N GLY A 53 -133.57 -69.79 28.89
CA GLY A 53 -132.72 -70.66 28.12
C GLY A 53 -131.33 -70.12 27.90
N PRO A 54 -130.75 -70.43 26.75
CA PRO A 54 -129.37 -69.98 26.46
C PRO A 54 -129.28 -68.46 26.42
N THR A 55 -128.11 -67.95 26.80
CA THR A 55 -127.88 -66.51 26.78
C THR A 55 -128.01 -65.96 25.36
N VAL A 56 -127.43 -66.66 24.38
CA VAL A 56 -127.58 -66.26 22.98
C VAL A 56 -129.04 -66.45 22.57
N ASN A 57 -129.42 -65.77 21.49
CA ASN A 57 -130.78 -65.88 20.99
C ASN A 57 -131.02 -67.30 20.45
N PRO A 58 -132.24 -67.81 20.56
CA PRO A 58 -132.49 -69.20 20.18
C PRO A 58 -132.30 -69.44 18.68
N THR A 59 -131.90 -70.65 18.34
CA THR A 59 -131.94 -71.12 16.96
C THR A 59 -133.06 -72.16 16.81
N THR A 60 -133.11 -72.78 15.64
CA THR A 60 -134.17 -73.75 15.35
C THR A 60 -134.11 -74.95 16.28
N SER A 61 -132.90 -75.41 16.62
CA SER A 61 -132.77 -76.70 17.31
C SER A 61 -132.70 -76.54 18.83
N ASP A 62 -132.10 -75.45 19.32
CA ASP A 62 -131.80 -75.36 20.74
C ASP A 62 -133.06 -75.28 21.60
N ALA A 63 -134.08 -74.56 21.12
CA ALA A 63 -135.31 -74.27 21.87
C ALA A 63 -135.00 -73.39 23.07
N VAL A 64 -136.01 -73.03 23.85
CA VAL A 64 -135.85 -72.09 24.96
C VAL A 64 -136.68 -72.51 26.16
N THR A 65 -136.32 -71.94 27.31
CA THR A 65 -137.08 -72.03 28.54
C THR A 65 -137.35 -70.62 29.04
N PHE A 66 -138.44 -70.45 29.78
CA PHE A 66 -138.87 -69.13 30.21
C PHE A 66 -139.04 -69.09 31.73
N THR A 67 -138.84 -67.90 32.29
CA THR A 67 -139.12 -67.61 33.70
C THR A 67 -140.12 -66.47 33.76
N ALA A 68 -141.25 -66.71 34.43
CA ALA A 68 -142.29 -65.71 34.58
C ALA A 68 -142.64 -65.58 36.06
N THR A 69 -142.61 -64.35 36.57
CA THR A 69 -142.97 -64.08 37.95
C THR A 69 -144.09 -63.04 37.99
N VAL A 70 -145.07 -63.27 38.86
CA VAL A 70 -146.23 -62.41 39.00
C VAL A 70 -146.28 -61.90 40.43
N ALA A 71 -146.40 -60.57 40.59
CA ALA A 71 -146.51 -59.95 41.90
C ALA A 71 -147.75 -59.07 41.92
N SER A 72 -148.51 -59.15 43.02
CA SER A 72 -149.72 -58.34 43.19
C SER A 72 -149.69 -57.68 44.56
N PRO A 73 -149.19 -56.44 44.66
CA PRO A 73 -149.15 -55.78 45.97
C PRO A 73 -150.53 -55.55 46.57
N ASP A 74 -151.56 -55.36 45.72
CA ASP A 74 -152.87 -55.00 46.23
C ASP A 74 -153.55 -56.17 46.93
N SER A 75 -153.51 -57.36 46.31
CA SER A 75 -154.21 -58.51 46.86
C SER A 75 -153.43 -59.78 46.54
N THR A 76 -153.65 -60.81 47.35
CA THR A 76 -153.00 -62.11 47.18
C THR A 76 -154.09 -63.17 47.08
N THR A 77 -154.57 -63.39 45.85
CA THR A 77 -155.57 -64.42 45.58
C THR A 77 -155.09 -65.29 44.43
N ALA A 78 -155.44 -66.58 44.50
CA ALA A 78 -154.98 -67.52 43.49
C ALA A 78 -155.56 -67.19 42.12
N VAL A 79 -154.69 -67.14 41.12
CA VAL A 79 -155.09 -66.90 39.74
C VAL A 79 -154.39 -67.94 38.86
N PHE A 80 -154.97 -68.16 37.68
CA PHE A 80 -154.50 -69.20 36.76
C PHE A 80 -153.86 -68.55 35.55
N PHE A 81 -152.63 -68.94 35.23
CA PHE A 81 -151.87 -68.32 34.16
C PHE A 81 -151.79 -69.26 32.96
N THR A 82 -151.85 -68.68 31.77
CA THR A 82 -151.71 -69.41 30.51
C THR A 82 -150.65 -68.75 29.66
N LEU A 83 -149.98 -69.53 28.82
CA LEU A 83 -148.88 -69.06 27.99
C LEU A 83 -149.19 -69.36 26.53
N ASP A 84 -149.03 -68.35 25.68
CA ASP A 84 -149.19 -68.49 24.24
C ASP A 84 -147.89 -68.11 23.56
N TYR A 85 -147.49 -68.90 22.56
CA TYR A 85 -146.23 -68.67 21.89
C TYR A 85 -146.45 -67.96 20.56
N GLY A 86 -145.33 -67.62 19.90
CA GLY A 86 -145.43 -66.97 18.60
C GLY A 86 -146.13 -67.83 17.56
N ASP A 87 -145.87 -69.13 17.60
CA ASP A 87 -146.55 -70.10 16.74
C ASP A 87 -147.56 -70.87 17.59
N GLY A 88 -148.85 -70.58 17.38
CA GLY A 88 -149.87 -71.17 18.23
C GLY A 88 -150.13 -72.62 17.91
N VAL A 89 -149.75 -73.07 16.72
CA VAL A 89 -149.98 -74.46 16.32
C VAL A 89 -149.14 -75.41 17.18
N THR A 90 -147.93 -75.00 17.56
CA THR A 90 -147.02 -75.90 18.26
C THR A 90 -147.56 -76.34 19.61
N ALA A 91 -148.13 -75.40 20.38
CA ALA A 91 -148.58 -75.75 21.71
C ALA A 91 -149.70 -74.81 22.14
N GLU A 92 -150.57 -75.31 23.02
CA GLU A 92 -151.65 -74.55 23.63
C GLU A 92 -151.67 -74.86 25.13
N THR A 93 -150.94 -74.07 25.90
CA THR A 93 -150.79 -74.35 27.33
C THR A 93 -152.11 -74.12 28.07
N THR A 94 -152.34 -74.92 29.10
CA THR A 94 -153.53 -74.79 29.92
C THR A 94 -153.25 -73.94 31.16
N ARG A 95 -154.32 -73.40 31.74
CA ARG A 95 -154.20 -72.55 32.92
C ARG A 95 -153.76 -73.37 34.14
N THR A 96 -152.85 -72.81 34.92
CA THR A 96 -152.33 -73.44 36.11
C THR A 96 -152.28 -72.43 37.26
N THR A 97 -152.46 -72.94 38.48
CA THR A 97 -152.60 -72.07 39.64
C THR A 97 -151.29 -71.40 40.02
N THR A 98 -151.40 -70.35 40.82
CA THR A 98 -150.26 -69.59 41.33
C THR A 98 -150.32 -69.57 42.86
N GLY A 99 -149.20 -69.25 43.49
CA GLY A 99 -149.09 -69.36 44.92
C GLY A 99 -148.68 -68.06 45.59
N ALA A 100 -149.65 -67.47 46.30
CA ALA A 100 -149.45 -66.47 47.34
C ALA A 100 -149.03 -65.10 46.82
N LEU A 101 -148.74 -65.00 45.52
CA LEU A 101 -148.52 -63.73 44.79
C LEU A 101 -147.76 -62.74 45.67
N SER A 102 -148.40 -61.67 46.14
CA SER A 102 -147.83 -60.68 47.06
C SER A 102 -146.75 -59.83 46.39
N THR A 103 -146.11 -58.94 47.15
CA THR A 103 -145.10 -58.06 46.57
C THR A 103 -143.85 -58.83 46.18
N THR A 104 -143.46 -59.80 46.99
CA THR A 104 -142.28 -60.60 46.69
C THR A 104 -142.52 -61.43 45.43
N PRO A 105 -141.57 -61.45 44.50
CA PRO A 105 -141.75 -62.26 43.28
C PRO A 105 -141.84 -63.73 43.62
N THR A 106 -142.67 -64.45 42.86
CA THR A 106 -142.90 -65.87 43.06
C THR A 106 -142.53 -66.62 41.78
N ALA A 107 -141.75 -67.68 41.93
CA ALA A 107 -141.39 -68.50 40.77
C ALA A 107 -142.61 -69.22 40.23
N ASN A 108 -142.71 -69.30 38.91
CA ASN A 108 -143.87 -69.87 38.25
C ASN A 108 -143.46 -70.33 36.85
N LEU A 109 -144.43 -70.91 36.14
CA LEU A 109 -144.30 -71.30 34.72
C LEU A 109 -143.20 -72.37 34.65
N VAL A 110 -142.16 -72.18 33.83
CA VAL A 110 -141.20 -73.26 33.59
C VAL A 110 -140.22 -73.35 34.75
N SER A 111 -140.37 -74.39 35.56
CA SER A 111 -139.36 -74.77 36.55
C SER A 111 -138.84 -76.15 36.20
N ALA A 112 -139.76 -77.09 35.99
CA ALA A 112 -139.46 -78.42 35.48
C ALA A 112 -140.52 -78.92 34.51
N GLY A 113 -141.45 -78.06 34.10
CA GLY A 113 -142.54 -78.49 33.26
C GLY A 113 -142.15 -78.58 31.79
N THR A 114 -143.15 -78.88 30.96
CA THR A 114 -142.95 -79.07 29.53
C THR A 114 -143.51 -77.92 28.70
N TYR A 115 -143.63 -76.72 29.27
CA TYR A 115 -144.08 -75.57 28.49
C TYR A 115 -143.07 -75.20 27.41
N THR A 116 -141.83 -75.69 27.55
CA THR A 116 -140.80 -75.40 26.57
C THR A 116 -141.13 -76.06 25.23
N VAL A 117 -141.07 -75.26 24.16
CA VAL A 117 -141.42 -75.72 22.82
C VAL A 117 -140.31 -75.29 21.87
N THR A 118 -139.88 -76.22 21.01
CA THR A 118 -138.91 -75.88 19.98
C THR A 118 -139.56 -75.03 18.90
N TYR A 119 -138.76 -74.20 18.25
CA TYR A 119 -139.22 -73.30 17.20
C TYR A 119 -138.67 -73.77 15.86
N ALA A 120 -139.56 -73.95 14.88
CA ALA A 120 -139.17 -74.38 13.55
C ALA A 120 -138.90 -73.18 12.64
N SER A 121 -139.85 -72.25 12.56
CA SER A 121 -139.66 -71.07 11.74
C SER A 121 -138.62 -70.15 12.37
N ILE A 122 -137.97 -69.37 11.52
CA ILE A 122 -136.92 -68.43 11.94
C ILE A 122 -137.48 -67.02 11.81
N GLY A 123 -137.52 -66.31 12.93
CA GLY A 123 -138.04 -64.96 12.93
C GLY A 123 -138.36 -64.51 14.35
N THR A 124 -138.91 -63.31 14.43
CA THR A 124 -139.30 -62.76 15.72
C THR A 124 -140.63 -63.35 16.17
N LYS A 125 -140.66 -63.84 17.40
CA LYS A 125 -141.86 -64.43 17.99
C LYS A 125 -142.28 -63.59 19.19
N PHE A 126 -143.57 -63.60 19.49
CA PHE A 126 -144.11 -62.90 20.64
C PHE A 126 -144.77 -63.90 21.58
N VAL A 127 -144.35 -63.90 22.84
CA VAL A 127 -144.87 -64.82 23.85
C VAL A 127 -145.72 -64.01 24.83
N THR A 128 -146.93 -64.51 25.10
CA THR A 128 -147.91 -63.81 25.92
C THR A 128 -148.28 -64.64 27.13
N LEU A 129 -148.17 -64.03 28.31
CA LEU A 129 -148.61 -64.64 29.56
C LEU A 129 -149.87 -63.93 30.03
N ARG A 130 -150.95 -64.68 30.22
CA ARG A 130 -152.25 -64.12 30.55
C ARG A 130 -152.75 -64.71 31.86
N LEU A 131 -153.40 -63.88 32.68
CA LEU A 131 -153.91 -64.31 33.97
C LEU A 131 -155.43 -64.28 33.96
N TYR A 132 -156.05 -65.37 34.42
CA TYR A 132 -157.49 -65.47 34.55
C TYR A 132 -157.85 -65.73 36.01
N ASP A 133 -158.89 -65.05 36.49
CA ASP A 133 -159.35 -65.24 37.86
C ASP A 133 -159.96 -66.62 38.04
N SER A 134 -160.66 -67.12 37.02
CA SER A 134 -161.32 -68.41 37.07
C SER A 134 -160.89 -69.24 35.87
N ALA A 135 -161.03 -70.57 36.01
CA ALA A 135 -160.61 -71.49 34.96
C ALA A 135 -161.70 -71.80 33.94
N VAL A 136 -162.96 -71.50 34.25
CA VAL A 136 -164.05 -71.76 33.31
C VAL A 136 -163.95 -70.77 32.15
N ALA A 137 -164.13 -71.28 30.93
CA ALA A 137 -164.07 -70.43 29.76
C ALA A 137 -165.25 -69.48 29.71
N PRO A 138 -165.03 -68.22 29.30
CA PRO A 138 -163.74 -67.62 28.92
C PRO A 138 -162.96 -67.13 30.13
N GLY A 139 -163.64 -66.69 31.19
CA GLY A 139 -162.97 -66.18 32.36
C GLY A 139 -162.76 -64.68 32.33
N VAL A 140 -162.21 -64.18 33.42
CA VAL A 140 -161.92 -62.75 33.58
C VAL A 140 -160.40 -62.59 33.51
N LEU A 141 -159.93 -61.87 32.50
CA LEU A 141 -158.50 -61.68 32.28
C LEU A 141 -158.03 -60.46 33.06
N LEU A 142 -157.28 -60.70 34.14
CA LEU A 142 -156.82 -59.59 34.96
C LEU A 142 -155.67 -58.83 34.29
N ALA A 143 -154.71 -59.54 33.72
CA ALA A 143 -153.56 -58.89 33.12
C ALA A 143 -152.88 -59.83 32.12
N SER A 144 -152.37 -59.24 31.05
CA SER A 144 -151.61 -59.96 30.04
C SER A 144 -150.32 -59.21 29.75
N LYS A 145 -149.25 -59.96 29.51
CA LYS A 145 -147.95 -59.39 29.20
C LYS A 145 -147.39 -60.05 27.95
N THR A 146 -146.80 -59.24 27.06
CA THR A 146 -146.23 -59.71 25.81
C THR A 146 -144.74 -59.42 25.80
N VAL A 147 -143.94 -60.42 25.43
CA VAL A 147 -142.49 -60.30 25.38
C VAL A 147 -142.03 -60.76 24.00
N PRO A 148 -141.23 -59.96 23.29
CA PRO A 148 -140.70 -60.42 22.01
C PRO A 148 -139.35 -61.13 22.15
N ILE A 149 -139.19 -62.23 21.42
CA ILE A 149 -137.94 -62.97 21.38
C ILE A 149 -137.52 -63.10 19.92
N TYR A 150 -136.21 -63.17 19.69
CA TYR A 150 -135.65 -63.23 18.34
C TYR A 150 -135.02 -64.60 18.12
N VAL A 151 -135.43 -65.28 17.06
CA VAL A 151 -134.92 -66.61 16.72
C VAL A 151 -133.99 -66.46 15.53
N GLU A 152 -132.75 -66.92 15.69
CA GLU A 152 -131.76 -66.80 14.63
C GLU A 152 -131.72 -68.07 13.78
N ASP A 153 -130.75 -68.10 12.87
CA ASP A 153 -130.61 -69.18 11.88
C ASP A 153 -129.35 -69.97 12.18
N SER A 154 -129.51 -71.29 12.32
CA SER A 154 -128.35 -72.15 12.58
C SER A 154 -127.47 -72.28 11.35
N THR A 155 -128.07 -72.27 10.16
CA THR A 155 -127.29 -72.40 8.93
C THR A 155 -126.33 -71.23 8.77
N LEU A 156 -126.76 -70.02 9.14
CA LEU A 156 -125.90 -68.86 9.01
C LEU A 156 -124.77 -68.90 10.03
N THR A 157 -123.58 -68.52 9.60
CA THR A 157 -122.43 -68.37 10.47
C THR A 157 -121.84 -66.98 10.27
N ALA A 158 -121.66 -66.25 11.36
CA ALA A 158 -121.09 -64.91 11.33
C ALA A 158 -119.92 -64.82 12.29
N THR A 159 -118.81 -64.29 11.81
CA THR A 159 -117.62 -64.13 12.63
C THR A 159 -117.06 -62.71 12.44
N LEU A 160 -116.45 -62.19 13.50
CA LEU A 160 -115.87 -60.86 13.51
C LEU A 160 -114.37 -60.98 13.76
N LEU A 161 -113.58 -60.26 12.97
CA LEU A 161 -112.13 -60.29 13.07
C LEU A 161 -111.62 -58.87 13.34
N GLN A 162 -110.72 -58.75 14.32
CA GLN A 162 -110.07 -57.48 14.62
C GLN A 162 -108.59 -57.62 14.29
N SER A 163 -108.08 -56.69 13.47
CA SER A 163 -106.68 -56.76 13.07
C SER A 163 -105.75 -56.34 14.19
N GLY A 164 -105.78 -55.06 14.56
CA GLY A 164 -104.84 -54.54 15.52
C GLY A 164 -105.49 -54.30 16.86
N VAL A 165 -104.67 -53.85 17.81
CA VAL A 165 -105.20 -53.49 19.12
C VAL A 165 -105.85 -52.12 19.04
N PRO A 166 -107.10 -51.96 19.49
CA PRO A 166 -107.78 -50.66 19.38
C PRO A 166 -107.13 -49.54 20.19
N ARG A 167 -107.36 -48.32 19.71
CA ARG A 167 -106.84 -47.09 20.30
C ARG A 167 -107.98 -46.27 20.89
N LEU A 168 -107.72 -45.67 22.05
CA LEU A 168 -108.57 -44.61 22.55
C LEU A 168 -108.47 -43.39 21.65
N ASN A 169 -109.55 -42.62 21.55
CA ASN A 169 -109.43 -41.24 21.07
C ASN A 169 -108.94 -41.15 19.63
N LEU A 170 -108.53 -42.29 19.07
CA LEU A 170 -107.92 -42.31 17.76
C LEU A 170 -108.63 -43.33 16.88
N ALA A 171 -108.84 -42.97 15.62
CA ALA A 171 -109.58 -43.84 14.72
C ALA A 171 -108.91 -45.21 14.63
N PHE A 172 -109.61 -46.23 15.09
CA PHE A 172 -109.19 -47.62 14.96
C PHE A 172 -110.18 -48.34 14.07
N SER A 173 -109.75 -48.64 12.84
CA SER A 173 -110.64 -49.21 11.82
C SER A 173 -110.24 -50.62 11.40
N GLY A 174 -109.60 -51.38 12.28
CA GLY A 174 -109.21 -52.74 11.96
C GLY A 174 -110.29 -53.77 12.24
N PHE A 175 -111.39 -53.72 11.49
CA PHE A 175 -112.51 -54.64 11.67
C PHE A 175 -112.87 -55.27 10.35
N LYS A 176 -113.20 -56.56 10.37
CA LYS A 176 -113.70 -57.28 9.21
C LYS A 176 -114.76 -58.28 9.65
N GLY A 177 -115.66 -58.62 8.74
CA GLY A 177 -116.70 -59.58 9.05
C GLY A 177 -116.80 -60.69 8.02
N ARG A 178 -116.93 -61.93 8.48
CA ARG A 178 -117.02 -63.10 7.62
C ARG A 178 -118.38 -63.73 7.79
N VAL A 179 -119.06 -63.97 6.67
CA VAL A 179 -120.37 -64.62 6.65
C VAL A 179 -120.30 -65.83 5.72
N SER A 180 -120.80 -66.97 6.20
CA SER A 180 -120.80 -68.22 5.44
C SER A 180 -122.14 -68.93 5.64
N SER A 181 -123.08 -68.65 4.73
CA SER A 181 -124.39 -69.27 4.81
C SER A 181 -124.36 -70.69 4.26
N SER A 182 -125.06 -71.60 4.94
CA SER A 182 -125.11 -72.99 4.48
C SER A 182 -125.99 -73.12 3.24
N THR A 183 -127.01 -72.27 3.11
CA THR A 183 -127.87 -72.31 1.95
C THR A 183 -127.10 -71.94 0.69
N ALA A 184 -127.45 -72.59 -0.43
CA ALA A 184 -126.76 -72.35 -1.68
C ALA A 184 -126.94 -70.91 -2.15
N ASN A 185 -128.17 -70.38 -2.03
CA ASN A 185 -128.50 -69.02 -2.48
C ASN A 185 -129.07 -68.25 -1.28
N ARG A 186 -128.27 -67.35 -0.72
CA ARG A 186 -128.71 -66.56 0.41
C ARG A 186 -129.01 -65.13 -0.03
N ALA A 187 -130.06 -64.55 0.55
CA ALA A 187 -130.54 -63.24 0.12
C ALA A 187 -129.63 -62.12 0.62
N ASP A 188 -129.97 -60.90 0.22
CA ASP A 188 -129.23 -59.72 0.68
C ASP A 188 -129.38 -59.56 2.18
N MET A 189 -128.45 -58.83 2.79
CA MET A 189 -128.22 -58.90 4.22
C MET A 189 -127.64 -57.57 4.71
N TRP A 190 -127.84 -57.25 5.98
CA TRP A 190 -127.37 -55.99 6.56
C TRP A 190 -126.82 -56.22 7.96
N ALA A 191 -125.60 -55.78 8.21
CA ALA A 191 -124.91 -56.04 9.46
C ALA A 191 -124.73 -54.76 10.27
N THR A 192 -124.86 -54.87 11.59
CA THR A 192 -124.64 -53.76 12.51
C THR A 192 -123.69 -54.22 13.63
N ILE A 193 -122.78 -53.34 14.02
CA ILE A 193 -121.80 -53.65 15.06
C ILE A 193 -122.05 -52.76 16.26
N GLN A 194 -122.20 -53.36 17.44
CA GLN A 194 -122.38 -52.65 18.69
C GLN A 194 -121.13 -52.86 19.55
N LEU A 195 -120.41 -51.78 19.82
CA LEU A 195 -119.11 -51.91 20.48
C LEU A 195 -119.27 -52.42 21.91
N ASP A 196 -120.27 -51.92 22.64
CA ASP A 196 -120.46 -52.28 24.04
C ASP A 196 -121.93 -52.55 24.31
N THR A 197 -122.19 -53.35 25.33
CA THR A 197 -123.53 -53.65 25.78
C THR A 197 -124.07 -52.66 26.80
N ALA A 198 -123.30 -51.61 27.11
CA ALA A 198 -123.74 -50.61 28.06
C ALA A 198 -124.96 -49.86 27.52
N PRO A 199 -125.87 -49.43 28.41
CA PRO A 199 -127.05 -48.68 27.93
C PRO A 199 -126.68 -47.38 27.22
N GLY A 200 -125.60 -46.73 27.62
CA GLY A 200 -125.20 -45.50 26.97
C GLY A 200 -124.82 -45.70 25.51
N VAL A 201 -124.13 -46.80 25.21
CA VAL A 201 -123.73 -47.08 23.84
C VAL A 201 -124.94 -47.49 23.03
N PHE A 202 -124.95 -47.12 21.74
CA PHE A 202 -126.05 -47.40 20.84
C PHE A 202 -125.56 -48.19 19.63
N GLU A 203 -126.47 -48.96 19.05
CA GLU A 203 -126.12 -49.79 17.90
C GLU A 203 -125.82 -48.92 16.69
N SER A 204 -124.86 -49.36 15.88
CA SER A 204 -124.47 -48.61 14.70
C SER A 204 -125.48 -48.80 13.57
N SER A 205 -125.34 -48.00 12.53
CA SER A 205 -126.25 -48.05 11.39
C SER A 205 -126.04 -49.32 10.57
N ARG A 206 -127.03 -49.63 9.73
CA ARG A 206 -126.96 -50.81 8.89
C ARG A 206 -125.86 -50.68 7.85
N ILE A 207 -125.13 -51.78 7.62
CA ILE A 207 -124.08 -51.84 6.62
C ILE A 207 -124.41 -52.94 5.63
N PHE A 208 -124.40 -52.59 4.34
CA PHE A 208 -124.68 -53.53 3.26
C PHE A 208 -123.42 -54.34 2.98
N ILE A 209 -123.39 -55.58 3.45
CA ILE A 209 -122.18 -56.39 3.30
C ILE A 209 -122.11 -57.01 1.92
N GLY A 210 -123.24 -57.36 1.33
CA GLY A 210 -123.29 -57.94 0.00
C GLY A 210 -124.37 -59.01 -0.12
N ILE A 211 -124.54 -59.47 -1.36
CA ILE A 211 -125.57 -60.46 -1.67
C ILE A 211 -125.19 -61.83 -1.11
N ALA A 212 -123.92 -62.22 -1.28
CA ALA A 212 -123.45 -63.57 -0.97
C ALA A 212 -124.27 -64.62 -1.72
N PRO A 213 -124.23 -64.63 -3.06
CA PRO A 213 -125.18 -65.45 -3.81
C PRO A 213 -124.82 -66.92 -3.91
N THR A 214 -123.54 -67.25 -4.01
CA THR A 214 -123.11 -68.59 -4.41
C THR A 214 -122.38 -69.31 -3.29
N ALA A 215 -122.70 -70.59 -3.11
CA ALA A 215 -121.95 -71.53 -2.27
C ALA A 215 -121.93 -71.13 -0.80
N SER A 216 -121.13 -71.83 -0.01
CA SER A 216 -120.96 -71.56 1.40
C SER A 216 -119.61 -70.95 1.73
N THR A 217 -118.87 -70.51 0.72
CA THR A 217 -117.56 -69.90 0.96
C THR A 217 -117.71 -68.60 1.74
N ASN A 218 -116.69 -68.29 2.53
CA ASN A 218 -116.74 -67.10 3.38
C ASN A 218 -116.74 -65.83 2.53
N TYR A 219 -117.60 -64.90 2.92
CA TYR A 219 -117.67 -63.56 2.32
C TYR A 219 -117.21 -62.55 3.35
N ASP A 220 -116.26 -61.71 2.98
CA ASP A 220 -115.63 -60.76 3.89
C ASP A 220 -116.06 -59.35 3.55
N PHE A 221 -116.51 -58.60 4.56
CA PHE A 221 -116.94 -57.22 4.40
C PHE A 221 -116.19 -56.34 5.39
N VAL A 222 -115.87 -55.11 4.97
CA VAL A 222 -115.09 -54.19 5.77
C VAL A 222 -116.05 -53.32 6.58
N ILE A 223 -115.77 -53.18 7.88
CA ILE A 223 -116.56 -52.35 8.78
C ILE A 223 -115.87 -51.00 8.95
N PRO A 224 -116.60 -49.89 8.92
CA PRO A 224 -115.95 -48.58 9.01
C PRO A 224 -115.30 -48.33 10.36
N ASP A 225 -114.61 -47.20 10.45
CA ASP A 225 -113.88 -46.83 11.65
C ASP A 225 -114.83 -46.55 12.82
N GLN A 226 -114.41 -46.92 14.02
CA GLN A 226 -115.13 -46.63 15.25
C GLN A 226 -114.13 -46.31 16.36
N VAL A 227 -114.33 -45.17 17.01
CA VAL A 227 -113.43 -44.71 18.06
C VAL A 227 -113.91 -45.27 19.39
N TYR A 228 -113.08 -46.11 20.01
CA TYR A 228 -113.35 -46.71 21.31
C TYR A 228 -112.91 -45.72 22.39
N ASN A 229 -113.73 -45.58 23.43
CA ASN A 229 -113.57 -44.50 24.40
C ASN A 229 -113.37 -44.99 25.83
N LEU A 230 -113.15 -46.29 26.07
CA LEU A 230 -113.26 -46.80 27.44
C LEU A 230 -111.88 -47.17 28.02
N GLU A 231 -110.95 -47.59 27.17
CA GLU A 231 -109.66 -48.18 27.60
C GLU A 231 -109.85 -49.36 28.56
N GLY A 232 -111.07 -49.92 28.55
CA GLY A 232 -111.34 -51.13 29.30
C GLY A 232 -111.76 -52.24 28.37
N ALA A 233 -112.02 -53.41 28.96
CA ALA A 233 -112.48 -54.56 28.18
C ALA A 233 -113.86 -54.30 27.60
N LYS A 234 -114.05 -54.66 26.33
CA LYS A 234 -115.31 -54.47 25.64
C LYS A 234 -115.81 -55.80 25.12
N THR A 235 -117.14 -55.91 24.99
CA THR A 235 -117.80 -57.08 24.43
C THR A 235 -118.52 -56.64 23.15
N THR A 236 -117.78 -56.64 22.04
CA THR A 236 -118.34 -56.20 20.77
C THR A 236 -119.28 -57.28 20.21
N VAL A 237 -120.47 -56.87 19.79
CA VAL A 237 -121.49 -57.77 19.31
C VAL A 237 -121.79 -57.43 17.85
N LEU A 238 -121.80 -58.46 16.99
CA LEU A 238 -122.17 -58.29 15.59
C LEU A 238 -123.57 -58.86 15.39
N ARG A 239 -124.46 -58.07 14.80
CA ARG A 239 -125.84 -58.46 14.60
C ARG A 239 -126.17 -58.42 13.11
N ILE A 240 -127.01 -59.35 12.67
CA ILE A 240 -127.34 -59.51 11.26
C ILE A 240 -128.85 -59.36 11.10
N TYR A 241 -129.27 -58.60 10.09
CA TYR A 241 -130.67 -58.37 9.78
C TYR A 241 -130.94 -58.72 8.32
N ASP A 242 -132.11 -59.33 8.09
CA ASP A 242 -132.49 -59.66 6.72
C ASP A 242 -132.89 -58.41 5.95
N ALA A 243 -133.57 -57.48 6.61
CA ALA A 243 -134.06 -56.25 6.00
C ALA A 243 -133.38 -55.06 6.62
N PRO A 244 -133.21 -53.96 5.86
CA PRO A 244 -132.58 -52.77 6.44
C PRO A 244 -133.32 -52.19 7.62
N VAL A 245 -134.65 -52.28 7.62
CA VAL A 245 -135.49 -51.73 8.68
C VAL A 245 -136.25 -52.86 9.33
N GLY A 246 -136.12 -52.99 10.66
CA GLY A 246 -136.82 -54.04 11.38
C GLY A 246 -136.42 -55.42 10.87
N GLY A 247 -137.43 -56.25 10.65
CA GLY A 247 -137.20 -57.58 10.10
C GLY A 247 -136.71 -58.57 11.13
N THR A 248 -136.55 -59.81 10.66
CA THR A 248 -136.06 -60.88 11.52
C THR A 248 -134.57 -60.74 11.79
N LEU A 249 -134.12 -61.35 12.88
CA LEU A 249 -132.72 -61.36 13.27
C LEU A 249 -132.11 -62.68 12.81
N LEU A 250 -131.01 -62.60 12.06
CA LEU A 250 -130.47 -63.80 11.42
C LEU A 250 -129.35 -64.41 12.25
N ARG A 251 -128.44 -63.61 12.77
CA ARG A 251 -127.30 -64.15 13.51
C ARG A 251 -126.72 -63.07 14.41
N THR A 252 -126.08 -63.53 15.49
CA THR A 252 -125.30 -62.67 16.36
C THR A 252 -123.94 -63.33 16.59
N PHE A 253 -122.92 -62.50 16.82
CA PHE A 253 -121.59 -62.95 17.14
C PHE A 253 -121.08 -62.19 18.36
N THR A 254 -120.52 -62.94 19.31
CA THR A 254 -120.10 -62.47 20.62
C THR A 254 -118.63 -62.79 20.80
N PRO A 255 -117.94 -62.09 21.71
CA PRO A 255 -116.51 -62.38 21.92
C PRO A 255 -116.22 -63.83 22.27
N ALA A 256 -117.07 -64.47 23.07
CA ALA A 256 -116.97 -65.92 23.32
C ALA A 256 -115.62 -66.30 23.92
N ALA A 257 -115.40 -65.91 25.19
CA ALA A 257 -114.25 -66.35 25.97
C ALA A 257 -112.90 -65.89 25.39
N ALA A 258 -112.62 -64.60 25.48
CA ALA A 258 -111.34 -63.93 25.27
C ALA A 258 -111.01 -63.58 23.82
N ASN A 259 -111.96 -63.66 22.89
CA ASN A 259 -111.80 -63.01 21.59
C ASN A 259 -112.34 -61.59 21.61
N ALA A 260 -112.40 -60.96 22.78
CA ALA A 260 -113.06 -59.66 22.92
C ALA A 260 -112.16 -58.52 22.45
N VAL A 261 -112.80 -57.46 21.97
CA VAL A 261 -112.07 -56.24 21.64
C VAL A 261 -111.61 -55.57 22.92
N TYR A 262 -110.30 -55.34 23.04
CA TYR A 262 -109.73 -54.65 24.18
C TYR A 262 -109.21 -53.29 23.73
N VAL A 263 -109.85 -52.24 24.19
CA VAL A 263 -109.39 -50.88 23.90
C VAL A 263 -108.07 -50.66 24.64
N VAL A 264 -107.11 -50.07 23.95
CA VAL A 264 -105.84 -49.66 24.54
C VAL A 264 -105.67 -48.16 24.38
N ASP A 265 -105.44 -47.46 25.51
CA ASP A 265 -105.08 -46.04 25.55
C ASP A 265 -103.61 -45.86 25.26
N PRO A 266 -103.25 -45.03 24.27
CA PRO A 266 -101.83 -44.77 24.01
C PRO A 266 -101.12 -43.97 25.09
N SER A 267 -101.87 -43.30 25.99
CA SER A 267 -101.24 -42.39 26.93
C SER A 267 -100.68 -43.14 28.14
N LYS A 268 -101.29 -44.27 28.50
CA LYS A 268 -100.79 -45.03 29.65
C LYS A 268 -99.42 -45.65 29.35
N TYR A 269 -99.17 -46.01 28.08
CA TYR A 269 -97.90 -46.62 27.72
C TYR A 269 -96.75 -45.64 27.84
N VAL A 270 -95.74 -46.02 28.62
CA VAL A 270 -94.43 -45.39 28.61
C VAL A 270 -93.40 -46.51 28.59
N LEU A 271 -92.53 -46.50 27.58
CA LEU A 271 -91.44 -47.47 27.50
C LEU A 271 -90.14 -46.69 27.56
N THR A 272 -89.14 -47.25 28.25
CA THR A 272 -87.83 -46.62 28.39
C THR A 272 -86.89 -47.27 27.39
N LEU A 273 -86.02 -46.46 26.78
CA LEU A 273 -85.11 -46.98 25.77
C LEU A 273 -83.68 -47.06 26.30
N THR A 274 -83.19 -45.97 26.89
CA THR A 274 -81.83 -45.86 27.47
C THR A 274 -80.78 -46.60 26.63
N VAL A 275 -80.68 -46.20 25.36
CA VAL A 275 -79.84 -46.88 24.39
C VAL A 275 -78.48 -46.19 24.32
N GLY A 276 -77.57 -46.61 25.20
CA GLY A 276 -76.19 -46.19 25.15
C GLY A 276 -75.97 -44.71 25.26
N PRO A 277 -74.90 -44.21 24.66
CA PRO A 277 -74.58 -42.79 24.73
C PRO A 277 -75.19 -41.98 23.59
N THR A 278 -75.24 -40.65 23.76
CA THR A 278 -75.93 -39.81 22.78
C THR A 278 -74.95 -39.09 21.88
N SER A 279 -73.84 -38.60 22.42
CA SER A 279 -72.90 -37.78 21.66
C SER A 279 -71.75 -38.57 21.08
N VAL A 280 -71.78 -39.91 21.18
CA VAL A 280 -70.71 -40.71 20.60
C VAL A 280 -70.74 -40.59 19.08
N THR A 281 -69.56 -40.67 18.48
CA THR A 281 -69.41 -40.40 17.06
C THR A 281 -69.64 -41.67 16.24
N THR A 282 -69.33 -41.57 14.94
CA THR A 282 -69.47 -42.72 14.05
C THR A 282 -68.46 -43.82 14.39
N ALA A 283 -67.38 -43.45 15.10
CA ALA A 283 -66.39 -44.42 15.49
C ALA A 283 -66.92 -45.37 16.56
N ASP A 284 -67.62 -44.83 17.56
CA ASP A 284 -68.05 -45.62 18.70
C ASP A 284 -69.29 -46.43 18.36
N GLN A 285 -69.37 -47.62 18.98
CA GLN A 285 -70.48 -48.54 18.78
C GLN A 285 -71.50 -48.33 19.90
N VAL A 286 -72.71 -47.93 19.53
CA VAL A 286 -73.76 -47.78 20.53
C VAL A 286 -74.30 -49.15 20.90
N THR A 287 -74.57 -49.34 22.19
CA THR A 287 -74.99 -50.62 22.73
C THR A 287 -76.45 -50.55 23.16
N PHE A 288 -77.29 -51.36 22.52
CA PHE A 288 -78.67 -51.58 22.92
C PHE A 288 -78.66 -52.70 23.95
N THR A 289 -78.98 -52.36 25.19
CA THR A 289 -79.10 -53.32 26.28
C THR A 289 -80.57 -53.62 26.48
N GLN A 290 -81.04 -54.70 25.86
CA GLN A 290 -82.48 -54.99 25.85
C GLN A 290 -82.97 -55.36 27.25
N THR A 291 -82.09 -55.91 28.09
CA THR A 291 -82.50 -56.24 29.45
C THR A 291 -82.85 -54.99 30.24
N THR A 292 -82.08 -53.92 30.08
CA THR A 292 -82.31 -52.70 30.86
C THR A 292 -83.63 -52.03 30.47
N THR A 293 -83.98 -52.05 29.18
CA THR A 293 -85.22 -51.45 28.75
C THR A 293 -86.41 -52.16 29.36
N GLU A 294 -87.41 -51.38 29.77
CA GLU A 294 -88.61 -51.91 30.39
C GLU A 294 -89.84 -51.38 29.66
N VAL A 295 -90.78 -52.27 29.36
CA VAL A 295 -92.03 -51.92 28.69
C VAL A 295 -93.18 -52.32 29.62
N SER A 296 -94.12 -51.39 29.81
CA SER A 296 -95.29 -51.63 30.65
C SER A 296 -96.43 -50.74 30.16
N TYR A 297 -97.66 -51.20 30.40
CA TYR A 297 -98.81 -50.43 29.95
C TYR A 297 -99.29 -49.47 31.03
N SER A 298 -99.24 -49.89 32.29
CA SER A 298 -99.68 -49.05 33.41
C SER A 298 -101.13 -48.60 33.24
N ALA A 299 -101.96 -49.47 32.67
CA ALA A 299 -103.39 -49.21 32.54
C ALA A 299 -104.23 -50.24 33.28
N SER A 300 -103.99 -51.52 33.04
CA SER A 300 -104.75 -52.58 33.70
C SER A 300 -103.90 -53.84 33.75
N ALA A 301 -104.31 -54.76 34.63
CA ALA A 301 -103.58 -56.02 34.78
C ALA A 301 -103.66 -56.86 33.51
N THR A 302 -104.83 -56.94 32.90
CA THR A 302 -105.04 -57.69 31.67
C THR A 302 -105.15 -56.72 30.51
N SER A 303 -104.32 -56.91 29.50
CA SER A 303 -104.30 -56.06 28.32
C SER A 303 -103.69 -56.85 27.17
N PRO A 304 -104.04 -56.53 25.92
CA PRO A 304 -103.47 -57.27 24.79
C PRO A 304 -101.98 -57.03 24.67
N ILE A 305 -101.27 -58.07 24.23
CA ILE A 305 -99.83 -58.02 24.03
C ILE A 305 -99.56 -57.54 22.61
N LEU A 306 -98.52 -56.73 22.45
CA LEU A 306 -98.07 -56.29 21.15
C LEU A 306 -96.57 -56.54 21.02
N GLN A 307 -96.18 -57.30 20.01
CA GLN A 307 -94.77 -57.54 19.74
C GLN A 307 -94.10 -56.24 19.34
N TRP A 308 -92.91 -55.99 19.89
CA TRP A 308 -92.27 -54.69 19.71
C TRP A 308 -91.43 -54.71 18.43
N ARG A 309 -91.06 -53.52 17.97
CA ARG A 309 -90.16 -53.36 16.84
C ARG A 309 -89.47 -52.01 16.98
N PHE A 310 -88.14 -52.02 16.81
CA PHE A 310 -87.30 -50.88 17.15
C PHE A 310 -86.49 -50.45 15.94
N ASN A 311 -86.21 -49.15 15.86
CA ASN A 311 -85.65 -48.54 14.67
C ASN A 311 -84.25 -48.00 14.96
N TRP A 312 -83.31 -48.36 14.09
CA TRP A 312 -82.04 -47.65 13.96
C TRP A 312 -82.20 -46.26 13.36
N ASP A 313 -83.25 -46.04 12.57
CA ASP A 313 -83.33 -44.93 11.62
C ASP A 313 -82.14 -44.97 10.67
N ASP A 314 -81.68 -46.17 10.37
CA ASP A 314 -80.57 -46.41 9.47
C ASP A 314 -81.01 -47.29 8.32
N PRO A 315 -81.07 -46.76 7.10
CA PRO A 315 -81.59 -47.56 5.97
C PRO A 315 -80.75 -48.79 5.69
N SER A 316 -79.48 -48.80 6.12
CA SER A 316 -78.58 -49.91 5.79
C SER A 316 -79.08 -51.23 6.36
N VAL A 317 -79.65 -51.20 7.56
CA VAL A 317 -80.15 -52.40 8.22
C VAL A 317 -81.65 -52.21 8.48
N VAL A 318 -82.44 -53.19 8.05
CA VAL A 318 -83.90 -53.08 8.14
C VAL A 318 -84.32 -53.04 9.61
N GLU A 319 -85.59 -52.67 9.81
CA GLU A 319 -86.14 -52.70 11.16
C GLU A 319 -86.23 -54.13 11.65
N THR A 320 -86.35 -54.27 12.96
CA THR A 320 -86.33 -55.58 13.60
C THR A 320 -87.54 -56.41 13.20
N PRO A 321 -87.44 -57.74 13.24
CA PRO A 321 -88.65 -58.55 13.20
C PRO A 321 -89.51 -58.26 14.42
N LEU A 322 -90.82 -58.17 14.20
CA LEU A 322 -91.71 -57.79 15.28
C LEU A 322 -91.85 -58.93 16.27
N ALA A 323 -91.42 -58.71 17.52
CA ALA A 323 -91.24 -59.80 18.45
C ALA A 323 -91.72 -59.42 19.83
N TYR A 324 -92.12 -60.44 20.59
CA TYR A 324 -92.77 -60.28 21.88
C TYR A 324 -91.73 -60.04 22.98
N PRO A 325 -92.15 -59.55 24.14
CA PRO A 325 -91.20 -59.35 25.24
C PRO A 325 -90.72 -60.66 25.85
N ASP A 326 -89.83 -60.54 26.83
CA ASP A 326 -89.14 -61.70 27.37
C ASP A 326 -90.08 -62.53 28.25
N ALA A 327 -89.80 -63.83 28.31
CA ALA A 327 -90.51 -64.76 29.19
C ALA A 327 -92.02 -64.71 29.00
N LEU A 328 -92.45 -64.60 27.75
CA LEU A 328 -93.86 -64.44 27.44
C LEU A 328 -94.22 -65.31 26.25
N THR A 329 -95.50 -65.68 26.16
CA THR A 329 -96.01 -66.53 25.10
C THR A 329 -97.00 -65.74 24.25
N ALA A 330 -97.24 -66.25 23.04
CA ALA A 330 -98.17 -65.61 22.13
C ALA A 330 -99.60 -65.74 22.66
N ALA A 331 -100.44 -64.78 22.26
CA ALA A 331 -101.85 -64.74 22.66
C ALA A 331 -102.00 -64.75 24.18
N SER A 332 -101.13 -64.00 24.86
CA SER A 332 -101.16 -63.89 26.30
C SER A 332 -101.35 -62.42 26.69
N ASN A 333 -101.78 -62.21 27.93
CA ASN A 333 -102.02 -60.86 28.42
C ASN A 333 -100.72 -60.08 28.52
N PHE A 334 -100.76 -58.81 28.14
CA PHE A 334 -99.60 -57.95 28.25
C PHE A 334 -99.26 -57.74 29.73
N PRO A 335 -97.96 -57.73 30.07
CA PRO A 335 -97.57 -57.56 31.47
C PRO A 335 -98.05 -56.22 32.03
N THR A 336 -98.48 -56.25 33.29
CA THR A 336 -98.88 -55.04 34.00
C THR A 336 -97.72 -54.34 34.67
N THR A 337 -96.55 -54.97 34.73
CA THR A 337 -95.37 -54.38 35.33
C THR A 337 -94.27 -54.25 34.28
N ALA A 338 -93.28 -53.41 34.60
CA ALA A 338 -92.16 -53.21 33.68
C ALA A 338 -91.39 -54.50 33.49
N THR A 339 -91.10 -54.83 32.24
CA THR A 339 -90.39 -56.05 31.89
C THR A 339 -89.49 -55.79 30.70
N ALA A 340 -88.41 -56.58 30.61
CA ALA A 340 -87.45 -56.41 29.52
C ALA A 340 -88.04 -56.88 28.20
N VAL A 341 -87.60 -56.26 27.11
CA VAL A 341 -88.04 -56.68 25.78
C VAL A 341 -87.42 -58.03 25.43
N SER A 342 -86.17 -58.24 25.79
CA SER A 342 -85.48 -59.51 25.56
C SER A 342 -84.68 -59.87 26.79
N SER A 343 -84.66 -61.17 27.13
CA SER A 343 -84.04 -61.60 28.37
C SER A 343 -82.52 -61.46 28.34
N ALA A 344 -81.88 -61.92 27.26
CA ALA A 344 -80.43 -61.97 27.19
C ALA A 344 -79.89 -61.46 25.86
N ALA A 345 -80.38 -60.32 25.38
CA ALA A 345 -79.96 -59.77 24.09
C ALA A 345 -79.24 -58.45 24.31
N ALA A 346 -78.09 -58.30 23.65
CA ALA A 346 -77.32 -57.05 23.64
C ALA A 346 -76.81 -56.83 22.23
N SER A 347 -76.95 -55.60 21.73
CA SER A 347 -76.62 -55.30 20.33
C SER A 347 -75.62 -54.15 20.29
N THR A 348 -74.74 -54.17 19.29
CA THR A 348 -73.77 -53.12 19.06
C THR A 348 -73.88 -52.64 17.62
N PHE A 349 -74.09 -51.34 17.44
CA PHE A 349 -74.36 -50.78 16.12
C PHE A 349 -73.56 -49.50 15.91
N ARG A 350 -73.02 -49.34 14.70
CA ARG A 350 -72.26 -48.15 14.32
C ARG A 350 -72.99 -47.46 13.17
N TYR A 351 -73.00 -46.12 13.20
CA TYR A 351 -73.69 -45.37 12.16
C TYR A 351 -72.76 -45.08 10.99
N THR A 352 -73.34 -44.91 9.80
CA THR A 352 -72.54 -44.89 8.58
C THR A 352 -72.18 -43.46 8.16
N SER A 353 -73.02 -42.48 8.49
CA SER A 353 -72.74 -41.10 8.15
C SER A 353 -73.00 -40.22 9.36
N THR A 354 -72.25 -39.10 9.43
CA THR A 354 -72.26 -38.23 10.60
C THR A 354 -73.50 -37.32 10.55
N GLY A 355 -74.65 -37.93 10.82
CA GLY A 355 -75.91 -37.21 10.83
C GLY A 355 -76.80 -37.68 11.96
N SER A 356 -77.76 -36.82 12.30
CA SER A 356 -78.65 -37.10 13.43
C SER A 356 -79.54 -38.30 13.15
N LYS A 357 -79.75 -39.12 14.17
CA LYS A 357 -80.53 -40.36 14.08
C LYS A 357 -81.57 -40.39 15.20
N ASN A 358 -82.75 -40.91 14.89
CA ASN A 358 -83.83 -41.03 15.85
C ASN A 358 -84.19 -42.49 16.03
N ALA A 359 -83.86 -43.05 17.19
CA ALA A 359 -84.13 -44.45 17.51
C ALA A 359 -85.50 -44.54 18.17
N ARG A 360 -86.45 -45.16 17.49
CA ARG A 360 -87.84 -45.23 17.94
C ARG A 360 -88.27 -46.68 18.12
N LEU A 361 -88.76 -46.99 19.31
CA LEU A 361 -89.34 -48.29 19.62
C LEU A 361 -90.85 -48.13 19.55
N ARG A 362 -91.53 -49.16 19.07
CA ARG A 362 -92.98 -49.13 19.09
C ARG A 362 -93.53 -50.56 19.08
N LEU A 363 -94.68 -50.73 19.71
CA LEU A 363 -95.30 -52.03 19.88
C LEU A 363 -96.42 -52.17 18.86
N TYR A 364 -96.36 -53.21 18.04
CA TYR A 364 -97.32 -53.40 16.95
C TYR A 364 -98.21 -54.61 17.23
N ASP A 365 -99.44 -54.54 16.73
CA ASP A 365 -100.30 -55.71 16.56
C ASP A 365 -101.24 -55.41 15.41
N GLY A 366 -101.53 -56.43 14.61
CA GLY A 366 -102.38 -56.21 13.44
C GLY A 366 -101.64 -55.47 12.36
N ALA A 367 -102.32 -54.50 11.75
CA ALA A 367 -101.69 -53.71 10.69
C ALA A 367 -100.56 -52.86 11.26
N ASN A 368 -99.59 -52.51 10.41
CA ASN A 368 -98.44 -51.70 10.83
C ASN A 368 -98.92 -50.29 11.14
N ASN A 369 -99.67 -50.19 12.23
CA ASN A 369 -100.18 -48.93 12.74
C ASN A 369 -99.89 -48.86 14.22
N VAL A 370 -99.36 -47.72 14.66
CA VAL A 370 -98.68 -47.60 15.95
C VAL A 370 -99.65 -47.03 16.97
N ILE A 371 -99.90 -47.80 18.04
CA ILE A 371 -100.65 -47.25 19.17
C ILE A 371 -99.80 -46.24 19.93
N ALA A 372 -98.51 -46.54 20.13
CA ALA A 372 -97.60 -45.64 20.83
C ALA A 372 -96.16 -45.98 20.47
N GLU A 373 -95.35 -44.93 20.32
CA GLU A 373 -93.92 -45.09 20.04
C GLU A 373 -93.14 -44.16 20.93
N LYS A 374 -91.99 -44.65 21.39
CA LYS A 374 -91.07 -43.89 22.24
C LYS A 374 -89.74 -43.75 21.51
N ILE A 375 -89.25 -42.52 21.38
CA ILE A 375 -88.12 -42.20 20.51
C ILE A 375 -87.04 -41.49 21.33
N VAL A 376 -85.79 -41.67 20.92
CA VAL A 376 -84.63 -41.05 21.56
C VAL A 376 -83.65 -40.65 20.47
N VAL A 377 -83.02 -39.47 20.64
CA VAL A 377 -82.19 -38.86 19.61
C VAL A 377 -80.72 -39.13 19.88
N ILE A 378 -79.92 -39.30 18.83
CA ILE A 378 -78.48 -39.46 18.90
C ILE A 378 -77.84 -38.65 17.78
N THR A 379 -76.78 -37.90 18.12
CA THR A 379 -76.12 -37.01 17.17
C THR A 379 -74.68 -37.44 16.94
N VAL A 380 -74.16 -37.17 15.75
CA VAL A 380 -72.80 -37.56 15.35
C VAL A 380 -72.17 -36.42 14.56
N SER A 381 -70.87 -36.21 14.76
CA SER A 381 -70.09 -35.23 14.01
C SER A 381 -68.74 -35.84 13.64
N ASN A 382 -68.10 -35.30 12.61
CA ASN A 382 -66.84 -35.80 12.11
C ASN A 382 -65.69 -34.82 12.26
N ALA A 383 -65.97 -33.55 12.51
CA ALA A 383 -64.94 -32.52 12.42
C ALA A 383 -64.03 -32.52 13.64
N GLY A 384 -64.37 -33.30 14.66
CA GLY A 384 -63.60 -33.28 15.90
C GLY A 384 -62.17 -33.73 15.77
N TYR A 385 -61.94 -34.78 14.99
CA TYR A 385 -60.65 -35.46 14.99
C TYR A 385 -59.56 -34.58 14.39
N THR A 386 -58.38 -34.58 15.02
CA THR A 386 -57.29 -33.74 14.52
C THR A 386 -55.98 -34.48 14.68
N LEU A 387 -55.32 -34.78 13.57
CA LEU A 387 -53.98 -35.36 13.64
C LEU A 387 -52.98 -34.30 13.17
N ALA A 388 -51.77 -34.38 13.72
CA ALA A 388 -50.70 -33.45 13.39
C ALA A 388 -49.41 -34.25 13.22
N LEU A 389 -48.81 -34.15 12.04
CA LEU A 389 -47.61 -34.90 11.70
C LEU A 389 -46.45 -33.93 11.48
N ALA A 390 -45.31 -34.26 12.07
CA ALA A 390 -44.12 -33.42 12.03
C ALA A 390 -42.90 -34.28 11.67
N LYS A 391 -41.91 -33.65 11.05
CA LYS A 391 -40.65 -34.31 10.69
C LYS A 391 -39.59 -33.86 11.68
N THR A 392 -38.75 -34.80 12.13
CA THR A 392 -37.87 -34.51 13.27
C THR A 392 -36.43 -34.24 12.83
N THR A 393 -36.00 -34.79 11.70
CA THR A 393 -34.56 -34.81 11.40
C THR A 393 -34.11 -33.57 10.63
N ALA A 394 -35.04 -32.90 9.93
CA ALA A 394 -34.82 -31.61 9.29
C ALA A 394 -33.84 -31.66 8.12
N ASP A 395 -33.70 -30.54 7.43
CA ASP A 395 -32.94 -30.45 6.18
C ASP A 395 -33.35 -31.54 5.19
N PRO A 396 -34.49 -31.39 4.55
CA PRO A 396 -34.92 -32.43 3.59
C PRO A 396 -34.24 -32.26 2.25
N VAL A 397 -33.24 -33.11 1.95
CA VAL A 397 -32.62 -33.10 0.64
C VAL A 397 -33.12 -34.32 -0.13
N THR A 398 -34.29 -34.16 -0.76
CA THR A 398 -34.89 -35.09 -1.75
C THR A 398 -34.50 -36.54 -1.41
N THR A 399 -33.82 -37.26 -2.31
CA THR A 399 -33.53 -38.68 -2.10
C THR A 399 -32.45 -38.88 -1.04
N ASP A 400 -31.63 -37.86 -0.78
CA ASP A 400 -30.51 -38.02 0.12
C ASP A 400 -30.99 -38.31 1.54
N ASP A 401 -30.29 -39.23 2.21
CA ASP A 401 -30.56 -39.62 3.60
C ASP A 401 -31.97 -40.23 3.67
N THR A 402 -32.64 -40.08 4.81
CA THR A 402 -33.99 -40.61 5.00
C THR A 402 -34.88 -39.51 5.55
N ILE A 403 -36.13 -39.51 5.11
CA ILE A 403 -37.09 -38.47 5.48
C ILE A 403 -38.02 -39.05 6.54
N ALA A 404 -37.85 -38.59 7.78
CA ALA A 404 -38.48 -39.20 8.95
C ALA A 404 -39.59 -38.32 9.47
N PHE A 405 -40.78 -38.90 9.64
CA PHE A 405 -41.95 -38.17 10.10
C PHE A 405 -42.76 -39.03 11.08
N SER A 406 -43.42 -38.33 12.01
CA SER A 406 -44.20 -38.96 13.07
C SER A 406 -45.40 -38.07 13.39
N ALA A 407 -46.52 -38.68 13.75
CA ALA A 407 -47.78 -37.96 13.90
C ALA A 407 -48.42 -38.27 15.24
N GLY A 408 -49.21 -37.32 15.74
CA GLY A 408 -50.11 -37.55 16.85
C GLY A 408 -51.54 -37.20 16.49
N ALA A 409 -52.47 -38.13 16.71
CA ALA A 409 -53.88 -37.91 16.40
C ALA A 409 -54.68 -37.84 17.69
N LYS A 410 -55.45 -36.78 17.87
CA LYS A 410 -56.22 -36.56 19.08
C LYS A 410 -57.69 -36.41 18.76
N HIS A 411 -58.51 -37.06 19.60
CA HIS A 411 -59.96 -36.93 19.62
C HIS A 411 -60.37 -36.55 21.05
N LEU A 412 -61.35 -35.64 21.16
CA LEU A 412 -61.64 -35.02 22.46
C LEU A 412 -62.12 -36.04 23.48
N SER A 413 -63.13 -36.83 23.15
CA SER A 413 -63.72 -37.74 24.12
C SER A 413 -64.40 -38.88 23.37
N SER A 414 -64.75 -39.93 24.13
CA SER A 414 -65.32 -41.15 23.56
C SER A 414 -64.42 -41.68 22.45
N THR A 415 -63.12 -41.74 22.74
CA THR A 415 -62.13 -42.09 21.73
C THR A 415 -62.19 -43.58 21.41
N SER A 416 -61.96 -43.91 20.14
CA SER A 416 -61.89 -45.29 19.68
C SER A 416 -61.09 -45.36 18.40
N GLN A 417 -60.93 -46.57 17.88
CA GLN A 417 -60.00 -46.83 16.79
C GLN A 417 -60.48 -46.19 15.49
N VAL A 418 -59.59 -45.46 14.84
CA VAL A 418 -59.81 -44.88 13.52
C VAL A 418 -58.67 -45.34 12.63
N TRP A 419 -59.00 -45.72 11.40
CA TRP A 419 -57.99 -46.38 10.59
C TRP A 419 -57.21 -45.34 9.80
N TRP A 420 -55.91 -45.23 10.09
CA TRP A 420 -55.10 -44.12 9.58
C TRP A 420 -54.28 -44.56 8.38
N THR A 421 -54.24 -43.71 7.35
CA THR A 421 -53.47 -43.94 6.14
C THR A 421 -52.42 -42.86 6.00
N ILE A 422 -51.20 -43.29 5.71
CA ILE A 422 -50.06 -42.40 5.48
C ILE A 422 -49.90 -42.26 3.97
N ASP A 423 -49.72 -41.03 3.51
CA ASP A 423 -49.76 -40.72 2.09
C ASP A 423 -48.55 -39.87 1.72
N TYR A 424 -47.62 -40.48 0.99
CA TYR A 424 -46.47 -39.81 0.42
C TYR A 424 -46.88 -39.13 -0.88
N GLY A 425 -45.91 -38.76 -1.72
CA GLY A 425 -46.22 -38.13 -2.99
C GLY A 425 -47.38 -38.78 -3.72
N ALA A 426 -47.51 -40.09 -3.60
CA ALA A 426 -48.64 -40.80 -4.20
C ALA A 426 -48.90 -42.08 -3.43
N GLY A 427 -50.15 -42.54 -3.50
CA GLY A 427 -50.53 -43.84 -2.98
C GLY A 427 -50.87 -43.84 -1.50
N GLU A 428 -51.70 -44.81 -1.12
CA GLU A 428 -52.05 -45.05 0.27
C GLU A 428 -52.07 -46.55 0.52
N SER A 429 -51.72 -46.94 1.74
CA SER A 429 -51.59 -48.35 2.09
C SER A 429 -52.94 -49.05 2.02
N SER A 430 -52.91 -50.33 1.61
CA SER A 430 -54.14 -51.11 1.53
C SER A 430 -54.57 -51.68 2.88
N PRO A 431 -53.72 -52.36 3.66
CA PRO A 431 -54.18 -52.77 5.01
C PRO A 431 -54.49 -51.58 5.90
N ARG A 432 -53.95 -50.41 5.58
CA ARG A 432 -54.23 -49.12 6.20
C ARG A 432 -53.82 -49.07 7.68
N THR A 433 -52.78 -49.80 8.08
CA THR A 433 -52.22 -49.73 9.42
C THR A 433 -53.26 -49.93 10.52
N ALA A 434 -53.02 -49.34 11.69
CA ALA A 434 -53.91 -49.46 12.83
C ALA A 434 -53.48 -48.47 13.91
N LEU A 435 -54.48 -47.89 14.58
CA LEU A 435 -54.26 -46.88 15.61
C LEU A 435 -55.14 -47.20 16.81
N THR A 436 -54.59 -47.00 18.01
CA THR A 436 -55.32 -47.19 19.25
C THR A 436 -55.41 -45.86 19.98
N MET A 437 -56.49 -45.66 20.73
CA MET A 437 -56.75 -44.39 21.40
C MET A 437 -56.62 -44.60 22.90
N THR A 438 -55.55 -44.06 23.48
CA THR A 438 -55.29 -44.15 24.91
C THR A 438 -55.07 -42.80 25.57
N ASN A 439 -55.36 -41.70 24.88
CA ASN A 439 -55.15 -40.36 25.38
C ASN A 439 -56.44 -39.55 25.25
N VAL A 440 -56.61 -38.58 26.14
CA VAL A 440 -57.72 -37.64 26.00
C VAL A 440 -57.42 -36.63 24.90
N GLY A 441 -58.42 -35.79 24.59
CA GLY A 441 -58.24 -34.79 23.55
C GLY A 441 -57.36 -33.64 23.99
N ALA A 442 -57.08 -33.54 25.29
CA ALA A 442 -56.20 -32.49 25.78
C ALA A 442 -54.78 -32.65 25.23
N ALA A 443 -54.29 -33.88 25.17
CA ALA A 443 -52.96 -34.14 24.64
C ALA A 443 -52.99 -34.11 23.11
N ALA A 444 -52.19 -33.22 22.52
CA ALA A 444 -52.19 -33.13 21.06
C ALA A 444 -51.48 -34.30 20.39
N PRO A 445 -50.18 -34.57 20.62
CA PRO A 445 -49.57 -35.68 19.90
C PRO A 445 -49.80 -37.01 20.60
N ASN A 446 -50.42 -37.94 19.89
CA ASN A 446 -50.65 -39.30 20.39
C ASN A 446 -49.61 -40.21 19.74
N ALA A 447 -49.24 -41.27 20.45
CA ALA A 447 -48.24 -42.18 19.92
C ALA A 447 -48.80 -42.95 18.73
N ILE A 448 -48.33 -42.59 17.53
CA ILE A 448 -48.62 -43.34 16.31
C ILE A 448 -47.29 -43.79 15.73
N ALA A 449 -47.32 -44.91 15.01
CA ALA A 449 -46.10 -45.53 14.52
C ALA A 449 -45.30 -44.56 13.67
N SER A 450 -44.10 -44.23 14.13
CA SER A 450 -43.23 -43.36 13.37
C SER A 450 -42.81 -44.07 12.10
N LEU A 451 -43.42 -43.68 10.98
CA LEU A 451 -43.09 -44.21 9.68
C LEU A 451 -42.23 -43.20 8.94
N SER A 452 -41.16 -43.67 8.31
CA SER A 452 -40.21 -42.81 7.62
C SER A 452 -40.04 -43.31 6.19
N ASN A 453 -39.98 -42.38 5.25
CA ASN A 453 -39.91 -42.72 3.84
C ASN A 453 -38.83 -41.88 3.18
N GLN A 454 -38.36 -42.35 2.03
CA GLN A 454 -37.46 -41.60 1.17
C GLN A 454 -38.24 -41.12 -0.05
N TYR A 455 -38.18 -39.82 -0.31
CA TYR A 455 -38.87 -39.24 -1.45
C TYR A 455 -37.90 -39.00 -2.61
N THR A 456 -38.45 -38.96 -3.82
CA THR A 456 -37.68 -38.91 -5.05
C THR A 456 -37.85 -37.56 -5.71
N SER A 457 -36.75 -37.04 -6.28
CA SER A 457 -36.75 -35.85 -7.12
C SER A 457 -36.91 -34.57 -6.32
N GLY A 458 -36.69 -33.43 -6.96
CA GLY A 458 -36.73 -32.16 -6.24
C GLY A 458 -38.15 -31.66 -6.01
N GLY A 459 -39.14 -32.37 -6.55
CA GLY A 459 -40.51 -31.94 -6.38
C GLY A 459 -40.95 -31.99 -4.93
N THR A 460 -41.85 -31.09 -4.57
CA THR A 460 -42.38 -31.05 -3.20
C THR A 460 -43.18 -32.30 -2.90
N LYS A 461 -43.38 -32.58 -1.62
CA LYS A 461 -44.00 -33.84 -1.23
C LYS A 461 -45.45 -33.66 -0.81
N LEU A 462 -45.74 -32.67 0.03
CA LEU A 462 -47.09 -32.42 0.50
C LEU A 462 -47.64 -33.67 1.19
N ALA A 463 -47.02 -34.05 2.30
CA ALA A 463 -47.32 -35.31 2.98
C ALA A 463 -48.71 -35.23 3.60
N THR A 464 -49.53 -36.24 3.33
CA THR A 464 -50.94 -36.24 3.69
C THR A 464 -51.27 -37.46 4.54
N LEU A 465 -51.78 -37.23 5.74
CA LEU A 465 -52.31 -38.31 6.58
C LEU A 465 -53.82 -38.21 6.64
N ARG A 466 -54.50 -39.28 6.23
CA ARG A 466 -55.96 -39.29 6.19
C ARG A 466 -56.48 -40.45 7.03
N ILE A 467 -57.39 -40.16 7.96
CA ILE A 467 -57.97 -41.16 8.83
C ILE A 467 -59.39 -41.46 8.36
N TYR A 468 -59.60 -42.68 7.87
CA TYR A 468 -60.92 -43.15 7.50
C TYR A 468 -61.48 -43.96 8.65
N ASP A 469 -62.72 -43.65 9.03
CA ASP A 469 -63.24 -44.17 10.30
C ASP A 469 -63.69 -45.61 10.18
N ARG A 470 -64.71 -45.87 9.37
CA ARG A 470 -65.48 -47.09 9.46
C ARG A 470 -64.78 -48.22 8.70
N ASP A 471 -64.34 -49.23 9.46
CA ASP A 471 -63.75 -50.48 8.95
C ASP A 471 -62.65 -50.15 7.95
N GLY A 472 -62.68 -50.68 6.73
CA GLY A 472 -61.64 -50.46 5.75
C GLY A 472 -60.93 -51.72 5.29
N VAL A 473 -61.27 -52.88 5.86
CA VAL A 473 -60.63 -54.13 5.46
C VAL A 473 -61.48 -54.89 4.46
N GLY A 474 -62.79 -54.67 4.49
CA GLY A 474 -63.70 -55.42 3.64
C GLY A 474 -64.23 -54.63 2.46
N ALA A 475 -63.36 -53.83 1.84
CA ALA A 475 -63.69 -53.03 0.66
C ALA A 475 -64.87 -52.08 0.93
N ASN A 476 -64.85 -51.45 2.10
CA ASN A 476 -65.82 -50.42 2.43
C ASN A 476 -65.08 -49.18 2.88
N THR A 477 -65.54 -48.01 2.44
CA THR A 477 -64.82 -46.76 2.63
C THR A 477 -65.16 -46.18 3.99
N GLY A 478 -64.13 -45.85 4.77
CA GLY A 478 -64.33 -45.06 5.96
C GLY A 478 -64.60 -43.61 5.63
N LEU A 479 -64.84 -42.83 6.68
CA LEU A 479 -65.18 -41.43 6.49
C LEU A 479 -63.95 -40.55 6.73
N LEU A 480 -63.91 -39.40 6.06
CA LEU A 480 -62.71 -38.55 6.04
C LEU A 480 -62.92 -37.42 7.04
N LEU A 481 -61.89 -37.14 7.84
CA LEU A 481 -62.14 -36.54 9.14
C LEU A 481 -61.25 -35.32 9.40
N ALA A 482 -60.05 -35.27 8.83
CA ALA A 482 -59.10 -34.21 9.16
C ALA A 482 -58.45 -33.49 7.99
N SER A 483 -58.16 -34.18 6.88
CA SER A 483 -57.35 -33.62 5.77
C SER A 483 -55.99 -33.25 6.37
N THR A 484 -55.69 -31.97 6.58
CA THR A 484 -54.54 -31.53 7.38
C THR A 484 -53.20 -32.05 6.84
N THR A 485 -52.80 -31.53 5.67
CA THR A 485 -51.61 -31.99 4.97
C THR A 485 -50.40 -31.11 5.29
N VAL A 486 -49.24 -31.76 5.45
CA VAL A 486 -47.96 -31.08 5.67
C VAL A 486 -47.17 -31.11 4.37
N THR A 487 -46.58 -29.97 4.03
CA THR A 487 -45.73 -29.83 2.86
C THR A 487 -44.42 -29.15 3.25
N PHE A 488 -43.30 -29.84 3.01
CA PHE A 488 -41.98 -29.29 3.29
C PHE A 488 -41.22 -29.17 1.97
N THR A 489 -40.31 -28.19 1.91
CA THR A 489 -39.58 -27.85 0.70
C THR A 489 -38.19 -28.47 0.76
N VAL A 490 -37.73 -28.98 -0.38
CA VAL A 490 -36.52 -29.80 -0.45
C VAL A 490 -35.57 -29.18 -1.46
N THR A 491 -34.30 -29.55 -1.37
CA THR A 491 -33.30 -29.14 -2.37
C THR A 491 -32.49 -30.34 -2.85
N PRO A 492 -32.59 -30.74 -4.12
CA PRO A 492 -31.93 -31.97 -4.57
C PRO A 492 -30.46 -31.76 -4.88
N VAL A 493 -29.86 -32.81 -5.45
CA VAL A 493 -28.46 -32.85 -5.81
C VAL A 493 -28.36 -33.02 -7.32
N LEU A 494 -27.39 -32.36 -7.94
CA LEU A 494 -27.30 -32.25 -9.39
C LEU A 494 -25.98 -32.83 -9.88
N TYR A 495 -26.04 -33.62 -10.96
CA TYR A 495 -24.85 -34.27 -11.49
C TYR A 495 -24.10 -33.34 -12.46
N ALA A 496 -22.78 -33.54 -12.54
CA ALA A 496 -21.91 -32.75 -13.40
C ALA A 496 -21.16 -33.66 -14.37
N LEU A 497 -21.14 -33.28 -15.64
CA LEU A 497 -20.55 -34.06 -16.71
C LEU A 497 -19.47 -33.25 -17.42
N GLU A 498 -18.34 -33.90 -17.70
CA GLU A 498 -17.20 -33.28 -18.37
C GLU A 498 -16.80 -34.18 -19.53
N SER A 499 -16.21 -33.59 -20.58
CA SER A 499 -15.89 -34.33 -21.80
C SER A 499 -14.45 -34.05 -22.23
N ALA A 500 -13.81 -35.06 -22.83
CA ALA A 500 -12.49 -34.93 -23.45
C ALA A 500 -12.27 -36.12 -24.37
N VAL A 501 -11.80 -35.85 -25.60
CA VAL A 501 -11.69 -36.88 -26.63
C VAL A 501 -10.21 -37.06 -26.96
N GLU A 502 -9.89 -38.17 -27.63
CA GLU A 502 -8.55 -38.42 -28.16
C GLU A 502 -8.64 -39.42 -29.30
N PRO A 503 -8.22 -39.09 -30.53
CA PRO A 503 -7.68 -37.81 -31.01
C PRO A 503 -8.70 -36.68 -30.93
N PHE A 504 -8.20 -35.45 -30.94
CA PHE A 504 -9.02 -34.30 -30.56
C PHE A 504 -9.77 -33.73 -31.75
N SER A 505 -9.30 -34.05 -32.95
CA SER A 505 -10.00 -33.76 -34.19
C SER A 505 -9.88 -34.95 -35.13
N PRO A 506 -11.00 -35.53 -35.57
CA PRO A 506 -10.92 -36.83 -36.25
C PRO A 506 -10.55 -36.75 -37.72
N ILE A 507 -9.41 -37.31 -38.09
CA ILE A 507 -9.09 -37.48 -39.50
C ILE A 507 -9.96 -38.59 -40.08
N ALA A 508 -10.28 -38.45 -41.37
CA ALA A 508 -11.15 -39.42 -42.03
C ALA A 508 -10.58 -40.82 -41.91
N THR A 509 -11.45 -41.78 -41.58
CA THR A 509 -11.08 -43.18 -41.39
C THR A 509 -10.02 -43.34 -40.30
N VAL A 510 -10.15 -42.58 -39.23
CA VAL A 510 -9.30 -42.70 -38.05
C VAL A 510 -10.20 -42.76 -36.81
N ALA A 511 -10.00 -43.77 -35.98
CA ALA A 511 -10.84 -43.96 -34.80
C ALA A 511 -10.56 -42.90 -33.75
N ALA A 512 -11.55 -42.65 -32.89
CA ALA A 512 -11.43 -41.69 -31.80
C ALA A 512 -12.10 -42.26 -30.57
N LYS A 513 -11.70 -41.77 -29.39
CA LYS A 513 -12.17 -42.28 -28.11
C LYS A 513 -12.58 -41.10 -27.24
N TRP A 514 -13.86 -41.07 -26.87
CA TRP A 514 -14.46 -39.98 -26.11
C TRP A 514 -14.58 -40.42 -24.65
N SER A 515 -14.03 -39.62 -23.75
CA SER A 515 -14.04 -39.89 -22.31
C SER A 515 -14.90 -38.85 -21.61
N PHE A 516 -15.72 -39.31 -20.68
CA PHE A 516 -16.64 -38.47 -19.93
C PHE A 516 -16.40 -38.65 -18.45
N ARG A 517 -16.29 -37.53 -17.74
CA ARG A 517 -16.10 -37.49 -16.29
C ARG A 517 -17.41 -37.16 -15.61
N ILE A 518 -17.80 -37.99 -14.65
CA ILE A 518 -19.04 -37.83 -13.90
C ILE A 518 -18.67 -37.48 -12.47
N GLN A 519 -19.22 -36.35 -11.98
CA GLN A 519 -18.98 -35.84 -10.64
C GLN A 519 -20.32 -35.56 -9.98
N ARG A 520 -20.48 -36.02 -8.73
CA ARG A 520 -21.75 -35.92 -8.03
C ARG A 520 -21.72 -34.74 -7.06
N SER A 521 -22.91 -34.25 -6.69
CA SER A 521 -23.01 -33.13 -5.78
C SER A 521 -23.07 -33.59 -4.32
N LYS A 522 -22.44 -32.82 -3.45
CA LYS A 522 -22.33 -33.12 -2.01
C LYS A 522 -21.79 -34.54 -1.88
N ALA A 523 -22.40 -35.41 -1.08
CA ALA A 523 -21.83 -36.72 -0.78
C ALA A 523 -22.88 -37.81 -0.95
N THR A 524 -22.41 -39.03 -1.22
CA THR A 524 -23.29 -40.18 -1.34
C THR A 524 -23.78 -40.61 0.04
N PRO A 525 -25.03 -41.04 0.16
CA PRO A 525 -25.50 -41.58 1.44
C PRO A 525 -24.68 -42.79 1.88
N ALA A 526 -24.47 -42.89 3.18
CA ALA A 526 -23.60 -43.93 3.73
C ALA A 526 -24.21 -45.31 3.53
N GLY A 527 -23.37 -46.26 3.12
CA GLY A 527 -23.79 -47.63 2.93
C GLY A 527 -24.63 -47.90 1.70
N VAL A 528 -24.61 -47.01 0.71
CA VAL A 528 -25.37 -47.18 -0.52
C VAL A 528 -24.42 -47.04 -1.70
N THR A 529 -24.43 -48.03 -2.59
CA THR A 529 -23.56 -48.08 -3.75
C THR A 529 -24.42 -48.00 -5.01
N GLU A 530 -23.95 -47.27 -6.02
CA GLU A 530 -24.71 -47.01 -7.22
C GLU A 530 -23.90 -47.40 -8.45
N SER A 531 -24.54 -48.14 -9.36
CA SER A 531 -23.96 -48.50 -10.64
C SER A 531 -24.69 -47.76 -11.75
N ILE A 532 -23.92 -47.11 -12.62
CA ILE A 532 -24.46 -46.29 -13.71
C ILE A 532 -24.24 -47.03 -15.02
N LYS A 533 -25.29 -47.09 -15.84
CA LYS A 533 -25.21 -47.65 -17.18
C LYS A 533 -25.37 -46.51 -18.18
N CYS A 534 -24.30 -46.23 -18.94
CA CYS A 534 -24.27 -45.10 -19.84
C CYS A 534 -24.14 -45.59 -21.28
N ALA A 535 -24.89 -44.96 -22.18
CA ALA A 535 -24.88 -45.29 -23.60
C ALA A 535 -24.73 -44.00 -24.41
N PHE A 536 -23.84 -44.05 -25.40
CA PHE A 536 -23.58 -42.92 -26.29
C PHE A 536 -23.83 -43.35 -27.73
N PHE A 537 -24.48 -42.48 -28.49
CA PHE A 537 -24.75 -42.71 -29.91
C PHE A 537 -24.02 -41.67 -30.73
N GLY A 538 -23.15 -42.13 -31.63
CA GLY A 538 -22.42 -41.21 -32.49
C GLY A 538 -23.31 -40.64 -33.57
N ALA A 539 -23.03 -39.39 -33.95
CA ALA A 539 -23.79 -38.74 -35.01
C ALA A 539 -23.61 -39.46 -36.34
N ASP A 540 -22.37 -39.88 -36.65
CA ASP A 540 -22.12 -40.58 -37.90
C ASP A 540 -22.74 -41.97 -37.90
N THR A 541 -22.72 -42.64 -36.75
CA THR A 541 -23.21 -44.02 -36.69
C THR A 541 -24.70 -44.09 -36.99
N GLY A 542 -25.49 -43.20 -36.41
CA GLY A 542 -26.92 -43.22 -36.63
C GLY A 542 -27.62 -42.08 -35.94
N THR A 543 -28.93 -42.00 -36.19
CA THR A 543 -29.75 -40.95 -35.59
C THR A 543 -29.93 -41.20 -34.09
N ALA A 544 -30.01 -40.11 -33.34
CA ALA A 544 -30.23 -40.23 -31.90
C ALA A 544 -31.62 -40.79 -31.63
N PRO A 545 -31.76 -41.70 -30.67
CA PRO A 545 -33.10 -42.23 -30.34
C PRO A 545 -34.06 -41.13 -29.92
N ALA A 546 -35.31 -41.27 -30.35
CA ALA A 546 -36.32 -40.26 -30.06
C ALA A 546 -36.82 -40.37 -28.62
N ASP A 547 -36.91 -41.59 -28.10
CA ASP A 547 -37.49 -41.82 -26.78
C ASP A 547 -36.42 -42.30 -25.81
N LEU A 548 -36.82 -42.36 -24.53
CA LEU A 548 -35.90 -42.81 -23.49
C LEU A 548 -35.72 -44.32 -23.49
N ALA A 549 -36.73 -45.05 -23.98
CA ALA A 549 -36.69 -46.51 -23.92
C ALA A 549 -35.54 -47.07 -24.75
N ALA A 550 -35.29 -46.49 -25.93
CA ALA A 550 -34.18 -46.96 -26.76
C ALA A 550 -32.84 -46.70 -26.08
N TRP A 551 -32.69 -45.54 -25.44
CA TRP A 551 -31.46 -45.27 -24.69
C TRP A 551 -31.28 -46.27 -23.55
N LEU A 552 -32.37 -46.59 -22.84
CA LEU A 552 -32.29 -47.57 -21.76
C LEU A 552 -31.88 -48.94 -22.30
N THR A 553 -32.47 -49.34 -23.43
CA THR A 553 -32.13 -50.63 -24.02
C THR A 553 -30.67 -50.66 -24.45
N ALA A 554 -30.17 -49.58 -25.04
CA ALA A 554 -28.77 -49.51 -25.43
C ALA A 554 -27.85 -49.58 -24.22
N ALA A 555 -28.21 -48.88 -23.14
CA ALA A 555 -27.39 -48.92 -21.93
C ALA A 555 -27.37 -50.32 -21.33
N ASN A 556 -28.52 -51.01 -21.31
CA ASN A 556 -28.57 -52.36 -20.78
C ASN A 556 -27.75 -53.33 -21.64
N GLY A 557 -27.55 -52.98 -22.90
CA GLY A 557 -26.85 -53.86 -23.81
C GLY A 557 -25.35 -53.87 -23.60
N ALA A 558 -24.68 -54.78 -24.32
CA ALA A 558 -23.23 -54.89 -24.23
C ALA A 558 -22.55 -53.64 -24.78
N GLY A 559 -23.21 -52.94 -25.71
CA GLY A 559 -22.68 -51.66 -26.15
C GLY A 559 -22.66 -50.63 -25.05
N GLY A 560 -23.69 -50.63 -24.19
CA GLY A 560 -23.68 -49.75 -23.04
C GLY A 560 -22.61 -50.14 -22.04
N LEU A 561 -22.19 -49.18 -21.24
CA LEU A 561 -21.08 -49.37 -20.32
C LEU A 561 -21.54 -49.18 -18.88
N THR A 562 -21.12 -50.09 -18.00
CA THR A 562 -21.52 -50.10 -16.61
C THR A 562 -20.33 -49.70 -15.73
N ALA A 563 -20.58 -48.82 -14.77
CA ALA A 563 -19.56 -48.34 -13.85
C ALA A 563 -20.11 -48.32 -12.43
N THR A 564 -19.21 -48.35 -11.46
CA THR A 564 -19.55 -48.42 -10.04
C THR A 564 -19.11 -47.15 -9.34
N ILE A 565 -19.84 -46.75 -8.30
CA ILE A 565 -19.53 -45.55 -7.53
C ILE A 565 -19.17 -45.96 -6.11
N LEU A 566 -18.03 -45.47 -5.62
CA LEU A 566 -17.67 -45.72 -4.22
C LEU A 566 -18.58 -44.92 -3.29
N PRO A 567 -19.10 -45.55 -2.25
CA PRO A 567 -20.02 -44.84 -1.34
C PRO A 567 -19.28 -43.88 -0.42
N SER A 568 -20.03 -42.88 0.07
CA SER A 568 -19.57 -41.96 1.12
C SER A 568 -18.33 -41.18 0.68
N SER A 569 -18.30 -40.77 -0.59
CA SER A 569 -17.18 -39.98 -1.10
C SER A 569 -17.63 -39.29 -2.37
N ILE A 570 -16.80 -38.35 -2.82
CA ILE A 570 -17.06 -37.64 -4.07
C ILE A 570 -16.64 -38.52 -5.24
N PRO A 571 -17.56 -38.97 -6.10
CA PRO A 571 -17.16 -39.85 -7.20
C PRO A 571 -16.78 -39.10 -8.47
N SER A 572 -15.62 -39.43 -9.02
CA SER A 572 -15.16 -38.88 -10.29
C SER A 572 -14.91 -40.05 -11.23
N ASP A 573 -15.93 -40.39 -12.02
CA ASP A 573 -15.90 -41.58 -12.86
C ASP A 573 -15.57 -41.21 -14.29
N ILE A 574 -14.99 -42.14 -15.03
CA ILE A 574 -14.58 -41.91 -16.42
C ILE A 574 -15.15 -43.03 -17.27
N ILE A 575 -15.78 -42.67 -18.39
CA ILE A 575 -16.38 -43.62 -19.33
C ILE A 575 -15.91 -43.29 -20.73
N SER A 576 -15.54 -44.31 -21.50
CA SER A 576 -14.92 -44.13 -22.81
C SER A 576 -15.69 -44.88 -23.90
N PHE A 577 -15.97 -44.18 -24.99
CA PHE A 577 -16.65 -44.75 -26.16
C PHE A 577 -15.80 -44.53 -27.41
N THR A 578 -15.73 -45.53 -28.28
CA THR A 578 -14.92 -45.46 -29.48
C THR A 578 -15.82 -45.28 -30.70
N ARG A 579 -15.50 -44.29 -31.53
CA ARG A 579 -16.25 -44.00 -32.75
C ARG A 579 -15.28 -43.85 -33.93
N THR A 580 -15.67 -44.40 -35.08
CA THR A 580 -14.88 -44.28 -36.31
C THR A 580 -15.74 -43.67 -37.40
N TYR A 581 -15.23 -42.61 -38.04
CA TYR A 581 -15.95 -41.88 -39.08
C TYR A 581 -15.52 -42.41 -40.44
N ALA A 582 -16.50 -42.73 -41.29
CA ALA A 582 -16.20 -43.14 -42.65
C ALA A 582 -15.76 -41.95 -43.50
N ALA A 583 -16.35 -40.78 -43.26
CA ALA A 583 -16.00 -39.55 -43.96
C ALA A 583 -15.79 -38.45 -42.94
N ALA A 584 -14.77 -37.61 -43.16
CA ALA A 584 -14.46 -36.54 -42.23
C ALA A 584 -15.58 -35.49 -42.21
N ALA A 585 -15.90 -35.01 -41.02
CA ALA A 585 -16.93 -34.00 -40.82
C ALA A 585 -16.32 -32.80 -40.10
N ALA A 586 -16.79 -31.60 -40.47
CA ALA A 586 -16.26 -30.38 -39.86
C ALA A 586 -16.76 -30.20 -38.43
N SER A 587 -18.00 -30.60 -38.16
CA SER A 587 -18.62 -30.39 -36.86
C SER A 587 -18.94 -31.72 -36.21
N LEU A 588 -18.56 -31.88 -34.94
CA LEU A 588 -18.87 -33.05 -34.15
C LEU A 588 -19.89 -32.66 -33.08
N GLN A 589 -20.98 -33.42 -33.00
CA GLN A 589 -22.01 -33.22 -32.00
C GLN A 589 -22.43 -34.57 -31.42
N GLY A 590 -22.20 -34.75 -30.13
CA GLY A 590 -22.46 -36.03 -29.48
C GLY A 590 -23.43 -35.89 -28.33
N LYS A 591 -24.23 -36.94 -28.12
CA LYS A 591 -25.23 -36.98 -27.07
C LYS A 591 -25.11 -38.30 -26.31
N LEU A 592 -25.08 -38.22 -24.98
CA LEU A 592 -24.86 -39.36 -24.10
C LEU A 592 -25.96 -39.41 -23.05
N GLN A 593 -26.43 -40.61 -22.73
CA GLN A 593 -27.48 -40.77 -21.73
C GLN A 593 -27.06 -41.81 -20.70
N CYS A 594 -27.19 -41.47 -19.43
CA CYS A 594 -26.81 -42.34 -18.32
C CYS A 594 -28.05 -42.68 -17.49
N PHE A 595 -28.12 -43.92 -17.03
CA PHE A 595 -29.23 -44.40 -16.22
C PHE A 595 -28.70 -45.00 -14.93
N ILE A 596 -29.28 -44.59 -13.81
CA ILE A 596 -29.07 -45.23 -12.52
C ILE A 596 -30.40 -45.86 -12.12
N GLY A 597 -30.44 -47.18 -12.12
CA GLY A 597 -31.71 -47.87 -11.91
C GLY A 597 -32.66 -47.56 -13.05
N SER A 598 -33.91 -47.26 -12.71
CA SER A 598 -34.94 -46.96 -13.70
C SER A 598 -35.06 -45.48 -14.03
N THR A 599 -34.28 -44.63 -13.38
CA THR A 599 -34.39 -43.19 -13.54
C THR A 599 -33.18 -42.64 -14.30
N PRO A 600 -33.38 -41.97 -15.43
CA PRO A 600 -32.24 -41.36 -16.13
C PRO A 600 -31.67 -40.21 -15.32
N LEU A 601 -30.36 -39.99 -15.50
CA LEU A 601 -29.68 -38.94 -14.75
C LEU A 601 -30.09 -37.54 -15.24
N TRP A 602 -30.36 -37.41 -16.54
CA TRP A 602 -30.71 -36.13 -17.14
C TRP A 602 -32.22 -36.06 -17.38
N ASP A 603 -32.78 -34.87 -17.28
CA ASP A 603 -34.22 -34.70 -17.40
C ASP A 603 -34.66 -34.90 -18.84
N PRO A 604 -35.71 -35.71 -19.08
CA PRO A 604 -36.16 -35.94 -20.46
C PRO A 604 -36.62 -34.69 -21.19
N TYR A 605 -37.24 -33.74 -20.48
CA TYR A 605 -37.67 -32.51 -21.14
C TYR A 605 -36.47 -31.68 -21.62
N TYR A 606 -35.43 -31.59 -20.80
CA TYR A 606 -34.24 -30.85 -21.18
C TYR A 606 -33.49 -31.58 -22.30
N PRO A 607 -32.89 -30.85 -23.23
CA PRO A 607 -32.17 -31.50 -24.34
C PRO A 607 -30.93 -32.24 -23.85
N THR A 608 -30.56 -33.28 -24.58
CA THR A 608 -29.39 -34.06 -24.23
C THR A 608 -28.13 -33.21 -24.42
N PRO A 609 -27.07 -33.48 -23.65
CA PRO A 609 -25.85 -32.67 -23.78
C PRO A 609 -25.28 -32.73 -25.18
N VAL A 610 -24.76 -31.59 -25.65
CA VAL A 610 -24.18 -31.46 -26.98
C VAL A 610 -22.79 -30.87 -26.82
N PHE A 611 -21.80 -31.53 -27.43
CA PHE A 611 -20.41 -31.06 -27.40
C PHE A 611 -19.93 -30.88 -28.84
N GLN A 612 -19.31 -29.73 -29.10
CA GLN A 612 -18.72 -29.43 -30.41
C GLN A 612 -17.21 -29.60 -30.30
N VAL A 613 -16.68 -30.60 -31.01
CA VAL A 613 -15.35 -31.11 -30.69
C VAL A 613 -14.39 -30.93 -31.87
N LEU A 614 -14.55 -29.82 -32.61
CA LEU A 614 -13.56 -29.39 -33.60
C LEU A 614 -13.39 -30.40 -34.73
N ALA A 615 -12.43 -30.17 -35.62
CA ALA A 615 -12.13 -31.09 -36.71
C ALA A 615 -10.82 -30.69 -37.38
N ALA A 616 -10.47 -31.42 -38.43
CA ALA A 616 -9.38 -31.19 -39.39
C ALA A 616 -7.99 -31.50 -38.84
N ALA A 617 -7.85 -31.83 -37.56
CA ALA A 617 -6.58 -32.24 -36.96
C ALA A 617 -5.38 -31.40 -37.40
N PRO A 618 -5.40 -30.09 -37.19
CA PRO A 618 -4.31 -29.24 -37.70
C PRO A 618 -3.01 -29.50 -36.95
N THR A 619 -1.90 -29.29 -37.64
CA THR A 619 -0.60 -29.34 -37.01
C THR A 619 -0.27 -28.00 -36.35
N TYR A 620 0.41 -28.07 -35.20
CA TYR A 620 0.72 -26.90 -34.40
C TYR A 620 2.16 -26.47 -34.67
N THR A 621 2.39 -25.17 -34.75
CA THR A 621 3.73 -24.63 -34.96
C THR A 621 4.20 -23.94 -33.69
N LEU A 622 5.43 -24.24 -33.28
CA LEU A 622 5.99 -23.76 -32.01
C LEU A 622 7.25 -22.96 -32.29
N SER A 623 7.38 -21.82 -31.60
CA SER A 623 8.56 -20.96 -31.71
C SER A 623 9.07 -20.63 -30.31
N ALA A 624 10.39 -20.45 -30.18
CA ALA A 624 11.06 -20.34 -28.90
C ALA A 624 11.81 -19.02 -28.79
N SER A 625 11.93 -18.50 -27.57
CA SER A 625 12.77 -17.33 -27.28
C SER A 625 13.37 -17.45 -25.89
N VAL A 626 14.62 -17.02 -25.75
CA VAL A 626 15.43 -17.24 -24.56
C VAL A 626 16.16 -15.96 -24.20
N THR A 627 16.34 -15.71 -22.90
CA THR A 627 17.18 -14.64 -22.38
C THR A 627 17.83 -15.08 -21.08
N PRO A 628 19.17 -15.00 -20.95
CA PRO A 628 20.16 -14.59 -21.96
C PRO A 628 20.65 -15.76 -22.81
N ALA A 629 21.57 -15.50 -23.74
CA ALA A 629 22.08 -16.56 -24.62
C ALA A 629 22.91 -17.58 -23.85
N VAL A 630 23.76 -17.12 -22.94
CA VAL A 630 24.62 -17.99 -22.15
C VAL A 630 24.14 -17.92 -20.70
N VAL A 631 24.35 -19.00 -19.95
CA VAL A 631 23.92 -19.09 -18.56
C VAL A 631 25.12 -19.53 -17.73
N PRO A 632 25.49 -18.80 -16.68
CA PRO A 632 26.43 -19.35 -15.70
C PRO A 632 25.77 -20.45 -14.89
N VAL A 633 26.47 -20.86 -13.83
CA VAL A 633 26.08 -22.08 -13.12
C VAL A 633 25.04 -21.76 -12.06
N ASP A 634 23.92 -22.50 -12.08
CA ASP A 634 22.74 -22.22 -11.25
C ASP A 634 22.26 -20.78 -11.42
N THR A 635 21.76 -20.45 -12.61
CA THR A 635 21.24 -19.12 -12.87
C THR A 635 19.84 -19.23 -13.47
N ALA A 636 18.94 -18.36 -13.02
CA ALA A 636 17.59 -18.34 -13.56
C ALA A 636 17.59 -17.76 -14.97
N THR A 637 16.84 -18.40 -15.85
CA THR A 637 16.82 -18.04 -17.26
C THR A 637 15.38 -17.95 -17.72
N LEU A 638 15.12 -17.03 -18.64
CA LEU A 638 13.77 -16.75 -19.11
C LEU A 638 13.55 -17.42 -20.46
N TRP A 639 12.51 -18.23 -20.54
CA TRP A 639 12.08 -18.79 -21.81
C TRP A 639 10.61 -18.48 -22.04
N THR A 640 10.28 -18.08 -23.26
CA THR A 640 8.90 -17.82 -23.66
C THR A 640 8.67 -18.42 -25.05
N TYR A 641 7.50 -19.02 -25.24
CA TYR A 641 7.22 -19.90 -26.36
C TYR A 641 5.85 -19.57 -26.95
N ASN A 642 5.82 -19.41 -28.27
CA ASN A 642 4.62 -19.03 -29.00
C ASN A 642 4.09 -20.24 -29.77
N ILE A 643 2.81 -20.55 -29.55
CA ILE A 643 2.13 -21.65 -30.22
C ILE A 643 1.10 -21.08 -31.19
N ILE A 644 1.13 -21.57 -32.44
CA ILE A 644 0.27 -21.09 -33.51
C ILE A 644 -0.49 -22.27 -34.10
N ARG A 645 -1.80 -22.08 -34.29
CA ARG A 645 -2.67 -23.06 -34.92
C ARG A 645 -3.20 -22.49 -36.22
N SER A 646 -3.23 -23.32 -37.27
CA SER A 646 -3.66 -22.83 -38.59
C SER A 646 -5.16 -22.55 -38.63
N VAL A 647 -5.96 -23.48 -38.16
CA VAL A 647 -7.43 -23.38 -38.23
C VAL A 647 -7.94 -22.90 -36.87
N PRO A 648 -8.59 -21.73 -36.81
CA PRO A 648 -9.13 -21.26 -35.53
C PRO A 648 -10.23 -22.16 -35.01
N VAL A 649 -10.36 -22.18 -33.68
CA VAL A 649 -11.37 -23.05 -33.03
C VAL A 649 -12.76 -22.56 -33.40
N PRO A 650 -13.69 -23.44 -33.77
CA PRO A 650 -15.05 -23.00 -34.07
C PRO A 650 -15.80 -22.58 -32.81
N ALA A 651 -16.88 -21.82 -33.00
CA ALA A 651 -17.64 -21.28 -31.88
C ALA A 651 -18.57 -22.33 -31.28
N GLY A 652 -18.84 -22.18 -29.98
CA GLY A 652 -19.75 -23.06 -29.28
C GLY A 652 -19.15 -24.33 -28.74
N GLY A 653 -17.82 -24.43 -28.70
CA GLY A 653 -17.16 -25.64 -28.25
C GLY A 653 -16.26 -25.44 -27.06
N PRO A 654 -15.91 -26.53 -26.38
CA PRO A 654 -15.01 -26.43 -25.23
C PRO A 654 -13.60 -26.01 -25.65
N SER A 655 -12.88 -25.39 -24.73
CA SER A 655 -11.53 -24.93 -24.99
C SER A 655 -10.55 -26.10 -25.02
N LEU A 656 -9.36 -25.85 -25.55
CA LEU A 656 -8.40 -26.92 -25.77
C LEU A 656 -7.25 -26.81 -24.75
N PRO A 657 -7.18 -27.72 -23.78
CA PRO A 657 -6.07 -27.70 -22.83
C PRO A 657 -4.87 -28.51 -23.31
N ILE A 658 -3.68 -27.93 -23.29
CA ILE A 658 -2.45 -28.56 -23.77
C ILE A 658 -1.39 -28.50 -22.69
N LEU A 659 -0.68 -29.61 -22.51
CA LEU A 659 0.41 -29.71 -21.55
C LEU A 659 1.75 -29.64 -22.29
N CYS A 660 2.59 -28.73 -21.86
CA CYS A 660 3.94 -28.58 -22.38
C CYS A 660 4.92 -29.24 -21.41
N SER A 661 5.80 -30.09 -21.94
CA SER A 661 6.76 -30.84 -21.17
C SER A 661 8.16 -30.28 -21.42
N PHE A 662 8.87 -29.99 -20.33
CA PHE A 662 10.21 -29.41 -20.37
C PHE A 662 11.16 -30.32 -19.62
N TRP A 663 12.38 -30.46 -20.13
CA TRP A 663 13.40 -31.29 -19.52
C TRP A 663 14.59 -30.42 -19.13
N ASP A 664 14.87 -30.34 -17.83
CA ASP A 664 15.90 -29.43 -17.34
C ASP A 664 17.29 -29.84 -17.82
N GLY A 665 17.55 -31.15 -17.89
CA GLY A 665 18.85 -31.64 -18.26
C GLY A 665 19.69 -32.13 -17.10
N LYS A 666 19.22 -31.99 -15.87
CA LYS A 666 19.97 -32.47 -14.71
C LYS A 666 20.01 -34.00 -14.68
N THR A 667 18.91 -34.64 -15.07
CA THR A 667 18.82 -36.09 -14.97
C THR A 667 19.84 -36.78 -15.87
N GLY A 668 20.00 -36.31 -17.10
CA GLY A 668 21.00 -36.87 -17.99
C GLY A 668 20.46 -37.38 -19.31
N ALA A 669 19.26 -37.95 -19.31
CA ALA A 669 18.65 -38.50 -20.52
C ALA A 669 17.22 -38.02 -20.64
N ALA A 670 16.92 -37.31 -21.73
CA ALA A 670 15.57 -36.86 -21.98
C ALA A 670 14.71 -38.02 -22.50
N PRO A 671 13.40 -37.96 -22.29
CA PRO A 671 12.52 -39.03 -22.79
C PRO A 671 12.57 -39.11 -24.32
N THR A 672 12.50 -40.34 -24.83
CA THR A 672 12.49 -40.59 -26.27
C THR A 672 11.16 -41.10 -26.78
N THR A 673 10.20 -41.35 -25.91
CA THR A 673 8.89 -41.86 -26.30
C THR A 673 7.80 -40.94 -25.77
N ASP A 674 6.58 -41.18 -26.23
CA ASP A 674 5.44 -40.37 -25.80
C ASP A 674 5.07 -40.65 -24.35
N ALA A 675 5.26 -41.89 -23.90
CA ALA A 675 4.87 -42.26 -22.54
C ALA A 675 5.68 -41.50 -21.50
N GLY A 676 7.00 -41.43 -21.69
CA GLY A 676 7.83 -40.73 -20.73
C GLY A 676 7.54 -39.24 -20.69
N TRP A 677 7.35 -38.62 -21.86
CA TRP A 677 7.01 -37.21 -21.91
C TRP A 677 5.65 -36.95 -21.26
N ALA A 678 4.69 -37.86 -21.46
CA ALA A 678 3.38 -37.72 -20.83
C ALA A 678 3.48 -37.84 -19.31
N ALA A 679 4.32 -38.77 -18.83
CA ALA A 679 4.53 -38.90 -17.39
C ALA A 679 5.18 -37.64 -16.83
N LEU A 680 6.11 -37.05 -17.58
CA LEU A 680 6.71 -35.79 -17.17
C LEU A 680 5.66 -34.68 -17.10
N ALA A 681 4.78 -34.61 -18.10
CA ALA A 681 3.74 -33.58 -18.12
C ALA A 681 2.76 -33.76 -16.97
N GLY A 682 2.41 -35.00 -16.64
CA GLY A 682 1.47 -35.23 -15.56
C GLY A 682 2.04 -34.86 -14.20
N SER A 683 3.35 -34.78 -14.10
CA SER A 683 4.02 -34.41 -12.85
C SER A 683 4.14 -32.88 -12.74
N ALA A 684 4.97 -32.44 -11.80
CA ALA A 684 5.12 -31.01 -11.55
C ALA A 684 5.97 -30.35 -12.64
N ASN A 685 6.77 -31.13 -13.36
CA ASN A 685 7.67 -30.54 -14.36
C ASN A 685 6.89 -29.95 -15.53
N GLY A 686 5.95 -30.71 -16.08
CA GLY A 686 5.13 -30.20 -17.16
C GLY A 686 4.13 -29.16 -16.68
N LYS A 687 3.80 -28.23 -17.56
CA LYS A 687 2.87 -27.16 -17.24
C LYS A 687 1.70 -27.16 -18.21
N GLY A 688 0.65 -26.43 -17.85
CA GLY A 688 -0.58 -26.45 -18.62
C GLY A 688 -1.02 -25.11 -19.16
N THR A 689 -1.69 -25.12 -20.31
CA THR A 689 -2.27 -23.93 -20.90
C THR A 689 -3.63 -24.29 -21.51
N SER A 690 -4.48 -23.28 -21.69
CA SER A 690 -5.79 -23.46 -22.29
C SER A 690 -5.92 -22.58 -23.52
N MET A 691 -6.58 -23.11 -24.55
CA MET A 691 -6.75 -22.37 -25.79
C MET A 691 -8.04 -21.55 -25.75
N ALA A 692 -7.89 -20.22 -25.79
CA ALA A 692 -9.06 -19.36 -25.79
C ALA A 692 -9.87 -19.57 -27.07
N PRO A 693 -11.20 -19.50 -26.97
CA PRO A 693 -12.03 -19.75 -28.17
C PRO A 693 -11.71 -18.76 -29.27
N GLY A 694 -11.55 -19.28 -30.48
CA GLY A 694 -11.22 -18.45 -31.63
C GLY A 694 -9.83 -17.85 -31.61
N SER A 695 -8.94 -18.33 -30.74
CA SER A 695 -7.60 -17.80 -30.60
C SER A 695 -6.59 -18.79 -31.15
N THR A 696 -5.58 -18.28 -31.85
CA THR A 696 -4.53 -19.12 -32.42
C THR A 696 -3.16 -18.85 -31.84
N THR A 697 -2.99 -17.78 -31.07
CA THR A 697 -1.71 -17.42 -30.47
C THR A 697 -1.71 -17.83 -29.02
N ALA A 698 -0.69 -18.59 -28.61
CA ALA A 698 -0.59 -19.09 -27.25
C ALA A 698 0.79 -18.81 -26.68
N THR A 699 0.82 -18.48 -25.38
CA THR A 699 2.04 -18.12 -24.67
C THR A 699 2.34 -19.19 -23.63
N CYS A 700 3.61 -19.57 -23.52
CA CYS A 700 4.04 -20.46 -22.44
C CYS A 700 5.47 -20.11 -22.05
N SER A 701 5.68 -19.77 -20.78
CA SER A 701 6.97 -19.29 -20.29
C SER A 701 7.45 -20.17 -19.15
N PHE A 702 8.77 -20.20 -18.92
CA PHE A 702 9.35 -21.03 -17.88
C PHE A 702 10.77 -20.60 -17.51
N THR A 703 11.23 -21.13 -16.38
CA THR A 703 12.48 -20.76 -15.72
C THR A 703 13.01 -21.92 -14.89
N PRO A 704 14.03 -22.66 -15.37
CA PRO A 704 14.60 -23.76 -14.60
C PRO A 704 15.82 -23.37 -13.77
N SER A 705 16.49 -24.36 -13.18
CA SER A 705 17.82 -24.19 -12.59
C SER A 705 18.75 -25.31 -13.05
N TYR A 706 20.04 -25.02 -13.14
CA TYR A 706 21.05 -25.99 -13.53
C TYR A 706 22.04 -26.22 -12.40
N SER A 707 22.51 -27.47 -12.27
CA SER A 707 23.61 -27.75 -11.36
C SER A 707 24.95 -27.40 -11.99
N THR A 708 25.08 -27.63 -13.30
CA THR A 708 26.30 -27.38 -14.05
C THR A 708 25.95 -26.82 -15.41
N THR A 709 26.65 -25.75 -15.81
CA THR A 709 26.43 -25.17 -17.12
C THR A 709 26.88 -26.13 -18.22
N GLY A 710 26.04 -26.31 -19.22
CA GLY A 710 26.37 -27.18 -20.34
C GLY A 710 25.91 -26.56 -21.64
N THR A 711 26.47 -27.07 -22.74
CA THR A 711 26.16 -26.54 -24.08
C THR A 711 24.81 -27.09 -24.53
N ALA A 712 23.78 -26.75 -23.76
CA ALA A 712 22.48 -27.38 -23.90
C ALA A 712 21.39 -26.32 -23.97
N THR A 713 20.34 -26.64 -24.71
CA THR A 713 19.08 -25.93 -24.74
C THR A 713 17.98 -26.93 -24.46
N PRO A 714 17.09 -26.70 -23.49
CA PRO A 714 16.33 -27.82 -22.92
C PRO A 714 15.24 -28.37 -23.85
N THR A 715 14.88 -29.62 -23.61
CA THR A 715 14.04 -30.35 -24.56
C THR A 715 12.58 -29.99 -24.38
N LEU A 716 11.89 -29.80 -25.51
CA LEU A 716 10.46 -29.48 -25.55
C LEU A 716 9.68 -30.73 -25.93
N GLN A 717 8.44 -30.84 -25.46
CA GLN A 717 7.45 -31.75 -26.03
C GLN A 717 6.06 -31.17 -25.83
N LEU A 718 5.23 -31.22 -26.87
CA LEU A 718 3.85 -30.79 -26.81
C LEU A 718 2.97 -32.02 -26.71
N ILE A 719 2.13 -32.09 -25.68
CA ILE A 719 1.25 -33.23 -25.48
C ILE A 719 -0.13 -32.71 -25.12
N GLN A 720 -1.16 -33.44 -25.52
CA GLN A 720 -2.52 -33.29 -25.00
C GLN A 720 -3.09 -34.69 -24.80
N ASN A 721 -3.69 -34.93 -23.63
CA ASN A 721 -4.09 -36.27 -23.25
C ASN A 721 -5.42 -36.24 -22.52
N SER A 722 -6.07 -37.42 -22.49
CA SER A 722 -7.31 -37.56 -21.75
C SER A 722 -7.03 -37.52 -20.25
N PHE A 723 -8.10 -37.34 -19.47
CA PHE A 723 -7.96 -37.21 -18.03
C PHE A 723 -7.43 -38.50 -17.42
N ALA A 724 -6.72 -38.37 -16.29
CA ALA A 724 -6.12 -39.46 -15.55
C ALA A 724 -4.99 -40.15 -16.30
N LEU A 725 -4.51 -39.56 -17.40
CA LEU A 725 -3.36 -40.06 -18.14
C LEU A 725 -3.57 -41.50 -18.61
N ASP A 726 -4.54 -41.68 -19.51
CA ASP A 726 -4.83 -43.02 -20.02
C ASP A 726 -3.89 -43.40 -21.16
N ALA A 727 -3.66 -42.48 -22.09
CA ALA A 727 -2.84 -42.76 -23.26
C ALA A 727 -1.93 -41.57 -23.54
N ALA A 728 -0.88 -41.81 -24.33
CA ALA A 728 0.10 -40.80 -24.69
C ALA A 728 0.02 -40.53 -26.19
N THR A 729 -0.08 -39.25 -26.56
CA THR A 729 -0.14 -38.84 -27.95
C THR A 729 0.58 -37.51 -28.12
N THR A 730 1.50 -37.45 -29.08
CA THR A 730 2.28 -36.26 -29.37
C THR A 730 2.09 -35.87 -30.82
N VAL A 731 1.98 -34.57 -31.09
CA VAL A 731 1.75 -34.09 -32.44
C VAL A 731 2.99 -33.42 -33.02
N GLY A 732 3.55 -32.44 -32.32
CA GLY A 732 4.69 -31.67 -32.81
C GLY A 732 5.94 -32.01 -32.01
N PHE A 733 7.09 -31.76 -32.62
CA PHE A 733 8.38 -32.03 -32.02
C PHE A 733 9.31 -30.84 -32.28
N LEU A 734 10.26 -30.61 -31.38
CA LEU A 734 11.22 -29.52 -31.58
C LEU A 734 12.61 -29.90 -31.08
N SER A 735 13.59 -29.18 -31.60
CA SER A 735 15.01 -29.33 -31.32
C SER A 735 15.54 -28.17 -30.50
N PRO A 736 16.57 -28.38 -29.70
CA PRO A 736 17.17 -27.28 -28.93
C PRO A 736 17.67 -26.17 -29.84
N VAL A 737 17.37 -24.93 -29.46
CA VAL A 737 17.82 -23.74 -30.17
C VAL A 737 18.99 -23.16 -29.39
N TYR A 738 20.18 -23.24 -29.96
CA TYR A 738 21.37 -22.69 -29.31
C TYR A 738 21.75 -21.34 -29.93
N ALA A 749 29.84 -20.12 -12.40
CA ALA A 749 29.01 -18.98 -12.00
C ALA A 749 29.88 -17.77 -11.66
N SER A 750 29.49 -17.05 -10.60
CA SER A 750 30.22 -15.88 -10.12
C SER A 750 30.37 -15.97 -8.61
N TYR A 751 31.47 -15.41 -8.10
CA TYR A 751 31.80 -15.47 -6.68
C TYR A 751 32.43 -14.16 -6.24
N THR A 752 32.29 -13.84 -4.95
CA THR A 752 32.93 -12.68 -4.34
C THR A 752 33.57 -13.10 -3.01
N ILE A 753 34.61 -12.39 -2.60
CA ILE A 753 35.37 -12.72 -1.41
C ILE A 753 35.63 -11.45 -0.60
N SER A 754 35.42 -11.53 0.72
CA SER A 754 35.79 -10.48 1.65
C SER A 754 36.68 -11.08 2.72
N SER A 755 37.87 -10.52 2.90
CA SER A 755 38.85 -11.06 3.84
C SER A 755 39.17 -10.01 4.89
N TYR A 756 39.03 -10.38 6.16
CA TYR A 756 39.36 -9.48 7.26
C TYR A 756 40.20 -10.22 8.31
N LEU A 757 41.10 -9.50 8.95
CA LEU A 757 42.08 -10.07 9.86
C LEU A 757 41.86 -9.47 11.25
N ASN A 758 41.78 -10.34 12.26
CA ASN A 758 41.53 -9.92 13.63
C ASN A 758 42.45 -10.69 14.58
N PRO A 759 43.30 -10.00 15.36
CA PRO A 759 43.53 -8.55 15.37
C PRO A 759 44.36 -8.09 14.18
N VAL A 760 44.14 -6.85 13.72
CA VAL A 760 44.87 -6.35 12.55
C VAL A 760 46.35 -6.19 12.87
N THR A 761 46.66 -5.64 14.03
CA THR A 761 48.03 -5.32 14.43
C THR A 761 48.74 -6.57 14.93
N PRO A 762 49.89 -6.91 14.36
CA PRO A 762 50.67 -8.02 14.91
C PRO A 762 51.13 -7.71 16.33
N VAL A 763 51.14 -8.74 17.17
CA VAL A 763 51.52 -8.61 18.57
C VAL A 763 52.73 -9.50 18.84
N ALA A 764 53.81 -8.90 19.33
CA ALA A 764 54.98 -9.67 19.71
C ALA A 764 54.80 -10.27 21.10
N GLY A 765 55.15 -11.54 21.24
CA GLY A 765 54.92 -12.24 22.50
C GLY A 765 53.46 -12.44 22.81
N GLY A 766 52.66 -12.82 21.81
CA GLY A 766 51.24 -13.02 22.01
C GLY A 766 50.69 -14.02 21.01
N ALA A 767 49.41 -14.34 21.20
CA ALA A 767 48.74 -15.32 20.34
C ALA A 767 48.63 -14.78 18.92
N ALA A 768 48.74 -15.70 17.95
CA ALA A 768 48.68 -15.32 16.56
C ALA A 768 47.29 -14.83 16.19
N ALA A 769 47.23 -13.96 15.18
CA ALA A 769 45.96 -13.43 14.72
C ALA A 769 45.22 -14.45 13.88
N VAL A 770 43.95 -14.17 13.61
CA VAL A 770 43.09 -15.05 12.81
C VAL A 770 42.59 -14.27 11.61
N TRP A 771 42.79 -14.83 10.42
CA TRP A 771 42.38 -14.19 9.18
C TRP A 771 41.23 -14.98 8.56
N ARG A 772 40.12 -14.30 8.31
CA ARG A 772 38.89 -14.95 7.88
C ARG A 772 38.51 -14.49 6.48
N ILE A 773 38.21 -15.45 5.62
CA ILE A 773 37.78 -15.21 4.25
C ILE A 773 36.33 -15.67 4.12
N VAL A 774 35.45 -14.77 3.69
CA VAL A 774 34.04 -15.06 3.49
C VAL A 774 33.75 -14.98 2.00
N ILE A 775 33.32 -16.10 1.43
CA ILE A 775 33.07 -16.23 0.01
C ILE A 775 31.56 -16.36 -0.20
N THR A 776 31.02 -15.53 -1.09
CA THR A 776 29.59 -15.47 -1.36
C THR A 776 29.34 -15.79 -2.84
N ARG A 777 28.34 -16.62 -3.09
CA ARG A 777 27.92 -17.00 -4.44
C ARG A 777 26.57 -16.37 -4.73
N ASN A 778 26.38 -15.90 -5.96
CA ASN A 778 25.08 -15.37 -6.35
C ASN A 778 24.02 -16.48 -6.40
N ALA A 779 24.46 -17.71 -6.58
CA ALA A 779 23.57 -18.84 -6.84
C ALA A 779 23.52 -19.75 -5.62
N ALA A 780 22.31 -20.16 -5.24
CA ALA A 780 22.14 -21.07 -4.11
C ALA A 780 22.54 -22.49 -4.49
N VAL A 781 23.13 -23.19 -3.52
CA VAL A 781 23.44 -24.60 -3.70
C VAL A 781 22.13 -25.39 -3.76
N THR A 782 21.97 -26.18 -4.82
CA THR A 782 20.70 -26.85 -5.08
C THR A 782 20.73 -28.34 -4.75
N ALA A 783 21.63 -29.10 -5.38
CA ALA A 783 21.60 -30.55 -5.28
C ALA A 783 22.45 -31.10 -4.14
N SER A 784 23.75 -30.81 -4.15
CA SER A 784 24.66 -31.38 -3.17
C SER A 784 25.57 -30.29 -2.61
N ALA A 785 26.00 -30.49 -1.37
CA ALA A 785 26.89 -29.54 -0.71
C ALA A 785 28.25 -29.51 -1.40
N LYS A 786 28.88 -28.33 -1.39
CA LYS A 786 30.15 -28.11 -2.06
C LYS A 786 31.24 -27.82 -1.04
N THR A 787 32.44 -28.34 -1.31
CA THR A 787 33.59 -28.11 -0.46
C THR A 787 34.63 -27.29 -1.22
N LEU A 788 35.04 -26.17 -0.62
CA LEU A 788 36.01 -25.27 -1.23
C LEU A 788 37.30 -25.28 -0.42
N THR A 789 38.43 -25.27 -1.13
CA THR A 789 39.74 -25.25 -0.49
C THR A 789 40.35 -23.86 -0.64
N CYS A 790 40.59 -23.21 0.48
CA CYS A 790 41.20 -21.88 0.52
C CYS A 790 42.69 -22.03 0.80
N GLN A 791 43.49 -21.45 -0.08
CA GLN A 791 44.94 -21.48 0.01
C GLN A 791 45.47 -20.06 0.00
N MET A 792 46.33 -19.73 0.95
CA MET A 792 46.90 -18.40 0.98
C MET A 792 48.38 -18.45 0.61
N PRO A 793 48.84 -17.58 -0.29
CA PRO A 793 50.27 -17.58 -0.64
C PRO A 793 51.12 -17.14 0.54
N ASP A 794 52.34 -17.66 0.59
CA ASP A 794 53.24 -17.35 1.70
C ASP A 794 53.67 -15.90 1.65
N ASN A 795 53.67 -15.25 2.81
CA ASN A 795 54.05 -13.85 2.93
C ASN A 795 55.52 -13.66 3.29
N GLY A 796 56.29 -14.74 3.42
CA GLY A 796 57.69 -14.66 3.74
C GLY A 796 58.03 -14.71 5.21
N GLN A 797 57.02 -14.75 6.10
CA GLN A 797 57.24 -14.81 7.54
C GLN A 797 56.52 -16.02 8.10
N GLY A 798 57.27 -16.90 8.76
CA GLY A 798 56.68 -18.06 9.41
C GLY A 798 56.26 -19.19 8.48
N GLY A 799 56.79 -19.23 7.26
CA GLY A 799 56.46 -20.29 6.33
C GLY A 799 55.07 -20.15 5.75
N SER A 800 54.73 -21.07 4.85
CA SER A 800 53.44 -21.03 4.19
C SER A 800 52.38 -21.71 5.05
N PRO A 801 51.31 -21.01 5.40
CA PRO A 801 50.24 -21.65 6.17
C PRO A 801 49.57 -22.78 5.38
N ALA A 802 49.11 -23.78 6.11
CA ALA A 802 48.47 -24.93 5.48
C ALA A 802 47.13 -24.55 4.88
N ASP A 803 46.74 -25.28 3.84
CA ASP A 803 45.47 -25.03 3.17
C ASP A 803 44.30 -25.39 4.09
N VAL A 804 43.16 -24.73 3.88
CA VAL A 804 41.98 -24.92 4.71
C VAL A 804 40.83 -25.41 3.84
N THR A 805 40.20 -26.51 4.25
CA THR A 805 39.07 -27.08 3.53
C THR A 805 37.79 -26.75 4.27
N ALA A 806 36.86 -26.06 3.60
CA ALA A 806 35.61 -25.62 4.21
C ALA A 806 34.43 -26.19 3.42
N ASP A 807 33.49 -26.79 4.14
CA ASP A 807 32.29 -27.37 3.55
C ASP A 807 31.14 -26.38 3.70
N ILE A 808 30.34 -26.25 2.65
CA ILE A 808 29.19 -25.35 2.65
C ILE A 808 27.93 -26.18 2.73
N ALA A 809 27.10 -25.90 3.75
CA ALA A 809 25.86 -26.65 3.93
C ALA A 809 24.91 -26.40 2.76
N VAL A 810 24.07 -27.39 2.47
CA VAL A 810 23.14 -27.28 1.36
C VAL A 810 22.19 -26.11 1.57
N GLY A 811 22.09 -25.25 0.56
CA GLY A 811 21.28 -24.06 0.65
C GLY A 811 22.02 -22.83 1.12
N GLY A 812 23.35 -22.87 1.19
CA GLY A 812 24.15 -21.75 1.64
C GLY A 812 25.09 -21.28 0.53
N THR A 813 25.04 -19.98 0.28
CA THR A 813 25.94 -19.35 -0.70
C THR A 813 27.20 -18.79 -0.05
N THR A 814 27.32 -18.88 1.27
CA THR A 814 28.41 -18.26 2.00
C THR A 814 29.26 -19.33 2.68
N THR A 815 30.58 -19.22 2.52
CA THR A 815 31.52 -20.12 3.19
C THR A 815 32.62 -19.31 3.84
N VAL A 816 33.21 -19.86 4.90
CA VAL A 816 34.22 -19.16 5.71
C VAL A 816 35.46 -20.03 5.78
N CYS A 817 36.62 -19.41 5.55
CA CYS A 817 37.92 -20.07 5.69
C CYS A 817 38.75 -19.31 6.73
N VAL A 818 39.39 -20.05 7.62
CA VAL A 818 40.12 -19.48 8.75
C VAL A 818 41.59 -19.84 8.62
N PHE A 819 42.45 -18.82 8.74
CA PHE A 819 43.90 -19.00 8.63
C PHE A 819 44.57 -18.40 9.86
N SER A 820 45.68 -19.01 10.27
CA SER A 820 46.50 -18.51 11.36
C SER A 820 47.97 -18.67 10.98
N ILE A 821 48.77 -17.65 11.23
CA ILE A 821 50.18 -17.62 10.84
C ILE A 821 51.02 -17.49 12.11
N ALA A 822 52.01 -18.38 12.27
CA ALA A 822 52.87 -18.32 13.44
C ALA A 822 53.82 -17.13 13.38
N GLY A 823 54.43 -16.88 12.23
CA GLY A 823 55.37 -15.80 12.05
C GLY A 823 54.75 -14.47 11.67
N TYR A 824 53.42 -14.36 11.70
CA TYR A 824 52.75 -13.12 11.34
C TYR A 824 53.12 -11.99 12.30
N THR A 825 53.52 -12.33 13.52
CA THR A 825 53.84 -11.30 14.51
C THR A 825 55.06 -10.48 14.08
N THR A 826 56.06 -11.12 13.50
CA THR A 826 57.26 -10.44 13.02
C THR A 826 57.16 -9.99 11.57
N ALA A 827 55.95 -9.91 11.01
CA ALA A 827 55.79 -9.58 9.60
C ALA A 827 56.18 -8.14 9.32
N THR A 828 56.91 -7.94 8.23
CA THR A 828 57.24 -6.60 7.77
C THR A 828 55.97 -5.91 7.27
N PRO A 829 55.79 -4.63 7.62
CA PRO A 829 54.59 -3.92 7.16
C PRO A 829 54.62 -3.73 5.64
N GLY A 830 53.51 -4.10 5.00
CA GLY A 830 53.41 -4.01 3.56
C GLY A 830 52.18 -4.71 3.01
N PRO A 831 52.05 -4.73 1.69
CA PRO A 831 50.86 -5.33 1.07
C PRO A 831 51.03 -6.80 0.72
N TYR A 832 49.98 -7.59 1.00
CA TYR A 832 49.91 -8.99 0.62
C TYR A 832 48.64 -9.23 -0.17
N PHE A 833 48.75 -10.05 -1.21
CA PHE A 833 47.63 -10.44 -2.05
C PHE A 833 47.42 -11.94 -1.93
N ALA A 834 46.16 -12.36 -1.91
CA ALA A 834 45.79 -13.76 -1.72
C ALA A 834 44.89 -14.21 -2.87
N THR A 835 45.21 -15.36 -3.45
CA THR A 835 44.43 -15.95 -4.54
C THR A 835 43.77 -17.23 -4.06
N VAL A 836 42.46 -17.32 -4.26
CA VAL A 836 41.65 -18.44 -3.78
C VAL A 836 40.94 -19.08 -4.97
N ASN A 837 41.04 -20.40 -5.09
CA ASN A 837 40.36 -21.15 -6.12
C ASN A 837 38.97 -21.57 -5.65
N VAL A 838 38.03 -21.63 -6.57
CA VAL A 838 36.64 -22.02 -6.29
C VAL A 838 36.22 -23.08 -7.30
N VAL A 839 35.63 -24.17 -6.81
CA VAL A 839 35.19 -25.28 -7.63
C VAL A 839 33.71 -25.51 -7.39
N ASP A 840 32.93 -25.61 -8.47
CA ASP A 840 31.50 -25.87 -8.37
C ASP A 840 31.03 -26.65 -9.61
N GLY A 841 30.68 -27.90 -9.40
CA GLY A 841 30.16 -28.72 -10.49
C GLY A 841 31.18 -28.93 -11.59
N ALA A 842 30.71 -28.87 -12.84
CA ALA A 842 31.59 -29.07 -13.98
C ALA A 842 32.53 -27.89 -14.17
N VAL A 843 32.01 -26.67 -14.07
CA VAL A 843 32.85 -25.49 -14.16
C VAL A 843 33.79 -25.44 -12.96
N THR A 844 35.09 -25.33 -13.24
CA THR A 844 36.13 -25.59 -12.25
C THR A 844 37.20 -24.49 -12.31
N THR A 845 37.93 -24.33 -11.20
CA THR A 845 39.10 -23.47 -11.11
C THR A 845 38.80 -22.00 -11.42
N SER A 846 38.01 -21.36 -10.57
CA SER A 846 37.78 -19.92 -10.64
C SER A 846 38.82 -19.21 -9.79
N HIS A 847 39.32 -18.07 -10.27
CA HIS A 847 40.38 -17.33 -9.60
C HIS A 847 39.79 -16.07 -8.97
N ILE A 848 40.07 -15.85 -7.69
CA ILE A 848 39.69 -14.63 -6.99
C ILE A 848 40.90 -14.13 -6.21
N THR A 849 41.29 -12.87 -6.46
CA THR A 849 42.43 -12.25 -5.81
C THR A 849 41.95 -11.10 -4.94
N LYS A 850 42.36 -11.13 -3.66
CA LYS A 850 42.01 -10.08 -2.70
C LYS A 850 43.28 -9.50 -2.13
N ASN A 851 43.32 -8.18 -1.99
CA ASN A 851 44.52 -7.46 -1.60
C ASN A 851 44.31 -6.79 -0.25
N PHE A 852 45.34 -6.81 0.60
CA PHE A 852 45.31 -6.13 1.88
C PHE A 852 46.72 -5.64 2.20
N THR A 853 46.82 -4.83 3.25
CA THR A 853 48.11 -4.31 3.72
C THR A 853 48.19 -4.42 5.23
N VAL A 854 49.22 -5.09 5.72
CA VAL A 854 49.40 -5.35 7.15
C VAL A 854 50.49 -4.44 7.68
N LEU A 855 50.15 -3.68 8.71
CA LEU A 855 51.11 -2.80 9.38
C LEU A 855 51.92 -3.61 10.40
N ALA A 856 52.83 -2.90 11.07
CA ALA A 856 53.60 -3.46 12.18
C ALA A 856 53.45 -2.56 13.39
N SER A 857 52.74 -3.04 14.40
CA SER A 857 52.53 -2.30 15.63
C SER A 857 53.66 -2.49 16.64
N GLY A 858 54.64 -3.34 16.33
CA GLY A 858 55.73 -3.58 17.25
C GLY A 858 55.31 -4.41 18.45
N THR A 859 56.09 -4.29 19.51
CA THR A 859 55.82 -5.01 20.75
C THR A 859 54.59 -4.48 21.48
N THR A 860 54.10 -3.29 21.10
CA THR A 860 52.95 -2.70 21.78
C THR A 860 51.68 -3.49 21.50
N ALA A 861 50.82 -3.55 22.52
CA ALA A 861 49.55 -4.24 22.43
C ALA A 861 48.41 -3.22 22.42
N PRO A 862 47.62 -3.15 21.35
CA PRO A 862 46.56 -2.15 21.29
C PRO A 862 45.40 -2.52 22.20
N THR A 863 44.51 -1.55 22.41
CA THR A 863 43.32 -1.74 23.23
C THR A 863 42.19 -0.86 22.70
N TYR A 864 40.96 -1.29 22.98
CA TYR A 864 39.76 -0.58 22.54
C TYR A 864 39.03 -0.04 23.75
N ALA A 865 38.64 1.23 23.70
CA ALA A 865 37.94 1.88 24.80
C ALA A 865 36.50 2.15 24.40
N VAL A 866 35.56 1.70 25.22
CA VAL A 866 34.13 1.81 24.94
C VAL A 866 33.51 2.74 25.98
N THR A 867 32.78 3.76 25.51
CA THR A 867 32.05 4.66 26.37
C THR A 867 30.61 4.74 25.88
N SER A 868 29.66 4.86 26.81
CA SER A 868 28.25 4.85 26.49
C SER A 868 27.59 6.12 27.02
N VAL A 869 26.74 6.74 26.20
CA VAL A 869 25.94 7.88 26.66
C VAL A 869 24.53 7.74 26.10
N VAL A 870 23.61 8.43 26.76
CA VAL A 870 22.22 8.60 26.30
C VAL A 870 21.85 10.06 26.49
N SER A 871 21.32 10.68 25.45
CA SER A 871 20.84 12.05 25.60
C SER A 871 19.66 12.17 26.56
N PRO A 872 18.59 11.37 26.46
CA PRO A 872 17.49 11.52 27.43
C PRO A 872 17.91 11.25 28.86
N ALA A 873 18.78 10.26 29.09
CA ALA A 873 19.34 9.93 30.41
C ALA A 873 18.18 9.46 31.31
N THR A 874 17.97 10.07 32.47
CA THR A 874 17.06 9.60 33.50
C THR A 874 15.92 10.59 33.68
N PRO A 875 14.67 10.13 33.91
CA PRO A 875 14.16 8.75 33.96
C PRO A 875 13.39 8.33 32.71
N VAL A 876 13.32 7.03 32.44
CA VAL A 876 12.65 6.53 31.25
C VAL A 876 11.31 5.90 31.61
N LYS A 877 10.28 6.25 30.86
CA LYS A 877 8.96 5.66 31.08
C LYS A 877 8.90 4.24 30.52
N VAL A 878 7.97 3.44 31.05
CA VAL A 878 7.76 2.11 30.50
C VAL A 878 7.25 2.23 29.07
N SER A 879 7.79 1.40 28.18
CA SER A 879 7.33 1.32 26.80
C SER A 879 7.47 2.67 26.07
N THR A 880 8.66 3.25 26.12
CA THR A 880 8.97 4.49 25.44
C THR A 880 10.30 4.36 24.68
N PRO A 881 10.47 5.10 23.59
CA PRO A 881 11.75 5.00 22.85
C PRO A 881 12.91 5.58 23.64
N VAL A 882 14.03 4.85 23.63
CA VAL A 882 15.28 5.28 24.26
C VAL A 882 16.41 5.03 23.28
N THR A 883 17.28 6.03 23.11
CA THR A 883 18.38 5.95 22.16
C THR A 883 19.71 5.87 22.92
N TYR A 884 20.51 4.86 22.59
CA TYR A 884 21.82 4.65 23.19
C TYR A 884 22.88 4.93 22.14
N THR A 885 23.92 5.69 22.51
CA THR A 885 25.03 5.94 21.60
C THR A 885 26.34 5.56 22.28
N PHE A 886 27.09 4.67 21.63
CA PHE A 886 28.35 4.16 22.15
C PHE A 886 29.49 4.63 21.26
N THR A 887 30.51 5.23 21.86
CA THR A 887 31.74 5.62 21.18
C THR A 887 32.81 4.58 21.48
N ILE A 888 33.34 3.97 20.42
CA ILE A 888 34.46 3.03 20.50
C ILE A 888 35.68 3.74 19.93
N THR A 889 36.77 3.75 20.69
CA THR A 889 37.95 4.57 20.39
C THR A 889 39.23 3.76 20.58
N ARG A 890 40.31 4.26 19.99
CA ARG A 890 41.62 3.63 20.03
C ARG A 890 42.68 4.73 20.07
N THR A 891 43.24 4.99 21.25
CA THR A 891 44.07 6.19 21.45
C THR A 891 45.30 6.17 20.54
N THR A 892 46.00 5.05 20.48
CA THR A 892 47.20 4.99 19.66
C THR A 892 46.88 5.21 18.19
N ALA A 893 45.69 4.79 17.76
CA ALA A 893 45.23 4.98 16.37
C ALA A 893 46.26 4.47 15.37
N VAL A 894 46.52 3.16 15.40
CA VAL A 894 47.58 2.60 14.56
C VAL A 894 47.15 2.30 13.14
N PRO A 895 45.94 1.80 12.84
CA PRO A 895 45.60 1.54 11.44
C PRO A 895 45.46 2.84 10.66
N ALA A 896 46.13 2.91 9.51
CA ALA A 896 46.10 4.11 8.69
C ALA A 896 45.41 3.88 7.35
N GLY A 897 45.94 2.98 6.51
CA GLY A 897 45.38 2.82 5.19
C GLY A 897 44.99 1.41 4.76
N GLY A 898 45.60 0.39 5.37
CA GLY A 898 45.57 -0.92 4.76
C GLY A 898 44.30 -1.70 5.03
N ILE A 899 44.04 -2.04 6.28
CA ILE A 899 42.99 -2.98 6.65
C ILE A 899 41.92 -2.23 7.44
N PRO A 900 40.68 -2.15 6.95
CA PRO A 900 39.59 -1.70 7.81
C PRO A 900 39.00 -2.87 8.60
N GLN A 901 38.87 -2.71 9.92
CA GLN A 901 38.47 -3.80 10.79
C GLN A 901 36.99 -3.65 11.15
N PRO A 902 36.09 -4.35 10.48
CA PRO A 902 34.67 -4.20 10.80
C PRO A 902 34.38 -4.65 12.21
N ILE A 903 33.37 -4.02 12.82
CA ILE A 903 33.04 -4.20 14.22
C ILE A 903 31.58 -4.64 14.29
N ILE A 904 31.27 -5.53 15.22
CA ILE A 904 29.89 -5.83 15.57
C ILE A 904 29.66 -5.48 17.02
N CYS A 905 28.72 -4.57 17.27
CA CYS A 905 28.31 -4.21 18.61
C CYS A 905 26.94 -4.81 18.90
N GLU A 906 26.87 -5.56 19.99
CA GLU A 906 25.65 -6.17 20.48
C GLU A 906 25.22 -5.46 21.76
N PHE A 907 23.93 -5.19 21.88
CA PHE A 907 23.37 -4.52 23.05
C PHE A 907 22.49 -5.50 23.81
N PHE A 908 22.61 -5.50 25.14
CA PHE A 908 21.79 -6.31 26.02
C PHE A 908 21.24 -5.44 27.13
N ASN A 909 19.92 -5.44 27.30
CA ASN A 909 19.24 -4.69 28.34
C ASN A 909 18.88 -5.62 29.49
N GLY A 910 18.42 -5.06 30.59
CA GLY A 910 18.14 -5.84 31.78
C GLY A 910 16.89 -6.70 31.70
N GLU A 911 16.85 -7.60 30.70
CA GLU A 911 15.71 -8.51 30.60
C GLU A 911 15.74 -9.55 31.73
N GLY A 912 16.92 -9.86 32.24
CA GLY A 912 17.06 -10.76 33.37
C GLY A 912 17.10 -12.23 33.05
N THR A 913 16.94 -12.61 31.78
CA THR A 913 16.99 -14.02 31.41
C THR A 913 18.38 -14.61 31.67
N ALA A 914 19.42 -13.86 31.31
CA ALA A 914 20.81 -14.30 31.47
C ALA A 914 21.06 -15.65 30.78
N ALA A 931 19.71 -9.53 19.74
CA ALA A 931 19.20 -8.35 20.43
C ALA A 931 19.65 -7.07 19.73
N ASP A 932 19.13 -6.84 18.53
CA ASP A 932 19.45 -5.65 17.73
C ASP A 932 20.96 -5.55 17.49
N THR A 933 21.59 -6.70 17.26
CA THR A 933 23.00 -6.74 16.88
C THR A 933 23.25 -5.92 15.62
N VAL A 934 24.23 -5.03 15.66
CA VAL A 934 24.49 -4.17 14.51
C VAL A 934 25.99 -4.10 14.23
N VAL A 935 26.34 -3.92 12.96
CA VAL A 935 27.71 -4.01 12.46
C VAL A 935 28.06 -2.69 11.78
N ALA A 936 29.26 -2.18 12.06
CA ALA A 936 29.77 -0.96 11.45
C ALA A 936 31.19 -1.16 10.97
N VAL A 937 31.50 -0.69 9.76
CA VAL A 937 32.84 -0.81 9.19
C VAL A 937 33.74 0.30 9.71
N MET A 938 34.80 -0.08 10.42
CA MET A 938 35.79 0.86 10.95
C MET A 938 36.48 1.64 9.84
N ALA A 939 36.24 2.94 9.82
CA ALA A 939 36.84 3.82 8.84
C ALA A 939 38.30 4.10 9.21
N PRO A 940 39.22 3.88 8.26
CA PRO A 940 40.65 3.99 8.62
C PRO A 940 41.15 5.38 8.98
N GLY A 941 40.35 6.44 8.81
CA GLY A 941 40.79 7.73 9.30
C GLY A 941 40.38 7.98 10.74
N GLU A 942 39.08 7.89 11.02
CA GLU A 942 38.52 8.17 12.33
C GLU A 942 38.51 6.92 13.19
N THR A 943 38.87 7.09 14.46
CA THR A 943 38.96 5.95 15.37
C THR A 943 37.71 5.83 16.23
N THR A 944 36.76 6.75 16.08
CA THR A 944 35.54 6.68 16.87
C THR A 944 34.41 6.05 16.06
N THR A 945 33.91 4.93 16.55
CA THR A 945 32.75 4.25 15.97
C THR A 945 31.56 4.51 16.89
N THR A 946 30.45 4.94 16.28
CA THR A 946 29.27 5.34 17.01
C THR A 946 28.14 4.36 16.76
N CYS A 947 27.91 3.48 17.71
CA CYS A 947 26.80 2.53 17.65
C CYS A 947 25.56 3.19 18.23
N THR A 948 24.47 3.18 17.47
CA THR A 948 23.20 3.77 17.88
C THR A 948 22.16 2.67 17.99
N PHE A 949 21.60 2.50 19.20
CA PHE A 949 20.61 1.46 19.47
C PHE A 949 19.36 2.04 20.10
N THR A 950 18.32 1.20 20.17
CA THR A 950 17.09 1.49 20.90
C THR A 950 16.72 0.24 21.70
N THR A 951 16.25 0.44 22.93
CA THR A 951 16.03 -0.69 23.83
C THR A 951 14.55 -0.99 24.03
N TYR A 952 13.72 0.04 24.22
CA TYR A 952 12.27 -0.12 24.40
C TYR A 952 11.93 -1.05 25.55
N TYR A 953 12.27 -0.62 26.77
CA TYR A 953 11.94 -1.37 27.97
C TYR A 953 10.43 -1.53 28.11
N THR A 954 10.00 -2.69 28.61
CA THR A 954 8.59 -2.98 28.83
C THR A 954 8.29 -3.49 30.23
N THR A 955 9.23 -3.37 31.16
CA THR A 955 9.04 -3.84 32.52
C THR A 955 9.40 -2.75 33.51
N VAL A 956 8.88 -2.88 34.73
CA VAL A 956 9.18 -1.90 35.78
C VAL A 956 10.66 -1.99 36.15
N SER A 957 11.18 -0.89 36.70
CA SER A 957 12.61 -0.81 36.99
C SER A 957 13.04 -1.86 38.02
N ALA A 958 12.27 -2.00 39.11
CA ALA A 958 12.60 -2.90 40.21
C ALA A 958 14.01 -2.62 40.73
N GLY A 959 14.35 -1.34 40.85
CA GLY A 959 15.66 -0.92 41.31
C GLY A 959 16.63 -0.51 40.24
N GLY A 960 16.20 -0.45 38.98
CA GLY A 960 17.08 -0.04 37.90
C GLY A 960 17.53 -1.19 37.02
N PHE A 961 18.10 -0.81 35.88
CA PHE A 961 18.60 -1.76 34.90
C PHE A 961 19.91 -1.26 34.31
N THR A 962 20.72 -2.20 33.84
CA THR A 962 22.04 -1.91 33.29
C THR A 962 22.10 -2.36 31.83
N ALA A 963 22.74 -1.57 30.99
CA ALA A 963 22.92 -1.88 29.59
C ALA A 963 24.35 -2.36 29.35
N LYS A 964 24.50 -3.48 28.65
CA LYS A 964 25.81 -4.09 28.41
C LYS A 964 26.06 -4.22 26.93
N LEU A 965 27.24 -3.80 26.49
CA LEU A 965 27.63 -3.83 25.09
C LEU A 965 28.76 -4.83 24.90
N MET A 966 28.68 -5.63 23.84
CA MET A 966 29.71 -6.62 23.54
C MET A 966 30.22 -6.39 22.12
N VAL A 967 31.53 -6.56 21.93
CA VAL A 967 32.20 -6.25 20.68
C VAL A 967 32.76 -7.53 20.08
N PHE A 968 32.48 -7.76 18.80
CA PHE A 968 33.01 -8.90 18.04
C PHE A 968 33.73 -8.37 16.81
N GLY A 969 34.93 -8.92 16.56
CA GLY A 969 35.67 -8.53 15.36
C GLY A 969 35.09 -9.13 14.09
N GLU A 970 34.55 -10.34 14.19
CA GLU A 970 33.91 -10.96 13.03
C GLU A 970 32.63 -10.21 12.68
N SER A 971 32.36 -10.08 11.38
CA SER A 971 31.25 -9.26 10.92
C SER A 971 30.49 -9.97 9.80
N ALA A 972 29.22 -9.62 9.69
CA ALA A 972 28.34 -10.00 8.57
C ALA A 972 28.35 -11.53 8.44
N THR A 973 28.51 -12.08 7.24
CA THR A 973 28.47 -13.52 7.04
C THR A 973 29.87 -14.10 7.08
N THR A 984 30.16 -15.29 15.63
CA THR A 984 30.86 -14.58 16.70
C THR A 984 31.82 -15.49 17.50
N PRO A 985 32.80 -16.08 16.82
CA PRO A 985 33.68 -17.04 17.52
C PRO A 985 34.58 -16.41 18.57
N SER A 986 35.34 -15.38 18.20
CA SER A 986 36.39 -14.84 19.04
C SER A 986 35.95 -13.53 19.66
N GLN A 987 36.31 -13.33 20.93
CA GLN A 987 35.94 -12.10 21.64
C GLN A 987 36.96 -11.01 21.36
N LEU A 988 36.48 -9.82 21.04
CA LEU A 988 37.37 -8.68 20.81
C LEU A 988 37.53 -7.80 22.05
N LEU A 989 36.70 -8.00 23.07
CA LEU A 989 36.87 -7.33 24.35
C LEU A 989 37.23 -8.36 25.41
N ALA A 990 38.22 -8.04 26.24
CA ALA A 990 38.59 -8.95 27.33
C ALA A 990 37.47 -9.06 28.36
N ALA A 991 36.73 -7.96 28.59
CA ALA A 991 35.63 -7.94 29.54
C ALA A 991 34.48 -7.14 28.96
N VAL A 992 33.26 -7.49 29.39
CA VAL A 992 32.08 -6.75 28.99
C VAL A 992 31.99 -5.46 29.79
N HIS A 993 31.43 -4.42 29.19
CA HIS A 993 31.34 -3.10 29.80
C HIS A 993 29.87 -2.74 30.01
N SER A 994 29.50 -2.50 31.28
CA SER A 994 28.15 -2.08 31.61
C SER A 994 28.02 -0.56 31.50
N PHE A 995 26.78 -0.09 31.51
CA PHE A 995 26.53 1.35 31.39
C PHE A 995 26.97 2.07 32.65
N ALA A 996 27.46 3.31 32.46
CA ALA A 996 27.93 4.11 33.60
C ALA A 996 26.79 4.46 34.53
N THR A 997 25.63 4.82 33.98
CA THR A 997 24.48 5.20 34.77
C THR A 997 23.40 4.13 34.66
N PRO A 998 23.06 3.45 35.76
CA PRO A 998 21.95 2.49 35.70
C PRO A 998 20.66 3.16 35.27
N MET A 999 19.96 2.52 34.34
CA MET A 999 18.75 3.09 33.79
C MET A 999 17.62 3.03 34.82
N VAL A 1000 16.82 4.10 34.87
CA VAL A 1000 15.70 4.21 35.79
C VAL A 1000 14.41 4.18 34.98
N VAL A 1001 13.54 3.24 35.28
CA VAL A 1001 12.31 3.01 34.51
C VAL A 1001 11.12 3.45 35.35
N ALA A 1002 10.28 4.30 34.78
CA ALA A 1002 9.12 4.87 35.47
C ALA A 1002 7.84 4.19 34.99
N ALA A 1003 6.93 3.92 35.91
CA ALA A 1003 5.70 3.21 35.58
C ALA A 1003 4.79 4.09 34.73
N ALA A 1004 3.83 3.45 34.08
CA ALA A 1004 2.95 4.15 33.13
C ALA A 1004 2.01 5.11 33.85
N VAL A 1005 1.53 6.10 33.10
CA VAL A 1005 0.59 7.09 33.60
C VAL A 1005 -0.74 7.04 32.85
N VAL A 1006 -1.16 5.84 32.43
CA VAL A 1006 -2.37 5.71 31.63
C VAL A 1006 -3.58 6.14 32.45
N ALA A 1007 -4.62 6.62 31.75
CA ALA A 1007 -5.88 7.02 32.37
C ALA A 1007 -7.00 6.86 31.36
N VAL A 1008 -8.22 6.78 31.87
CA VAL A 1008 -9.41 6.69 31.03
C VAL A 1008 -9.68 8.06 30.44
N GLU A 1009 -9.51 8.19 29.12
CA GLU A 1009 -9.60 9.51 28.49
C GLU A 1009 -11.01 10.06 28.52
N SER A 1010 -12.01 9.22 28.23
CA SER A 1010 -13.39 9.68 28.17
C SER A 1010 -14.32 8.49 28.32
N THR A 1011 -15.61 8.80 28.54
CA THR A 1011 -16.66 7.79 28.62
C THR A 1011 -17.89 8.31 27.91
N THR A 1012 -18.48 7.46 27.06
CA THR A 1012 -19.65 7.86 26.27
C THR A 1012 -20.61 6.69 26.15
N ILE A 1013 -21.88 7.02 25.95
CA ILE A 1013 -22.94 6.03 25.77
C ILE A 1013 -23.59 6.29 24.41
N SER A 1014 -23.72 5.24 23.60
CA SER A 1014 -24.25 5.44 22.25
C SER A 1014 -25.75 5.77 22.24
N PRO A 1015 -26.66 4.99 22.87
CA PRO A 1015 -28.04 5.47 22.99
C PRO A 1015 -28.26 6.23 24.29
N ASN A 1016 -28.73 7.47 24.21
CA ASN A 1016 -28.91 8.28 25.41
C ASN A 1016 -29.70 9.53 25.06
N TYR A 1017 -30.50 9.99 26.04
CA TYR A 1017 -31.15 11.28 25.91
C TYR A 1017 -30.13 12.41 25.94
N ASN A 1018 -29.15 12.30 26.81
CA ASN A 1018 -28.01 13.21 26.91
C ASN A 1018 -26.79 12.39 27.29
N PRO A 1019 -25.58 12.89 27.01
CA PRO A 1019 -24.38 12.10 27.30
C PRO A 1019 -24.25 11.68 28.76
N THR A 1020 -24.71 12.52 29.69
CA THR A 1020 -24.57 12.19 31.11
C THR A 1020 -25.49 11.04 31.50
N THR A 1021 -26.76 11.09 31.11
CA THR A 1021 -27.74 10.13 31.57
C THR A 1021 -28.19 9.23 30.43
N PRO A 1022 -28.07 7.91 30.58
CA PRO A 1022 -28.58 6.99 29.55
C PRO A 1022 -30.07 6.73 29.70
N TYR A 1023 -30.61 6.01 28.73
CA TYR A 1023 -32.04 5.72 28.71
C TYR A 1023 -32.42 4.73 29.80
N THR A 1024 -33.72 4.71 30.15
CA THR A 1024 -34.19 3.83 31.20
C THR A 1024 -34.40 2.41 30.69
N ASN A 1025 -35.17 2.25 29.62
CA ASN A 1025 -35.52 0.92 29.11
C ASN A 1025 -34.51 0.39 28.12
N ILE A 1026 -33.90 1.26 27.32
CA ILE A 1026 -32.95 0.85 26.29
C ILE A 1026 -31.70 0.28 26.96
N PRO A 1027 -31.21 -0.89 26.53
CA PRO A 1027 -29.97 -1.47 27.11
C PRO A 1027 -28.71 -0.74 26.62
N THR A 1028 -28.41 0.37 27.27
CA THR A 1028 -27.40 1.28 26.78
C THR A 1028 -25.99 0.69 26.91
N TYR A 1029 -25.11 1.09 26.00
CA TYR A 1029 -23.74 0.61 25.97
C TYR A 1029 -22.80 1.71 26.46
N PHE A 1030 -22.00 1.38 27.47
CA PHE A 1030 -21.01 2.28 28.03
C PHE A 1030 -19.66 1.98 27.40
N THR A 1031 -18.99 3.01 26.89
CA THR A 1031 -17.70 2.88 26.25
C THR A 1031 -16.70 3.79 26.96
N PHE A 1032 -15.57 3.21 27.38
CA PHE A 1032 -14.49 3.94 28.03
C PHE A 1032 -13.28 3.93 27.11
N THR A 1033 -12.61 5.08 27.01
CA THR A 1033 -11.44 5.23 26.15
C THR A 1033 -10.19 5.37 27.02
N LEU A 1034 -9.22 4.49 26.78
CA LEU A 1034 -7.95 4.47 27.50
C LEU A 1034 -6.85 4.99 26.59
N LEU A 1035 -6.01 5.87 27.14
CA LEU A 1035 -4.87 6.44 26.41
C LEU A 1035 -3.59 6.11 27.17
N ARG A 1036 -2.58 5.64 26.43
CA ARG A 1036 -1.28 5.35 27.03
C ARG A 1036 -0.32 6.52 26.96
N ASP A 1037 -0.78 7.70 26.55
CA ASP A 1037 -0.02 8.95 26.67
C ASP A 1037 1.22 8.90 25.77
N PRO A 1038 2.24 9.73 25.98
CA PRO A 1038 3.48 9.60 25.18
C PRO A 1038 4.14 8.24 25.29
N PRO A 1039 3.97 7.49 26.42
CA PRO A 1039 4.51 6.11 26.32
C PRO A 1039 3.72 5.23 25.36
N VAL A 1040 3.89 5.51 24.07
CA VAL A 1040 3.24 4.71 23.01
C VAL A 1040 3.91 3.34 22.93
N PRO A 1041 3.15 2.25 22.87
CA PRO A 1041 3.77 0.92 22.72
C PRO A 1041 4.57 0.82 21.43
N PRO A 1042 5.74 0.20 21.47
CA PRO A 1042 6.52 0.03 20.24
C PRO A 1042 5.83 -0.89 19.26
N SER A 1043 6.06 -0.65 17.97
CA SER A 1043 5.48 -1.50 16.94
C SER A 1043 6.02 -2.92 17.03
N ALA A 1044 7.31 -3.07 17.28
CA ALA A 1044 7.94 -4.40 17.35
C ALA A 1044 8.02 -4.86 18.80
N SER A 1045 6.87 -5.29 19.32
CA SER A 1045 6.78 -5.79 20.68
C SER A 1045 5.51 -6.62 20.83
N SER A 1046 5.45 -7.35 21.93
CA SER A 1046 4.26 -8.15 22.23
C SER A 1046 3.09 -7.25 22.57
N GLY A 1047 1.88 -7.78 22.41
CA GLY A 1047 0.69 -7.01 22.72
C GLY A 1047 0.47 -6.93 24.22
N VAL A 1048 0.06 -5.74 24.68
CA VAL A 1048 -0.25 -5.48 26.08
C VAL A 1048 -1.76 -5.35 26.21
N GLN A 1049 -2.33 -5.96 27.24
CA GLN A 1049 -3.77 -5.97 27.44
C GLN A 1049 -4.11 -5.45 28.83
N PHE A 1050 -5.30 -4.86 28.95
CA PHE A 1050 -5.78 -4.29 30.20
C PHE A 1050 -7.14 -4.88 30.55
N ALA A 1051 -7.37 -5.05 31.85
CA ALA A 1051 -8.64 -5.55 32.37
C ALA A 1051 -9.40 -4.39 32.99
N CYS A 1052 -10.57 -4.09 32.42
CA CYS A 1052 -11.41 -2.98 32.85
C CYS A 1052 -12.71 -3.52 33.43
N ALA A 1053 -13.00 -3.13 34.67
CA ALA A 1053 -14.13 -3.68 35.43
C ALA A 1053 -14.92 -2.54 36.04
N LEU A 1054 -16.26 -2.65 36.03
CA LEU A 1054 -17.09 -1.57 36.54
C LEU A 1054 -18.21 -2.08 37.43
N TYR A 1055 -18.85 -1.15 38.12
CA TYR A 1055 -20.11 -1.36 38.82
C TYR A 1055 -21.08 -0.26 38.41
N THR A 1056 -22.23 -0.66 37.85
CA THR A 1056 -23.20 0.34 37.38
C THR A 1056 -23.94 0.99 38.53
N GLY A 1057 -23.86 0.40 39.73
CA GLY A 1057 -24.53 0.93 40.89
C GLY A 1057 -25.90 0.35 41.17
N GLN A 1058 -26.48 -0.40 40.25
CA GLN A 1058 -27.78 -1.03 40.44
C GLN A 1058 -27.59 -2.37 41.15
N ASN A 1059 -28.60 -2.78 41.91
CA ASN A 1059 -28.59 -4.06 42.60
C ASN A 1059 -29.63 -5.04 42.07
N VAL A 1060 -30.08 -4.86 40.82
CA VAL A 1060 -31.05 -5.77 40.24
C VAL A 1060 -30.41 -7.13 39.94
N ASN A 1061 -29.09 -7.16 39.89
CA ASN A 1061 -28.33 -8.29 39.38
C ASN A 1061 -27.28 -8.75 40.39
N PRO A 1062 -26.90 -10.06 40.36
CA PRO A 1062 -26.18 -10.66 41.49
C PRO A 1062 -26.42 -10.11 42.88
N ALA A 1063 -27.70 -9.89 43.21
CA ALA A 1063 -28.17 -9.67 44.59
C ALA A 1063 -27.47 -8.44 45.17
N SER A 1064 -26.80 -8.57 46.32
CA SER A 1064 -26.29 -7.43 47.07
C SER A 1064 -25.19 -6.69 46.30
N ALA A 1065 -25.07 -5.40 46.61
CA ALA A 1065 -24.04 -4.56 46.03
C ALA A 1065 -22.66 -4.99 46.53
N PRO A 1066 -21.61 -4.62 45.80
CA PRO A 1066 -20.25 -4.95 46.26
C PRO A 1066 -19.98 -4.35 47.64
N SER A 1067 -19.26 -5.13 48.46
CA SER A 1067 -19.06 -4.74 49.86
C SER A 1067 -18.28 -3.43 49.99
N ALA A 1068 -17.23 -3.27 49.20
CA ALA A 1068 -16.36 -2.11 49.32
C ALA A 1068 -15.95 -1.60 47.94
N ILE A 1069 -15.31 -0.43 47.94
CA ILE A 1069 -14.81 0.18 46.71
C ILE A 1069 -13.40 -0.29 46.38
N THR A 1070 -12.70 -0.91 47.35
CA THR A 1070 -11.31 -1.31 47.17
C THR A 1070 -11.13 -2.18 45.92
N ASP A 1071 -9.91 -2.14 45.38
CA ASP A 1071 -9.65 -2.78 44.09
C ASP A 1071 -9.76 -4.30 44.18
N ALA A 1072 -9.52 -4.86 45.36
CA ALA A 1072 -9.47 -6.32 45.50
C ALA A 1072 -10.80 -6.96 45.11
N VAL A 1073 -11.91 -6.42 45.63
CA VAL A 1073 -13.22 -6.97 45.28
C VAL A 1073 -13.58 -6.64 43.84
N TYR A 1074 -13.22 -5.45 43.37
CA TYR A 1074 -13.62 -5.02 42.03
C TYR A 1074 -12.96 -5.85 40.94
N LYS A 1075 -11.68 -6.18 41.10
CA LYS A 1075 -10.97 -6.90 40.04
C LYS A 1075 -11.39 -8.37 39.99
N THR A 1076 -11.74 -8.94 41.14
CA THR A 1076 -12.17 -10.33 41.16
C THR A 1076 -13.49 -10.52 40.43
N PHE A 1077 -14.46 -9.62 40.66
CA PHE A 1077 -15.82 -9.63 40.13
C PHE A 1077 -16.20 -10.83 39.27
N THR A 1078 -16.40 -10.62 37.98
CA THR A 1078 -16.78 -11.68 37.05
C THR A 1078 -16.12 -11.44 35.71
N ASP A 1079 -15.67 -12.52 35.07
CA ASP A 1079 -14.99 -12.45 33.79
C ASP A 1079 -16.05 -12.46 32.68
N VAL A 1080 -16.23 -11.33 32.03
CA VAL A 1080 -17.20 -11.18 30.95
C VAL A 1080 -16.52 -10.74 29.66
N THR A 1081 -15.28 -11.17 29.44
CA THR A 1081 -14.54 -10.74 28.25
C THR A 1081 -15.21 -11.24 26.97
N THR A 1082 -15.82 -12.43 27.02
CA THR A 1082 -16.63 -12.96 25.93
C THR A 1082 -17.99 -13.34 26.49
N ALA A 1083 -19.05 -12.80 25.90
CA ALA A 1083 -20.40 -12.96 26.43
C ALA A 1083 -21.34 -13.48 25.36
N VAL A 1084 -22.18 -14.44 25.72
CA VAL A 1084 -23.22 -14.91 24.83
C VAL A 1084 -24.44 -13.99 24.93
N ALA A 1085 -25.27 -13.99 23.89
CA ALA A 1085 -26.39 -13.06 23.82
C ALA A 1085 -27.35 -13.23 25.00
N THR A 1086 -27.65 -14.47 25.37
CA THR A 1086 -28.63 -14.77 26.42
C THR A 1086 -27.94 -15.54 27.54
N ASP A 1087 -26.76 -15.09 27.95
CA ASP A 1087 -26.04 -15.70 29.06
C ASP A 1087 -26.48 -15.19 30.41
N ALA A 1088 -27.31 -14.14 30.45
CA ALA A 1088 -27.90 -13.52 31.64
C ALA A 1088 -26.86 -12.77 32.47
N ASN A 1089 -25.58 -12.80 32.09
CA ASN A 1089 -24.58 -11.89 32.64
C ASN A 1089 -24.24 -10.76 31.67
N TYR A 1090 -24.92 -10.70 30.52
CA TYR A 1090 -24.65 -9.65 29.54
C TYR A 1090 -24.95 -8.27 30.10
N PHE A 1091 -26.06 -8.14 30.84
CA PHE A 1091 -26.44 -6.89 31.48
C PHE A 1091 -26.07 -6.86 32.96
N ALA A 1092 -25.00 -7.56 33.34
CA ALA A 1092 -24.58 -7.59 34.74
C ALA A 1092 -24.17 -6.20 35.20
N ASP A 1093 -24.63 -5.83 36.41
CA ASP A 1093 -24.26 -4.54 36.98
C ASP A 1093 -22.76 -4.46 37.22
N GLN A 1094 -22.18 -5.52 37.77
CA GLN A 1094 -20.74 -5.60 37.99
C GLN A 1094 -20.15 -6.57 36.99
N GLN A 1095 -19.31 -6.05 36.09
CA GLN A 1095 -18.72 -6.87 35.04
C GLN A 1095 -17.30 -6.42 34.78
N LEU A 1096 -16.43 -7.39 34.48
CA LEU A 1096 -15.04 -7.17 34.15
C LEU A 1096 -14.76 -7.76 32.77
N ARG A 1097 -14.11 -6.98 31.91
CA ARG A 1097 -13.73 -7.44 30.58
C ARG A 1097 -12.24 -7.22 30.39
N VAL A 1098 -11.66 -7.93 29.44
CA VAL A 1098 -10.23 -7.84 29.13
C VAL A 1098 -10.10 -7.45 27.66
N VAL A 1099 -9.36 -6.37 27.40
CA VAL A 1099 -9.21 -5.85 26.04
C VAL A 1099 -7.72 -5.65 25.77
N THR A 1100 -7.27 -6.09 24.59
CA THR A 1100 -5.86 -6.07 24.24
C THR A 1100 -5.57 -4.93 23.27
N MET A 1101 -4.60 -4.09 23.62
CA MET A 1101 -4.14 -3.04 22.72
C MET A 1101 -3.29 -3.64 21.61
N ALA A 1102 -3.59 -3.26 20.38
CA ALA A 1102 -2.80 -3.73 19.25
C ALA A 1102 -1.46 -2.99 19.21
N PRO A 1103 -0.43 -3.58 18.63
CA PRO A 1103 0.83 -2.86 18.46
C PRO A 1103 0.70 -1.73 17.46
N GLY A 1104 1.22 -0.57 17.83
CA GLY A 1104 1.19 0.61 16.97
C GLY A 1104 0.05 1.56 17.21
N THR A 1105 -0.94 1.20 18.03
CA THR A 1105 -2.08 2.05 18.33
C THR A 1105 -2.04 2.43 19.80
N GLY A 1106 -2.57 3.62 20.12
CA GLY A 1106 -2.47 4.10 21.48
C GLY A 1106 -3.79 4.04 22.24
N ARG A 1107 -4.90 4.16 21.54
CA ARG A 1107 -6.22 4.29 22.17
C ARG A 1107 -6.87 2.92 22.32
N VAL A 1108 -7.61 2.74 23.42
CA VAL A 1108 -8.24 1.48 23.78
C VAL A 1108 -9.71 1.73 24.04
N SER A 1109 -10.56 0.79 23.64
CA SER A 1109 -11.99 0.89 23.84
C SER A 1109 -12.47 -0.27 24.72
N CYS A 1110 -13.14 0.08 25.81
CA CYS A 1110 -13.83 -0.89 26.67
C CYS A 1110 -15.32 -0.70 26.51
N THR A 1111 -16.01 -1.76 26.06
CA THR A 1111 -17.43 -1.70 25.72
C THR A 1111 -18.22 -2.61 26.66
N PHE A 1112 -19.33 -2.08 27.19
CA PHE A 1112 -20.13 -2.81 28.16
C PHE A 1112 -21.61 -2.60 27.92
N PRO A 1113 -22.43 -3.65 28.00
CA PRO A 1113 -23.88 -3.47 27.93
C PRO A 1113 -24.51 -3.37 29.31
N THR A 1114 -25.46 -2.44 29.48
CA THR A 1114 -26.17 -2.26 30.74
C THR A 1114 -27.66 -2.15 30.46
N LEU A 1115 -28.46 -2.78 31.32
CA LEU A 1115 -29.92 -2.72 31.24
C LEU A 1115 -30.46 -2.26 32.59
N TYR A 1116 -31.27 -1.21 32.58
CA TYR A 1116 -31.80 -0.61 33.79
C TYR A 1116 -33.24 -1.05 33.98
N ALA A 1117 -33.53 -1.70 35.11
CA ALA A 1117 -34.89 -2.18 35.36
C ALA A 1117 -35.82 -1.04 35.72
N ALA A 1118 -35.37 -0.11 36.56
CA ALA A 1118 -36.21 0.97 37.05
C ALA A 1118 -35.48 2.30 36.92
N ALA A 1119 -36.25 3.37 37.02
CA ALA A 1119 -35.71 4.72 36.88
C ALA A 1119 -35.27 5.24 38.23
N GLY A 1120 -34.03 5.73 38.31
CA GLY A 1120 -33.49 6.28 39.52
C GLY A 1120 -32.03 6.66 39.41
N PRO A 1121 -31.51 7.38 40.40
CA PRO A 1121 -30.08 7.72 40.38
C PRO A 1121 -29.21 6.49 40.50
N PHE A 1122 -28.05 6.54 39.84
CA PHE A 1122 -27.09 5.45 39.88
C PHE A 1122 -25.68 6.02 39.87
N SER A 1123 -24.77 5.34 40.57
CA SER A 1123 -23.40 5.79 40.70
C SER A 1123 -22.47 4.78 40.03
N PRO A 1124 -21.98 5.05 38.83
CA PRO A 1124 -21.09 4.11 38.16
C PRO A 1124 -19.62 4.29 38.53
N LYS A 1125 -19.00 3.20 38.94
CA LYS A 1125 -17.59 3.17 39.31
C LYS A 1125 -16.85 2.34 38.28
N PHE A 1126 -15.63 2.75 37.93
CA PHE A 1126 -14.84 2.12 36.89
C PHE A 1126 -13.40 1.96 37.36
N PHE A 1127 -12.85 0.76 37.20
CA PHE A 1127 -11.49 0.41 37.61
C PHE A 1127 -10.76 -0.15 36.41
N VAL A 1128 -9.49 0.24 36.27
CA VAL A 1128 -8.63 -0.25 35.19
C VAL A 1128 -7.44 -0.92 35.86
N PHE A 1129 -7.06 -2.09 35.35
CA PHE A 1129 -5.90 -2.83 35.83
C PHE A 1129 -5.06 -3.28 34.65
N GLU A 1130 -3.75 -3.39 34.84
CA GLU A 1130 -2.92 -3.99 33.81
C GLU A 1130 -3.06 -5.51 33.83
N TYR A 1131 -3.32 -6.08 32.66
CA TYR A 1131 -3.59 -7.51 32.54
C TYR A 1131 -2.33 -8.20 32.03
N ALA A 1132 -1.74 -9.05 32.88
CA ALA A 1132 -0.55 -9.79 32.50
C ALA A 1132 -0.53 -11.11 33.26
N SER A 1133 -0.26 -12.19 32.52
CA SER A 1133 -0.13 -13.53 33.09
C SER A 1133 -1.40 -13.96 33.83
N SER A 1134 -2.47 -14.11 33.05
CA SER A 1134 -3.75 -14.63 33.56
C SER A 1134 -4.37 -13.70 34.59
N THR A 1135 -4.00 -13.87 35.86
CA THR A 1135 -4.55 -13.04 36.91
C THR A 1135 -4.27 -11.56 36.65
N VAL A 1136 -5.29 -10.74 36.86
CA VAL A 1136 -5.15 -9.31 36.59
C VAL A 1136 -4.18 -8.68 37.58
N GLY A 1137 -3.52 -7.62 37.15
CA GLY A 1137 -2.56 -6.92 37.98
C GLY A 1137 -3.22 -5.83 38.81
N ALA A 1138 -2.37 -5.00 39.42
CA ALA A 1138 -2.84 -3.90 40.23
C ALA A 1138 -3.44 -2.81 39.34
N ASN A 1139 -3.87 -1.72 39.99
CA ASN A 1139 -4.48 -0.62 39.27
C ASN A 1139 -3.45 0.08 38.40
N ALA A 1140 -3.79 0.29 37.12
CA ALA A 1140 -2.89 0.98 36.22
C ALA A 1140 -2.82 2.48 36.54
N LEU A 1141 -3.84 3.01 37.21
CA LEU A 1141 -3.83 4.41 37.62
C LEU A 1141 -2.83 4.62 38.75
N ALA A 1142 -2.36 5.86 38.86
CA ALA A 1142 -1.44 6.21 39.94
C ALA A 1142 -2.12 6.07 41.30
N VAL A 1143 -1.34 5.64 42.29
CA VAL A 1143 -1.79 5.41 43.67
C VAL A 1143 -2.70 4.18 43.71
N ALA A 1144 -2.60 3.41 44.79
CA ALA A 1144 -3.41 2.21 44.91
C ALA A 1144 -4.85 2.54 45.26
N ASP A 1145 -5.79 1.73 44.75
CA ASP A 1145 -7.21 1.85 45.06
C ASP A 1145 -7.75 3.22 44.67
N THR A 1146 -7.62 3.55 43.38
CA THR A 1146 -8.18 4.76 42.82
C THR A 1146 -9.21 4.38 41.74
N VAL A 1147 -10.44 4.84 41.94
CA VAL A 1147 -11.56 4.51 41.05
C VAL A 1147 -11.94 5.76 40.27
N THR A 1148 -12.33 5.57 39.02
CA THR A 1148 -12.94 6.65 38.26
C THR A 1148 -14.47 6.56 38.38
N SER A 1149 -15.06 7.55 39.02
CA SER A 1149 -16.49 7.57 39.28
C SER A 1149 -17.16 8.51 38.28
N LEU A 1150 -18.03 7.95 37.45
CA LEU A 1150 -18.74 8.77 36.47
C LEU A 1150 -19.74 9.67 37.18
N THR A 1151 -20.14 10.74 36.49
CA THR A 1151 -21.15 11.65 37.04
C THR A 1151 -22.46 10.91 37.23
N SER A 1152 -22.98 10.95 38.45
CA SER A 1152 -24.23 10.28 38.77
C SER A 1152 -25.37 10.86 37.92
N PHE A 1153 -26.27 9.98 37.48
CA PHE A 1153 -27.27 10.35 36.50
C PHE A 1153 -28.63 9.79 36.92
N THR A 1154 -29.68 10.40 36.38
CA THR A 1154 -31.04 9.90 36.49
C THR A 1154 -31.51 9.47 35.10
N THR A 1155 -31.91 8.21 34.97
CA THR A 1155 -32.32 7.68 33.67
C THR A 1155 -33.61 8.35 33.21
N GLN A 1156 -33.66 8.68 31.92
CA GLN A 1156 -34.80 9.37 31.34
C GLN A 1156 -35.69 8.39 30.60
N ALA A 1157 -36.91 8.82 30.29
CA ALA A 1157 -37.89 7.96 29.63
C ALA A 1157 -37.42 7.58 28.24
N ALA A 1158 -37.77 6.36 27.82
CA ALA A 1158 -37.37 5.88 26.51
C ALA A 1158 -38.45 6.20 25.48
N PRO A 1159 -38.13 6.94 24.42
CA PRO A 1159 -39.12 7.23 23.37
C PRO A 1159 -39.13 6.19 22.26
N THR A 1160 -40.27 6.02 21.58
CA THR A 1160 -40.40 5.08 20.48
C THR A 1160 -40.68 5.85 19.18
N PHE A 1161 -39.76 5.73 18.22
CA PHE A 1161 -39.89 6.39 16.92
C PHE A 1161 -38.90 5.76 15.97
N ILE A 1162 -39.38 5.23 14.85
CA ILE A 1162 -38.47 4.69 13.85
C ILE A 1162 -38.06 5.80 12.89
N THR A 1163 -36.82 6.25 12.99
CA THR A 1163 -36.27 7.25 12.07
C THR A 1163 -35.79 6.55 10.80
N GLY A 1164 -36.75 5.98 10.08
CA GLY A 1164 -36.47 5.19 8.91
C GLY A 1164 -36.89 5.87 7.62
N PRO A 1165 -36.45 5.31 6.49
CA PRO A 1165 -36.75 5.95 5.20
C PRO A 1165 -38.25 6.05 4.95
N THR A 1166 -38.59 6.91 3.99
CA THR A 1166 -39.99 7.18 3.69
C THR A 1166 -40.70 5.91 3.22
N ASN A 1167 -41.86 5.65 3.82
CA ASN A 1167 -42.54 4.36 3.76
C ASN A 1167 -43.82 4.48 2.96
N VAL A 1168 -44.33 3.33 2.50
CA VAL A 1168 -45.66 3.38 1.86
C VAL A 1168 -46.53 2.23 2.39
N PRO A 1169 -47.72 2.50 2.93
CA PRO A 1169 -48.67 1.42 3.22
C PRO A 1169 -49.20 0.74 1.96
N GLN A 1170 -50.12 -0.20 2.17
CA GLN A 1170 -50.62 -1.05 1.09
C GLN A 1170 -52.06 -0.69 0.73
N ARG A 1171 -52.23 -0.05 -0.43
CA ARG A 1171 -53.51 0.00 -1.14
C ARG A 1171 -54.65 0.58 -0.28
N VAL A 1172 -54.40 1.74 0.31
CA VAL A 1172 -55.41 2.33 1.19
C VAL A 1172 -56.54 2.91 0.35
N PRO A 1173 -57.80 2.72 0.72
CA PRO A 1173 -58.89 3.40 0.02
C PRO A 1173 -58.82 4.90 0.23
N LEU A 1174 -59.11 5.65 -0.84
CA LEU A 1174 -59.15 7.11 -0.80
C LEU A 1174 -60.24 7.63 -1.73
N PRO A 1175 -60.80 8.82 -1.47
CA PRO A 1175 -61.94 9.27 -2.28
C PRO A 1175 -61.59 9.56 -3.74
N LYS A 1176 -60.56 10.38 -4.01
CA LYS A 1176 -60.20 10.71 -5.38
C LYS A 1176 -58.82 11.34 -5.45
N GLY A 1177 -58.72 12.66 -5.24
CA GLY A 1177 -57.46 13.36 -5.41
C GLY A 1177 -56.37 12.91 -4.45
N PHE A 1178 -56.74 12.52 -3.23
CA PHE A 1178 -55.77 12.04 -2.25
C PHE A 1178 -55.02 10.85 -2.85
N ARG A 1179 -53.71 10.81 -2.64
CA ARG A 1179 -52.83 9.90 -3.35
C ARG A 1179 -51.75 9.41 -2.40
N THR A 1180 -51.47 8.10 -2.43
CA THR A 1180 -50.42 7.56 -1.57
C THR A 1180 -49.06 8.15 -1.96
N THR A 1181 -48.79 8.25 -3.25
CA THR A 1181 -47.51 8.68 -3.77
C THR A 1181 -47.69 9.45 -5.07
N CYS A 1182 -46.88 10.49 -5.24
CA CYS A 1182 -46.70 11.17 -6.52
C CYS A 1182 -45.37 10.72 -7.12
N PHE A 1183 -45.15 11.03 -8.39
CA PHE A 1183 -44.06 10.42 -9.14
C PHE A 1183 -43.16 11.47 -9.78
N ASP A 1184 -41.88 11.09 -9.96
CA ASP A 1184 -40.86 11.82 -10.71
C ASP A 1184 -40.88 13.33 -10.49
N GLY A 1185 -40.72 13.76 -9.24
CA GLY A 1185 -40.30 15.13 -8.99
C GLY A 1185 -41.27 16.04 -8.26
N TYR A 1186 -42.51 15.61 -8.08
CA TYR A 1186 -43.54 16.51 -7.56
C TYR A 1186 -43.60 16.43 -6.02
N GLU A 1187 -44.01 17.55 -5.42
CA GLU A 1187 -43.95 17.76 -3.97
C GLU A 1187 -45.34 17.73 -3.38
N LEU A 1188 -45.57 16.78 -2.49
CA LEU A 1188 -46.90 16.52 -1.94
C LEU A 1188 -47.50 17.77 -1.29
N ILE A 1189 -48.71 18.11 -1.71
CA ILE A 1189 -49.47 19.24 -1.16
C ILE A 1189 -50.74 18.70 -0.53
N PHE A 1190 -50.76 18.57 0.79
CA PHE A 1190 -51.99 18.21 1.49
C PHE A 1190 -52.87 19.45 1.43
N SER A 1191 -53.69 19.55 0.38
CA SER A 1191 -54.30 20.83 0.07
C SER A 1191 -55.62 20.61 -0.66
N ASN A 1192 -56.55 21.54 -0.40
CA ASN A 1192 -57.76 21.66 -1.20
C ASN A 1192 -57.51 22.40 -2.51
N ASP A 1193 -56.26 22.74 -2.83
CA ASP A 1193 -55.94 23.37 -4.10
C ASP A 1193 -55.79 22.32 -5.20
N ASN A 1194 -56.63 22.47 -6.23
CA ASN A 1194 -56.53 21.63 -7.41
C ASN A 1194 -55.18 21.82 -8.07
N TYR A 1195 -54.52 20.71 -8.41
CA TYR A 1195 -53.19 20.75 -8.99
C TYR A 1195 -53.02 19.59 -9.96
N THR A 1196 -53.38 19.82 -11.23
CA THR A 1196 -53.13 18.85 -12.28
C THR A 1196 -51.66 18.97 -12.66
N ASN A 1197 -50.94 17.86 -12.58
CA ASN A 1197 -49.47 17.85 -12.67
C ASN A 1197 -48.97 18.70 -11.51
N GLY A 1198 -48.26 19.80 -11.75
CA GLY A 1198 -47.76 20.66 -10.69
C GLY A 1198 -47.89 22.15 -10.92
N VAL A 1199 -48.80 22.59 -11.79
CA VAL A 1199 -49.00 24.00 -12.04
C VAL A 1199 -50.39 24.46 -11.63
N ARG A 1200 -50.96 23.86 -10.58
CA ARG A 1200 -52.30 24.16 -10.05
C ARG A 1200 -53.31 23.94 -11.17
N VAL A 1201 -54.31 24.82 -11.32
CA VAL A 1201 -55.40 24.95 -12.30
C VAL A 1201 -56.61 25.52 -11.55
N ALA A 1202 -57.40 24.67 -10.90
CA ALA A 1202 -58.64 25.10 -10.26
C ALA A 1202 -58.34 25.46 -8.82
N VAL A 1203 -59.31 26.10 -8.16
CA VAL A 1203 -59.09 26.60 -6.81
C VAL A 1203 -60.19 26.09 -5.87
N ASP A 1204 -59.81 25.86 -4.62
CA ASP A 1204 -60.72 25.45 -3.55
C ASP A 1204 -61.56 24.25 -4.01
N ALA A 1205 -60.90 23.31 -4.69
CA ALA A 1205 -61.62 22.27 -5.42
C ALA A 1205 -62.30 21.29 -4.48
N TYR A 1206 -61.53 20.61 -3.65
CA TYR A 1206 -62.20 19.49 -3.00
C TYR A 1206 -62.80 19.91 -1.66
N PRO A 1207 -63.94 19.30 -1.30
CA PRO A 1207 -64.57 19.62 -0.01
C PRO A 1207 -63.68 19.31 1.18
N TYR A 1208 -63.26 18.06 1.36
CA TYR A 1208 -62.31 17.81 2.42
C TYR A 1208 -60.91 17.66 1.84
N PRO A 1209 -59.88 18.07 2.58
CA PRO A 1209 -58.54 18.16 1.98
C PRO A 1209 -58.07 16.83 1.42
N VAL A 1210 -57.34 16.91 0.32
CA VAL A 1210 -56.86 15.74 -0.39
C VAL A 1210 -55.40 15.95 -0.77
N GLY A 1211 -54.74 14.84 -1.11
CA GLY A 1211 -53.35 14.87 -1.52
C GLY A 1211 -53.14 15.40 -2.92
N GLN A 1212 -52.12 16.22 -3.09
CA GLN A 1212 -51.78 16.82 -4.37
C GLN A 1212 -50.26 16.75 -4.48
N CYS A 1213 -49.72 17.42 -5.50
CA CYS A 1213 -48.28 17.61 -5.59
C CYS A 1213 -47.93 18.68 -6.61
N ARG A 1214 -47.01 19.56 -6.23
CA ARG A 1214 -46.56 20.69 -7.02
C ARG A 1214 -45.32 20.34 -7.84
N LYS A 1215 -45.03 21.19 -8.81
CA LYS A 1215 -43.82 21.03 -9.62
C LYS A 1215 -42.57 21.39 -8.84
N CYS A 1216 -42.71 22.18 -7.75
CA CYS A 1216 -41.61 22.72 -6.93
C CYS A 1216 -40.96 23.93 -7.61
N PRO A 1217 -40.08 24.66 -6.93
CA PRO A 1217 -39.39 25.79 -7.59
C PRO A 1217 -38.18 25.34 -8.38
N GLY A 1218 -37.41 26.33 -8.84
CA GLY A 1218 -36.22 26.03 -9.61
C GLY A 1218 -35.15 25.30 -8.81
N GLY A 1219 -34.79 25.82 -7.64
CA GLY A 1219 -33.55 25.43 -7.01
C GLY A 1219 -33.46 23.96 -6.64
N THR A 1220 -34.54 23.40 -6.10
CA THR A 1220 -34.48 22.04 -5.59
C THR A 1220 -34.91 21.03 -6.65
N ALA A 1221 -34.60 19.76 -6.39
CA ALA A 1221 -34.98 18.64 -7.24
C ALA A 1221 -35.45 17.49 -6.36
N THR A 1222 -36.36 16.67 -6.88
CA THR A 1222 -37.06 15.66 -6.09
C THR A 1222 -36.95 14.29 -6.75
N MET A 1223 -36.68 13.26 -5.95
CA MET A 1223 -36.76 11.87 -6.40
C MET A 1223 -37.77 11.14 -5.52
N ASP A 1224 -38.69 10.43 -6.16
CA ASP A 1224 -39.88 9.85 -5.53
C ASP A 1224 -40.74 10.94 -4.92
N GLY A 1225 -41.96 10.61 -4.51
CA GLY A 1225 -42.93 11.65 -4.21
C GLY A 1225 -42.94 12.22 -2.81
N TYR A 1226 -41.77 12.53 -2.25
CA TYR A 1226 -41.75 12.92 -0.84
C TYR A 1226 -41.06 14.25 -0.61
N ARG A 1227 -39.83 14.41 -1.12
CA ARG A 1227 -38.95 15.44 -0.58
C ARG A 1227 -38.35 16.28 -1.70
N CYS A 1228 -38.66 17.59 -1.65
CA CYS A 1228 -38.12 18.59 -2.56
C CYS A 1228 -36.79 19.11 -2.04
N ILE A 1229 -35.81 18.21 -1.99
CA ILE A 1229 -34.52 18.47 -1.34
C ILE A 1229 -33.64 19.26 -2.29
N PRO A 1230 -33.15 20.43 -1.89
CA PRO A 1230 -32.13 21.11 -2.71
C PRO A 1230 -30.88 20.25 -2.85
N CYS A 1231 -30.30 20.29 -4.04
CA CYS A 1231 -29.16 19.44 -4.39
C CYS A 1231 -27.90 19.97 -3.72
N PRO A 1232 -26.80 19.23 -3.77
CA PRO A 1232 -25.53 19.76 -3.24
C PRO A 1232 -24.99 20.92 -4.05
N SER A 1233 -23.83 21.42 -3.61
CA SER A 1233 -23.39 22.76 -4.00
C SER A 1233 -23.19 22.91 -5.50
N GLY A 1234 -22.49 21.97 -6.14
CA GLY A 1234 -22.01 22.20 -7.49
C GLY A 1234 -23.11 22.40 -8.51
N TYR A 1235 -24.33 22.00 -8.18
CA TYR A 1235 -25.37 21.91 -9.20
C TYR A 1235 -26.42 23.02 -9.08
N TRP A 1236 -27.43 22.93 -9.94
CA TRP A 1236 -28.58 23.83 -10.03
C TRP A 1236 -29.70 23.08 -10.72
N SER A 1237 -30.93 23.58 -10.56
CA SER A 1237 -32.06 22.83 -11.07
C SER A 1237 -33.12 23.78 -11.63
N ASN A 1238 -34.05 23.19 -12.38
CA ASN A 1238 -35.24 23.89 -12.84
C ASN A 1238 -36.43 23.56 -11.94
N GLU A 1239 -37.61 23.97 -12.39
CA GLU A 1239 -38.82 23.82 -11.57
C GLU A 1239 -39.08 22.35 -11.24
N GLY A 1240 -39.35 21.53 -12.25
CA GLY A 1240 -39.82 20.19 -12.00
C GLY A 1240 -39.08 19.07 -12.69
N ALA A 1241 -37.79 19.24 -12.98
CA ALA A 1241 -36.99 18.13 -13.46
C ALA A 1241 -36.69 17.17 -12.31
N ARG A 1242 -36.33 15.93 -12.66
CA ARG A 1242 -36.04 14.93 -11.64
C ARG A 1242 -34.85 15.31 -10.79
N GLU A 1243 -33.72 15.62 -11.42
CA GLU A 1243 -32.45 15.79 -10.72
C GLU A 1243 -31.73 17.04 -11.23
N CYS A 1244 -30.89 17.62 -10.37
CA CYS A 1244 -30.08 18.76 -10.77
C CYS A 1244 -29.12 18.38 -11.88
N THR A 1245 -29.17 19.12 -12.99
CA THR A 1245 -28.28 18.88 -14.10
C THR A 1245 -26.87 19.37 -13.78
N ALA A 1246 -25.89 18.77 -14.45
CA ALA A 1246 -24.50 19.10 -14.18
C ALA A 1246 -24.13 20.44 -14.79
N CYS A 1247 -23.55 21.32 -13.96
CA CYS A 1247 -23.05 22.61 -14.41
C CYS A 1247 -21.77 22.44 -15.20
N PRO A 1248 -21.55 23.26 -16.22
CA PRO A 1248 -20.28 23.20 -16.96
C PRO A 1248 -19.08 23.42 -16.06
N ALA A 1249 -17.91 23.02 -16.55
CA ALA A 1249 -16.72 22.93 -15.70
C ALA A 1249 -16.33 24.27 -15.09
N GLY A 1250 -16.21 25.31 -15.93
CA GLY A 1250 -15.59 26.55 -15.47
C GLY A 1250 -16.46 27.35 -14.51
N THR A 1251 -17.78 27.14 -14.55
CA THR A 1251 -18.69 28.00 -13.83
C THR A 1251 -18.70 27.73 -12.33
N ILE A 1252 -19.54 28.48 -11.61
CA ILE A 1252 -19.55 28.44 -10.15
C ILE A 1252 -20.89 27.99 -9.58
N ALA A 1253 -21.99 28.18 -10.31
CA ALA A 1253 -23.28 27.55 -10.00
C ALA A 1253 -23.70 27.79 -8.55
N LYS A 1254 -23.44 28.99 -8.07
CA LYS A 1254 -23.79 29.33 -6.71
C LYS A 1254 -25.30 29.39 -6.54
N PRO A 1255 -25.85 28.92 -5.41
CA PRO A 1255 -27.25 29.22 -5.11
C PRO A 1255 -27.47 30.71 -4.87
N ALA A 1256 -28.45 31.27 -5.58
CA ALA A 1256 -28.68 32.71 -5.54
C ALA A 1256 -29.75 33.06 -4.51
N ALA A 1257 -29.81 34.35 -4.17
CA ALA A 1257 -30.63 34.81 -3.06
C ALA A 1257 -32.10 34.46 -3.25
N LEU A 1258 -32.73 34.01 -2.17
CA LEU A 1258 -34.14 33.66 -2.17
C LEU A 1258 -34.94 34.47 -1.17
N THR A 1259 -34.30 34.98 -0.12
CA THR A 1259 -35.01 35.66 0.97
C THR A 1259 -36.08 34.70 1.49
N ALA A 1260 -37.31 35.18 1.68
CA ALA A 1260 -38.37 34.32 2.20
C ALA A 1260 -39.72 34.86 1.75
N ARG A 1261 -40.76 34.40 2.44
CA ARG A 1261 -42.13 34.85 2.23
C ARG A 1261 -42.60 35.57 3.49
N ALA A 1262 -43.27 36.71 3.32
CA ALA A 1262 -43.57 37.56 4.46
C ALA A 1262 -45.03 37.45 4.90
N LYS A 1263 -45.97 37.49 3.94
CA LYS A 1263 -47.38 37.52 4.30
C LYS A 1263 -47.82 36.21 4.93
N TYR A 1264 -47.16 35.10 4.57
CA TYR A 1264 -47.33 33.74 5.08
C TYR A 1264 -48.61 33.08 4.55
N SER A 1265 -49.50 33.82 3.89
CA SER A 1265 -50.62 33.22 3.17
C SER A 1265 -50.33 33.02 1.70
N ILE A 1266 -49.21 33.56 1.20
CA ILE A 1266 -48.82 33.35 -0.18
C ILE A 1266 -48.39 31.90 -0.37
N ASP A 1267 -48.75 31.34 -1.52
CA ASP A 1267 -48.17 30.07 -1.96
C ASP A 1267 -46.66 30.11 -1.70
N PRO A 1268 -46.14 29.26 -0.82
CA PRO A 1268 -44.72 29.35 -0.44
C PRO A 1268 -43.78 29.25 -1.62
N THR A 1269 -42.73 30.07 -1.62
CA THR A 1269 -41.68 29.91 -2.62
C THR A 1269 -41.16 28.48 -2.60
N THR A 1270 -40.69 28.03 -1.44
CA THR A 1270 -40.37 26.64 -1.18
C THR A 1270 -40.45 26.43 0.33
N TYR A 1271 -39.96 25.27 0.80
CA TYR A 1271 -39.79 25.09 2.24
C TYR A 1271 -38.92 26.21 2.81
N HIS A 1272 -39.11 26.48 4.10
CA HIS A 1272 -38.56 27.70 4.70
C HIS A 1272 -37.03 27.64 4.82
N PHE A 1273 -36.47 26.45 5.03
CA PHE A 1273 -35.06 26.37 5.36
C PHE A 1273 -34.17 26.58 4.15
N VAL A 1274 -34.73 26.41 2.94
CA VAL A 1274 -33.93 26.57 1.74
C VAL A 1274 -33.57 28.04 1.58
N THR A 1275 -32.35 28.39 2.00
CA THR A 1275 -31.94 29.78 2.12
C THR A 1275 -31.71 30.47 0.78
N HIS A 1276 -31.08 29.81 -0.18
CA HIS A 1276 -30.73 30.44 -1.44
C HIS A 1276 -30.72 29.40 -2.54
N LEU A 1277 -31.19 29.78 -3.73
CA LEU A 1277 -31.43 28.82 -4.81
C LEU A 1277 -30.88 29.34 -6.13
N ALA A 1278 -30.54 28.39 -6.99
CA ALA A 1278 -29.92 28.66 -8.29
C ALA A 1278 -30.92 28.35 -9.40
N MET A 1279 -31.55 29.41 -9.95
CA MET A 1279 -32.72 29.29 -10.80
C MET A 1279 -32.32 29.26 -12.27
N GLY A 1280 -32.31 28.08 -12.86
CA GLY A 1280 -32.09 27.92 -14.28
C GLY A 1280 -30.63 28.01 -14.68
N PRO A 1281 -30.37 27.94 -15.99
CA PRO A 1281 -28.99 28.08 -16.46
C PRO A 1281 -28.37 29.43 -16.14
N GLU A 1282 -29.20 30.44 -15.86
CA GLU A 1282 -28.68 31.76 -15.50
C GLU A 1282 -27.97 31.74 -14.14
N SER A 1283 -27.86 30.57 -13.52
CA SER A 1283 -27.21 30.47 -12.22
C SER A 1283 -25.73 30.17 -12.35
N CYS A 1284 -25.36 29.27 -13.27
CA CYS A 1284 -23.96 28.92 -13.45
C CYS A 1284 -23.16 30.14 -13.86
N LYS A 1285 -22.23 30.55 -13.00
CA LYS A 1285 -21.46 31.76 -13.22
C LYS A 1285 -19.98 31.40 -13.33
N LYS A 1286 -19.32 31.90 -14.36
CA LYS A 1286 -17.94 31.53 -14.61
C LYS A 1286 -17.00 32.18 -13.61
N CYS A 1287 -15.71 31.93 -13.78
CA CYS A 1287 -14.69 32.53 -12.95
C CYS A 1287 -14.12 33.78 -13.63
N PRO A 1288 -13.52 34.71 -12.88
CA PRO A 1288 -12.87 35.86 -13.51
C PRO A 1288 -11.59 35.43 -14.22
N LYS A 1289 -10.83 36.44 -14.65
CA LYS A 1289 -9.65 36.18 -15.46
C LYS A 1289 -8.41 36.01 -14.59
N GLY A 1290 -7.95 34.77 -14.47
CA GLY A 1290 -6.86 34.41 -13.58
C GLY A 1290 -7.16 33.32 -12.57
N TYR A 1291 -8.14 32.46 -12.83
CA TYR A 1291 -8.47 31.30 -12.00
C TYR A 1291 -8.80 30.16 -12.94
N PHE A 1292 -8.43 28.93 -12.59
CA PHE A 1292 -8.72 27.78 -13.45
C PHE A 1292 -9.66 26.83 -12.73
N GLN A 1293 -10.60 26.26 -13.47
CA GLN A 1293 -11.58 25.34 -12.90
C GLN A 1293 -11.51 24.03 -13.68
N PRO A 1294 -10.58 23.14 -13.34
CA PRO A 1294 -10.54 21.85 -14.04
C PRO A 1294 -11.69 20.94 -13.67
N ASN A 1295 -12.21 21.05 -12.45
CA ASN A 1295 -13.34 20.23 -12.03
C ASN A 1295 -14.59 20.61 -12.81
N ILE A 1296 -15.47 19.62 -13.02
CA ILE A 1296 -16.73 19.86 -13.72
C ILE A 1296 -17.67 20.69 -12.85
N ALA A 1297 -17.66 20.44 -11.53
CA ALA A 1297 -18.62 21.09 -10.64
C ALA A 1297 -18.40 22.61 -10.59
N GLY A 1298 -17.17 23.03 -10.30
CA GLY A 1298 -16.85 24.45 -10.27
C GLY A 1298 -17.44 25.24 -9.12
N THR A 1299 -17.83 24.55 -8.04
CA THR A 1299 -18.60 25.21 -6.98
C THR A 1299 -17.89 26.46 -6.45
N VAL A 1300 -16.57 26.41 -6.33
CA VAL A 1300 -15.75 27.59 -6.05
C VAL A 1300 -14.53 27.51 -6.97
N CYS A 1301 -13.72 28.56 -6.92
CA CYS A 1301 -12.70 28.77 -7.95
C CYS A 1301 -11.34 28.99 -7.32
N LEU A 1302 -10.44 28.04 -7.52
CA LEU A 1302 -9.07 28.16 -7.01
C LEU A 1302 -8.30 29.20 -7.83
N PRO A 1303 -7.48 30.02 -7.19
CA PRO A 1303 -6.69 31.00 -7.94
C PRO A 1303 -5.69 30.32 -8.85
N CYS A 1304 -5.31 31.04 -9.90
CA CYS A 1304 -4.14 30.63 -10.66
C CYS A 1304 -2.94 30.63 -9.73
N PRO A 1305 -2.28 29.50 -9.57
CA PRO A 1305 -1.09 29.47 -8.70
C PRO A 1305 0.09 30.20 -9.34
N SER A 1306 1.23 30.06 -8.69
CA SER A 1306 2.46 30.63 -9.22
C SER A 1306 2.95 29.84 -10.42
N GLY A 1307 2.57 30.28 -11.62
CA GLY A 1307 3.16 29.72 -12.82
C GLY A 1307 2.25 29.41 -14.00
N PHE A 1308 0.92 29.53 -13.86
CA PHE A 1308 0.00 29.22 -14.94
C PHE A 1308 -1.00 30.37 -15.04
N VAL A 1309 -1.33 30.82 -16.26
CA VAL A 1309 -2.20 31.99 -16.45
C VAL A 1309 -3.46 31.62 -17.21
N SER A 1310 -4.60 31.98 -16.65
CA SER A 1310 -5.91 31.57 -17.16
C SER A 1310 -6.39 32.50 -18.26
N THR A 1311 -7.09 31.93 -19.24
CA THR A 1311 -7.86 32.70 -20.21
C THR A 1311 -9.33 32.32 -20.08
N SER A 1312 -10.19 33.33 -19.94
CA SER A 1312 -11.59 33.17 -19.52
C SER A 1312 -11.60 32.55 -18.13
N GLY A 1313 -12.71 31.96 -17.68
CA GLY A 1313 -12.71 31.28 -16.40
C GLY A 1313 -12.13 29.91 -16.63
N ALA A 1314 -10.91 29.88 -17.14
CA ALA A 1314 -10.35 28.72 -17.81
C ALA A 1314 -10.55 27.44 -17.00
N THR A 1315 -10.76 26.35 -17.72
CA THR A 1315 -10.60 25.05 -17.10
C THR A 1315 -9.19 24.92 -16.53
N GLY A 1316 -8.20 25.38 -17.28
CA GLY A 1316 -6.83 25.37 -16.82
C GLY A 1316 -6.12 26.66 -17.20
N CYS A 1317 -5.38 27.21 -16.23
CA CYS A 1317 -4.53 28.35 -16.52
C CYS A 1317 -3.41 27.91 -17.47
N THR A 1318 -2.89 28.86 -18.23
CA THR A 1318 -1.90 28.57 -19.27
C THR A 1318 -0.51 28.87 -18.75
N ALA A 1319 0.46 28.04 -19.13
CA ALA A 1319 1.85 28.34 -18.82
C ALA A 1319 2.35 29.47 -19.70
N CYS A 1320 2.81 30.53 -19.05
CA CYS A 1320 3.46 31.65 -19.71
C CYS A 1320 4.78 31.18 -20.32
N SER A 1321 5.54 32.11 -20.91
CA SER A 1321 6.83 31.71 -21.47
C SER A 1321 7.98 32.13 -20.54
N GLU A 1322 9.21 31.96 -21.05
CA GLU A 1322 10.40 32.23 -20.24
C GLU A 1322 10.83 33.68 -20.37
N GLY A 1323 10.69 34.43 -19.28
CA GLY A 1323 11.05 35.83 -19.26
C GLY A 1323 10.01 36.74 -18.62
N THR A 1324 8.73 36.36 -18.68
CA THR A 1324 7.65 37.15 -18.11
C THR A 1324 7.28 36.60 -16.74
N TYR A 1325 6.90 37.51 -15.83
CA TYR A 1325 6.66 37.17 -14.44
C TYR A 1325 5.45 37.91 -13.91
N HIS A 1326 5.32 37.92 -12.58
CA HIS A 1326 4.04 38.18 -11.92
C HIS A 1326 4.06 39.50 -11.16
N THR A 1327 3.72 40.59 -11.84
CA THR A 1327 3.47 41.87 -11.21
C THR A 1327 2.15 42.40 -11.76
N ASP A 1328 1.66 43.50 -11.19
CA ASP A 1328 0.45 44.09 -11.73
C ASP A 1328 0.76 44.73 -13.09
N GLY A 1329 -0.22 44.69 -13.98
CA GLY A 1329 -0.03 45.23 -15.31
C GLY A 1329 -1.10 46.20 -15.74
N VAL A 1330 -1.60 47.00 -14.79
CA VAL A 1330 -2.77 47.84 -15.05
C VAL A 1330 -2.48 48.86 -16.15
N GLY A 1331 -1.31 49.50 -16.09
CA GLY A 1331 -0.99 50.53 -17.07
C GLY A 1331 -0.86 49.98 -18.48
N THR A 1332 -0.38 48.74 -18.61
CA THR A 1332 -0.26 48.13 -19.92
C THR A 1332 -1.64 47.94 -20.55
N THR A 1333 -1.73 48.23 -21.84
CA THR A 1333 -2.96 48.00 -22.56
C THR A 1333 -2.98 46.61 -23.16
N THR A 1334 -4.17 46.02 -23.18
CA THR A 1334 -4.50 44.68 -23.63
C THR A 1334 -3.68 43.56 -22.96
N PRO A 1335 -3.35 43.67 -21.67
CA PRO A 1335 -3.51 42.51 -20.79
C PRO A 1335 -4.98 42.27 -20.50
N GLY A 1336 -5.30 41.06 -20.08
CA GLY A 1336 -6.62 40.77 -19.57
C GLY A 1336 -6.74 40.71 -18.06
N GLU A 1337 -6.80 41.84 -17.36
CA GLU A 1337 -7.01 41.83 -15.92
C GLU A 1337 -8.49 41.97 -15.62
N ALA A 1338 -8.96 41.24 -14.60
CA ALA A 1338 -10.38 41.17 -14.29
C ALA A 1338 -10.97 42.56 -14.13
N THR A 1339 -12.11 42.78 -14.80
CA THR A 1339 -12.77 44.08 -14.81
C THR A 1339 -13.72 44.22 -13.61
N SER A 1340 -14.21 45.46 -13.42
CA SER A 1340 -15.12 45.72 -12.31
C SER A 1340 -16.42 44.94 -12.47
N LEU A 1341 -16.95 44.86 -13.69
CA LEU A 1341 -18.15 44.07 -13.91
C LEU A 1341 -17.91 42.60 -13.62
N ASP A 1342 -16.68 42.12 -13.83
CA ASP A 1342 -16.35 40.73 -13.50
C ASP A 1342 -16.63 40.43 -12.02
N THR A 1343 -15.90 41.09 -11.12
CA THR A 1343 -16.06 40.86 -9.69
C THR A 1343 -17.25 41.60 -9.10
N THR A 1344 -17.29 42.93 -9.23
CA THR A 1344 -18.14 43.75 -8.37
C THR A 1344 -19.63 43.42 -8.51
N ASP A 1345 -20.18 43.55 -9.73
CA ASP A 1345 -21.63 43.57 -9.88
C ASP A 1345 -22.27 42.28 -9.39
N THR A 1346 -21.69 41.13 -9.74
CA THR A 1346 -22.37 39.86 -9.62
C THR A 1346 -21.96 39.08 -8.38
N PHE A 1347 -20.66 38.94 -8.12
CA PHE A 1347 -20.23 38.08 -7.03
C PHE A 1347 -20.29 38.79 -5.68
N GLY A 1348 -19.97 40.08 -5.65
CA GLY A 1348 -20.11 40.81 -4.39
C GLY A 1348 -18.84 40.80 -3.57
N SER A 1349 -18.86 40.03 -2.47
CA SER A 1349 -17.71 40.02 -1.56
C SER A 1349 -17.14 38.61 -1.37
N ILE A 1350 -17.43 37.68 -2.29
CA ILE A 1350 -16.84 36.35 -2.19
C ILE A 1350 -15.52 36.29 -2.96
N TYR A 1351 -15.32 37.21 -3.91
CA TYR A 1351 -14.14 37.20 -4.75
C TYR A 1351 -13.40 38.54 -4.70
N PRO A 1352 -12.14 38.57 -4.22
CA PRO A 1352 -11.37 39.82 -4.27
C PRO A 1352 -10.68 40.01 -5.62
N ILE A 1353 -9.92 41.10 -5.78
CA ILE A 1353 -9.23 41.32 -7.05
C ILE A 1353 -7.76 40.91 -6.95
N ILE A 1354 -7.35 39.98 -7.80
CA ILE A 1354 -5.98 39.43 -7.84
C ILE A 1354 -5.48 39.39 -9.28
N PRO A 1355 -4.16 39.33 -9.52
CA PRO A 1355 -3.63 39.62 -10.86
C PRO A 1355 -3.59 38.39 -11.76
N ASN A 1356 -3.36 38.64 -13.06
CA ASN A 1356 -3.34 37.60 -14.08
C ASN A 1356 -2.30 37.83 -15.18
N THR A 1357 -1.27 38.64 -14.96
CA THR A 1357 -0.44 39.00 -16.09
C THR A 1357 1.01 38.53 -15.96
N CYS A 1358 1.75 38.75 -17.04
CA CYS A 1358 3.13 38.33 -17.23
C CYS A 1358 3.93 39.48 -17.81
N ARG A 1359 5.06 39.81 -17.20
CA ARG A 1359 5.90 40.91 -17.66
C ARG A 1359 7.34 40.47 -17.88
N GLN A 1360 7.87 40.80 -19.05
CA GLN A 1360 9.26 40.50 -19.40
C GLN A 1360 10.19 41.10 -18.35
N CYS A 1361 11.23 40.33 -18.00
CA CYS A 1361 12.21 40.87 -17.08
C CYS A 1361 12.90 42.07 -17.71
N PRO A 1362 13.02 43.18 -16.97
CA PRO A 1362 13.45 44.44 -17.58
C PRO A 1362 14.92 44.45 -17.99
N ALA A 1363 15.40 45.65 -18.33
CA ALA A 1363 16.74 45.85 -18.89
C ALA A 1363 17.79 45.00 -18.19
N ASN A 1364 18.48 44.17 -18.99
CA ASN A 1364 19.52 43.25 -18.54
C ASN A 1364 19.11 42.38 -17.36
N THR A 1365 17.86 41.96 -17.28
CA THR A 1365 17.51 40.89 -16.37
C THR A 1365 16.60 39.91 -17.10
N TYR A 1366 16.67 38.66 -16.70
CA TYR A 1366 15.98 37.57 -17.37
C TYR A 1366 15.51 36.55 -16.35
N LEU A 1367 14.32 36.01 -16.57
CA LEU A 1367 13.76 34.97 -15.73
C LEU A 1367 13.98 33.62 -16.41
N PRO A 1368 14.89 32.79 -15.91
CA PRO A 1368 15.39 31.65 -16.72
C PRO A 1368 14.37 30.56 -16.98
N LEU A 1369 13.21 30.59 -16.33
CA LEU A 1369 12.20 29.57 -16.48
C LEU A 1369 10.97 30.18 -17.14
N ARG A 1370 10.02 29.34 -17.51
CA ARG A 1370 8.77 29.86 -18.03
C ARG A 1370 7.77 30.14 -16.90
N GLY A 1371 7.69 31.42 -16.55
CA GLY A 1371 6.73 31.83 -15.55
C GLY A 1371 6.87 31.21 -14.18
N GLN A 1372 8.03 31.32 -13.54
CA GLN A 1372 8.15 31.09 -12.10
C GLN A 1372 7.95 32.43 -11.41
N ALA A 1373 6.83 32.55 -10.69
CA ALA A 1373 6.20 33.83 -10.45
C ALA A 1373 7.00 34.68 -9.48
N ALA A 1374 6.73 35.97 -9.54
CA ALA A 1374 7.28 36.91 -8.57
C ALA A 1374 6.72 36.65 -7.18
N ILE A 1375 7.61 36.43 -6.22
CA ILE A 1375 7.21 36.17 -4.85
C ILE A 1375 6.79 37.51 -4.23
N ALA A 1376 5.50 37.61 -3.91
CA ALA A 1376 4.95 38.86 -3.42
C ALA A 1376 4.75 38.83 -1.90
N SER A 1377 5.16 39.91 -1.26
CA SER A 1377 4.97 40.11 0.17
C SER A 1377 3.91 41.19 0.36
N MET A 1378 2.99 40.96 1.29
CA MET A 1378 1.85 41.86 1.45
C MET A 1378 2.28 43.22 1.99
N ASN A 1379 3.31 43.24 2.85
CA ASN A 1379 3.82 44.47 3.45
C ASN A 1379 4.76 45.14 2.42
N LEU A 1380 4.48 46.41 2.11
CA LEU A 1380 5.06 47.04 0.94
C LEU A 1380 6.31 47.83 1.28
N ALA A 1381 6.24 48.66 2.33
CA ALA A 1381 7.41 49.45 2.72
C ALA A 1381 8.42 48.58 3.45
N ALA A 1382 7.94 47.56 4.18
CA ALA A 1382 8.84 46.74 4.96
C ALA A 1382 9.58 45.73 4.08
N VAL A 1383 8.86 44.72 3.58
CA VAL A 1383 9.47 43.66 2.78
C VAL A 1383 9.16 43.95 1.32
N SER A 1384 10.05 44.66 0.64
CA SER A 1384 9.96 44.83 -0.79
C SER A 1384 10.04 43.45 -1.41
N SER A 1385 8.90 42.96 -1.88
CA SER A 1385 8.87 41.66 -2.53
C SER A 1385 9.70 41.73 -3.80
N ALA A 1386 9.86 40.59 -4.45
CA ALA A 1386 10.70 40.54 -5.62
C ALA A 1386 10.14 39.55 -6.62
N THR A 1387 10.55 39.71 -7.87
CA THR A 1387 10.44 38.65 -8.85
C THR A 1387 11.74 37.85 -8.86
N PRO A 1388 11.70 36.55 -9.16
CA PRO A 1388 12.90 35.73 -8.96
C PRO A 1388 13.98 35.95 -10.00
N CYS A 1389 13.92 36.99 -10.83
CA CYS A 1389 14.92 37.08 -11.88
C CYS A 1389 16.04 38.04 -11.50
N ARG A 1390 17.25 37.66 -11.91
CA ARG A 1390 18.46 38.08 -11.25
C ARG A 1390 18.90 39.47 -11.73
N PRO A 1391 19.95 40.03 -11.13
CA PRO A 1391 20.69 41.10 -11.83
C PRO A 1391 21.58 40.55 -12.91
N CYS A 1392 21.48 39.24 -13.17
CA CYS A 1392 22.32 38.46 -14.08
C CYS A 1392 23.73 38.46 -13.49
N GLU A 1393 24.66 37.78 -14.14
CA GLU A 1393 26.05 37.80 -13.69
C GLU A 1393 26.82 38.81 -14.53
N ASP A 1394 28.09 38.98 -14.18
CA ASP A 1394 28.88 40.05 -14.76
C ASP A 1394 29.18 39.76 -16.23
N GLY A 1395 29.14 40.81 -17.04
CA GLY A 1395 29.51 40.71 -18.44
C GLY A 1395 28.40 40.37 -19.39
N THR A 1396 27.15 40.35 -18.94
CA THR A 1396 26.03 39.94 -19.79
C THR A 1396 24.95 41.00 -19.81
N TRP A 1397 24.52 41.36 -21.03
CA TRP A 1397 23.37 42.24 -21.19
C TRP A 1397 22.17 41.42 -21.62
N SER A 1398 20.99 41.90 -21.25
CA SER A 1398 19.76 41.35 -21.81
C SER A 1398 18.97 42.49 -22.43
N LYS A 1399 18.60 42.32 -23.70
CA LYS A 1399 17.89 43.33 -24.46
C LYS A 1399 16.48 43.43 -23.91
N ALA A 1400 16.32 44.20 -22.84
CA ALA A 1400 15.13 44.15 -22.00
C ALA A 1400 14.93 42.69 -21.60
N GLY A 1401 13.84 42.04 -22.01
CA GLY A 1401 13.58 40.69 -21.56
C GLY A 1401 14.14 39.58 -22.43
N ALA A 1402 14.20 38.37 -21.87
CA ALA A 1402 14.60 37.18 -22.61
C ALA A 1402 14.42 35.96 -21.73
N ALA A 1403 14.90 34.82 -22.24
CA ALA A 1403 15.06 33.63 -21.41
C ALA A 1403 16.52 33.42 -21.04
N GLY A 1404 17.41 34.29 -21.53
CA GLY A 1404 18.83 34.18 -21.24
C GLY A 1404 19.56 35.45 -21.59
N CYS A 1405 20.59 35.76 -20.80
CA CYS A 1405 21.39 36.95 -21.02
C CYS A 1405 22.23 36.81 -22.30
N GLN A 1406 22.61 37.95 -22.87
CA GLN A 1406 23.37 38.03 -24.11
C GLN A 1406 24.77 38.55 -23.80
N LYS A 1407 25.78 37.90 -24.36
CA LYS A 1407 27.16 38.29 -24.08
C LYS A 1407 27.47 39.63 -24.73
N CYS A 1408 28.56 40.26 -24.28
CA CYS A 1408 29.05 41.48 -24.90
C CYS A 1408 29.81 41.13 -26.18
N PRO A 1409 29.68 41.93 -27.25
CA PRO A 1409 30.60 41.79 -28.36
C PRO A 1409 32.01 42.18 -27.95
N PRO A 1410 33.02 41.85 -28.75
CA PRO A 1410 34.39 42.23 -28.38
C PRO A 1410 34.63 43.71 -28.65
N GLY A 1411 35.65 44.25 -27.97
CA GLY A 1411 35.86 45.67 -27.85
C GLY A 1411 35.16 46.29 -26.67
N THR A 1412 34.17 45.60 -26.08
CA THR A 1412 33.33 46.12 -25.02
C THR A 1412 33.09 45.04 -23.96
N TYR A 1413 32.73 45.48 -22.75
CA TYR A 1413 32.78 44.64 -21.55
C TYR A 1413 31.70 45.08 -20.58
N ARG A 1414 31.68 44.45 -19.39
CA ARG A 1414 30.62 44.68 -18.39
C ARG A 1414 30.97 43.98 -17.08
N ASN A 1415 30.63 44.60 -15.94
CA ASN A 1415 30.66 43.94 -14.63
C ASN A 1415 29.58 44.55 -13.74
N THR A 1416 29.18 43.80 -12.70
CA THR A 1416 28.13 44.29 -11.80
C THR A 1416 28.55 45.56 -11.09
N TRP A 1417 29.80 45.62 -10.64
CA TRP A 1417 30.17 46.65 -9.67
C TRP A 1417 30.28 48.03 -10.33
N PHE A 1418 30.28 48.09 -11.67
CA PHE A 1418 30.57 49.34 -12.36
C PHE A 1418 30.28 49.27 -13.85
N SER A 1419 30.23 50.44 -14.48
CA SER A 1419 30.01 50.59 -15.91
C SER A 1419 30.37 52.02 -16.34
N GLY A 1420 31.37 52.12 -17.22
CA GLY A 1420 31.92 53.41 -17.63
C GLY A 1420 33.39 53.36 -18.03
N GLN A 1421 33.98 54.54 -18.25
CA GLN A 1421 35.39 54.64 -18.61
C GLN A 1421 36.08 55.81 -17.93
N LEU A 1422 37.41 55.85 -18.08
CA LEU A 1422 38.26 56.99 -17.75
C LEU A 1422 39.39 57.04 -18.77
N GLY A 1423 39.31 57.98 -19.71
CA GLY A 1423 40.10 57.84 -20.92
C GLY A 1423 41.13 58.92 -21.16
N SER A 1424 42.32 58.48 -21.56
CA SER A 1424 43.43 59.35 -21.93
C SER A 1424 43.67 60.46 -20.88
N PRO A 1425 44.25 60.11 -19.73
CA PRO A 1425 44.28 61.07 -18.61
C PRO A 1425 45.43 62.07 -18.69
N PHE A 1426 46.55 61.66 -19.24
CA PHE A 1426 47.74 62.51 -19.18
C PHE A 1426 47.74 63.50 -20.34
N ILE A 1427 46.98 63.21 -21.39
CA ILE A 1427 46.80 64.18 -22.48
C ILE A 1427 45.86 65.30 -22.07
N THR A 1428 45.20 65.13 -20.93
CA THR A 1428 44.59 66.27 -20.29
C THR A 1428 45.65 67.06 -19.55
N ALA A 1429 45.70 68.37 -19.82
CA ALA A 1429 46.69 69.22 -19.17
C ALA A 1429 46.47 69.26 -17.65
N ASP A 1430 45.28 68.88 -17.21
CA ASP A 1430 44.99 68.81 -15.78
C ASP A 1430 45.74 67.66 -15.12
N GLY A 1431 45.82 66.52 -15.79
CA GLY A 1431 46.49 65.36 -15.24
C GLY A 1431 45.57 64.35 -14.57
N VAL A 1432 44.27 64.42 -14.81
CA VAL A 1432 43.32 63.49 -14.19
C VAL A 1432 42.47 62.85 -15.28
N PRO A 1433 41.95 61.64 -15.06
CA PRO A 1433 41.14 60.98 -16.10
C PRO A 1433 39.79 61.65 -16.28
N VAL A 1434 38.94 61.04 -17.11
CA VAL A 1434 37.65 61.61 -17.47
C VAL A 1434 36.56 60.56 -17.28
N ALA A 1435 35.50 60.92 -16.56
CA ALA A 1435 34.37 60.00 -16.44
C ALA A 1435 33.72 59.84 -17.81
N THR A 1436 34.16 58.83 -18.53
CA THR A 1436 33.87 58.68 -19.95
C THR A 1436 32.64 57.82 -20.11
N THR A 1437 31.74 58.27 -21.00
CA THR A 1437 30.41 57.70 -21.15
C THR A 1437 30.08 57.46 -22.62
N LEU A 1438 30.91 56.70 -23.32
CA LEU A 1438 30.66 56.44 -24.72
C LEU A 1438 30.46 54.94 -24.96
N THR A 1439 29.55 54.59 -25.87
CA THR A 1439 29.04 53.24 -25.99
C THR A 1439 28.60 52.90 -27.41
N GLU A 1440 28.58 51.61 -27.71
CA GLU A 1440 27.86 51.07 -28.84
C GLU A 1440 26.40 50.82 -28.49
N LEU A 1441 25.48 51.38 -29.29
CA LEU A 1441 24.06 51.26 -29.00
C LEU A 1441 23.56 49.82 -29.09
N GLY A 1442 23.82 49.16 -30.22
CA GLY A 1442 23.11 47.94 -30.54
C GLY A 1442 23.32 46.84 -29.52
N SER A 1443 24.44 46.89 -28.81
CA SER A 1443 24.65 46.01 -27.68
C SER A 1443 24.62 46.76 -26.34
N GLY A 1444 24.74 48.08 -26.37
CA GLY A 1444 24.83 48.86 -25.15
C GLY A 1444 26.08 48.61 -24.33
N CYS A 1445 26.96 47.74 -24.82
CA CYS A 1445 28.11 47.31 -24.04
C CYS A 1445 29.16 48.40 -24.03
N SER A 1446 29.63 48.74 -22.83
CA SER A 1446 30.52 49.87 -22.65
C SER A 1446 31.87 49.61 -23.34
N GLN A 1447 32.29 50.57 -24.13
CA GLN A 1447 33.57 50.52 -24.82
C GLN A 1447 34.70 50.45 -23.80
N CYS A 1448 35.65 49.55 -24.03
CA CYS A 1448 36.76 49.43 -23.09
C CYS A 1448 37.49 50.77 -23.02
N PRO A 1449 37.76 51.24 -21.80
CA PRO A 1449 38.49 52.50 -21.65
C PRO A 1449 39.78 52.46 -22.45
N PRO A 1450 40.09 53.54 -23.17
CA PRO A 1450 41.36 53.58 -23.90
C PRO A 1450 42.50 53.28 -22.94
N GLY A 1451 43.45 52.47 -23.39
CA GLY A 1451 44.35 51.79 -22.50
C GLY A 1451 43.86 50.41 -22.15
N THR A 1452 42.61 50.11 -22.47
CA THR A 1452 42.05 48.77 -22.31
C THR A 1452 41.27 48.44 -23.57
N TYR A 1453 41.24 47.15 -23.90
CA TYR A 1453 40.66 46.67 -25.15
C TYR A 1453 39.74 45.52 -24.79
N ALA A 1454 38.93 45.09 -25.75
CA ALA A 1454 38.31 43.79 -25.59
C ALA A 1454 38.32 43.03 -26.91
N PRO A 1455 39.41 42.38 -27.29
CA PRO A 1455 39.34 41.39 -28.38
C PRO A 1455 38.35 40.26 -28.12
N THR A 1456 37.95 40.06 -26.87
CA THR A 1456 37.11 38.94 -26.48
C THR A 1456 35.71 39.45 -26.19
N PHE A 1457 34.73 38.58 -26.41
CA PHE A 1457 33.34 38.92 -26.13
C PHE A 1457 33.08 39.09 -24.64
N GLY A 1458 33.59 38.16 -23.81
CA GLY A 1458 33.19 38.11 -22.42
C GLY A 1458 34.26 38.22 -21.35
N MET A 1459 34.15 39.25 -20.50
CA MET A 1459 34.96 39.40 -19.30
C MET A 1459 34.33 40.46 -18.41
N SER A 1460 34.57 40.37 -17.10
CA SER A 1460 33.93 41.29 -16.17
C SER A 1460 34.63 42.65 -16.19
N VAL A 1461 35.92 42.67 -15.94
CA VAL A 1461 36.77 43.83 -16.24
C VAL A 1461 37.62 43.43 -17.42
N CYS A 1462 37.77 44.34 -18.38
CA CYS A 1462 38.64 44.06 -19.51
C CYS A 1462 40.07 44.48 -19.19
N LEU A 1463 40.98 43.50 -19.22
CA LEU A 1463 42.27 43.64 -18.57
C LEU A 1463 43.12 44.69 -19.28
N PRO A 1464 43.94 45.42 -18.53
CA PRO A 1464 44.74 46.49 -19.14
C PRO A 1464 45.79 45.96 -20.10
N CYS A 1465 46.45 46.90 -20.77
CA CYS A 1465 47.53 46.57 -21.69
C CYS A 1465 48.79 46.23 -20.91
N PRO A 1466 49.53 45.18 -21.28
CA PRO A 1466 50.76 44.86 -20.55
C PRO A 1466 51.87 45.86 -20.85
N ALA A 1467 53.01 45.63 -20.21
CA ALA A 1467 54.15 46.53 -20.37
C ALA A 1467 54.71 46.47 -21.78
N GLY A 1468 54.49 47.53 -22.56
CA GLY A 1468 55.13 47.68 -23.85
C GLY A 1468 54.25 47.76 -25.09
N THR A 1469 53.05 48.33 -24.98
CA THR A 1469 52.21 48.64 -26.15
C THR A 1469 51.44 49.93 -25.88
N PHE A 1470 50.55 50.29 -26.81
CA PHE A 1470 49.76 51.51 -26.69
C PHE A 1470 48.31 51.25 -27.09
N ALA A 1471 47.38 51.87 -26.34
CA ALA A 1471 45.95 51.88 -26.70
C ALA A 1471 45.43 53.32 -26.60
N SER A 1472 45.58 54.08 -27.68
CA SER A 1472 45.18 55.50 -27.65
C SER A 1472 43.68 55.67 -27.80
N ALA A 1473 43.13 55.27 -28.93
CA ALA A 1473 41.72 55.51 -29.20
C ALA A 1473 40.87 54.77 -28.17
N PRO A 1474 39.66 55.24 -27.89
CA PRO A 1474 38.82 54.54 -26.90
C PRO A 1474 38.51 53.11 -27.31
N GLY A 1475 37.89 52.93 -28.48
CA GLY A 1475 37.51 51.60 -28.93
C GLY A 1475 38.69 50.72 -29.28
N ALA A 1476 39.46 50.34 -28.28
CA ALA A 1476 40.64 49.52 -28.48
C ALA A 1476 40.18 48.16 -28.98
N THR A 1477 40.29 47.94 -30.30
CA THR A 1477 40.18 46.60 -30.83
C THR A 1477 41.35 45.75 -30.34
N ALA A 1478 42.55 46.30 -30.35
CA ALA A 1478 43.67 45.82 -29.55
C ALA A 1478 44.74 46.89 -29.46
N CYS A 1479 45.53 46.84 -28.40
CA CYS A 1479 46.76 47.63 -28.33
C CYS A 1479 47.61 47.35 -29.56
N GLN A 1480 48.51 48.28 -29.85
CA GLN A 1480 49.50 48.07 -30.89
C GLN A 1480 50.89 48.31 -30.29
N GLN A 1481 51.86 47.59 -30.82
CA GLN A 1481 53.25 47.78 -30.42
C GLN A 1481 53.68 49.21 -30.67
N CYS A 1482 54.44 49.76 -29.73
CA CYS A 1482 54.96 51.09 -29.90
C CYS A 1482 56.14 51.07 -30.87
N LYS A 1483 56.29 52.18 -31.59
CA LYS A 1483 57.10 52.26 -32.79
C LYS A 1483 58.58 51.91 -32.51
N PRO A 1484 59.39 51.77 -33.56
CA PRO A 1484 60.83 51.55 -33.33
C PRO A 1484 61.48 52.63 -32.50
N GLY A 1485 61.11 53.89 -32.73
CA GLY A 1485 61.76 54.99 -32.02
C GLY A 1485 61.06 55.38 -30.74
N THR A 1486 59.75 55.18 -30.67
CA THR A 1486 58.94 55.53 -29.52
C THR A 1486 58.40 54.26 -28.87
N ASN A 1487 58.76 54.04 -27.61
CA ASN A 1487 58.19 52.98 -26.81
C ASN A 1487 57.16 53.57 -25.85
N SER A 1488 56.56 52.71 -25.03
CA SER A 1488 55.48 53.11 -24.14
C SER A 1488 56.00 53.27 -22.72
N LEU A 1489 55.26 54.05 -21.93
CA LEU A 1489 55.41 54.22 -20.48
C LEU A 1489 54.23 55.09 -20.06
N MET A 1490 53.77 54.93 -18.82
CA MET A 1490 52.63 55.73 -18.41
C MET A 1490 52.96 57.22 -18.56
N GLY A 1491 52.05 57.97 -19.19
CA GLY A 1491 52.26 59.37 -19.42
C GLY A 1491 53.27 59.64 -20.53
N ASP A 1492 53.39 60.91 -20.88
CA ASP A 1492 54.28 61.34 -21.95
C ASP A 1492 55.73 61.39 -21.47
N ARG A 1493 56.67 61.57 -22.42
CA ARG A 1493 58.08 61.67 -22.03
C ARG A 1493 58.36 62.94 -21.25
N THR A 1494 58.10 64.10 -21.84
CA THR A 1494 58.41 65.37 -21.18
C THR A 1494 57.82 65.41 -19.78
N GLN A 1495 56.57 64.99 -19.64
CA GLN A 1495 55.94 64.93 -18.33
C GLN A 1495 56.68 63.97 -17.41
N GLN A 1496 57.10 62.81 -17.94
CA GLN A 1496 57.83 61.84 -17.13
C GLN A 1496 59.16 62.39 -16.66
N MET A 1497 59.75 63.29 -17.44
CA MET A 1497 61.02 63.91 -17.09
C MET A 1497 60.84 65.29 -16.46
N ALA A 1498 59.62 65.75 -16.33
CA ALA A 1498 59.35 67.06 -15.75
C ALA A 1498 59.67 67.00 -14.26
N LEU A 1499 60.75 67.69 -13.86
CA LEU A 1499 61.10 67.72 -12.44
C LEU A 1499 60.25 68.71 -11.67
N VAL A 1500 59.99 69.89 -12.26
CA VAL A 1500 59.28 70.96 -11.57
C VAL A 1500 57.85 70.50 -11.26
N VAL A 1501 57.10 71.32 -10.53
CA VAL A 1501 55.67 71.10 -10.34
C VAL A 1501 54.92 72.33 -10.85
N THR A 1502 53.87 72.10 -11.65
CA THR A 1502 53.05 73.20 -12.14
C THR A 1502 51.73 73.28 -11.38
N ASN A 1503 51.12 72.13 -11.11
CA ASN A 1503 49.97 72.03 -10.22
C ASN A 1503 50.44 71.37 -8.94
N ALA A 1504 50.64 72.17 -7.89
CA ALA A 1504 51.31 71.69 -6.69
C ALA A 1504 50.46 70.64 -5.97
N ALA A 1505 49.15 70.63 -6.22
CA ALA A 1505 48.26 69.72 -5.49
C ALA A 1505 48.38 68.29 -5.98
N ASN A 1506 48.47 68.09 -7.31
CA ASN A 1506 48.30 66.77 -7.89
C ASN A 1506 49.60 66.07 -8.24
N ASP A 1507 50.72 66.80 -8.34
CA ASP A 1507 52.04 66.20 -8.64
C ASP A 1507 52.05 65.60 -10.03
N PHE A 1508 51.07 65.96 -10.84
CA PHE A 1508 51.06 65.49 -12.23
C PHE A 1508 52.33 65.87 -12.97
N PRO A 1509 52.64 67.15 -13.15
CA PRO A 1509 53.86 67.45 -13.84
C PRO A 1509 55.09 67.41 -12.97
N ALA A 1510 54.95 66.91 -11.75
CA ALA A 1510 56.12 66.61 -10.95
C ALA A 1510 56.14 65.10 -10.83
N LEU A 1511 56.01 64.45 -11.98
CA LEU A 1511 56.13 63.01 -12.05
C LEU A 1511 57.45 62.72 -12.77
N ARG A 1512 58.42 62.18 -12.03
CA ARG A 1512 59.78 62.02 -12.52
C ARG A 1512 60.15 60.55 -12.60
N ALA A 1513 60.81 60.16 -13.70
CA ALA A 1513 61.10 58.76 -13.93
C ALA A 1513 62.54 58.43 -14.30
N TYR A 1514 63.41 59.41 -14.51
CA TYR A 1514 64.72 59.10 -15.09
C TYR A 1514 65.71 58.57 -14.02
N THR A 1515 66.07 59.40 -13.04
CA THR A 1515 67.13 59.06 -12.08
C THR A 1515 68.43 58.68 -12.79
N ILE A 1516 69.00 59.67 -13.50
CA ILE A 1516 70.18 59.46 -14.34
C ILE A 1516 71.42 59.25 -13.46
N SER A 1517 72.53 58.90 -14.10
CA SER A 1517 73.81 58.68 -13.42
C SER A 1517 74.87 59.58 -14.04
N GLY A 1518 74.95 60.83 -13.56
CA GLY A 1518 75.88 61.79 -14.13
C GLY A 1518 76.32 62.85 -13.16
N MET A 1519 77.35 63.59 -13.57
CA MET A 1519 77.94 64.63 -12.72
C MET A 1519 77.17 65.93 -12.81
N VAL A 1520 76.68 66.40 -11.66
CA VAL A 1520 75.85 67.60 -11.60
C VAL A 1520 76.69 68.81 -11.98
N ALA A 1521 76.03 69.94 -12.21
CA ALA A 1521 76.73 71.15 -12.62
C ALA A 1521 77.65 71.65 -11.51
N GLY A 1522 78.73 72.31 -11.91
CA GLY A 1522 79.72 72.79 -10.97
C GLY A 1522 80.71 71.70 -10.60
N PRO A 1523 81.72 72.06 -9.79
CA PRO A 1523 82.71 71.04 -9.38
C PRO A 1523 82.09 69.91 -8.58
N ALA A 1524 81.02 70.18 -7.84
CA ALA A 1524 80.34 69.13 -7.10
C ALA A 1524 79.71 68.12 -8.06
N TYR A 1525 79.52 66.90 -7.57
CA TYR A 1525 79.03 65.79 -8.37
C TYR A 1525 78.12 64.93 -7.51
N ALA A 1526 76.81 65.09 -7.68
CA ALA A 1526 75.80 64.38 -6.90
C ALA A 1526 75.14 63.30 -7.73
N LYS A 1527 75.68 62.09 -7.64
CA LYS A 1527 75.01 60.89 -8.11
C LYS A 1527 73.59 60.88 -7.54
N PRO A 1528 72.64 60.19 -8.19
CA PRO A 1528 71.26 60.68 -8.17
C PRO A 1528 71.12 62.18 -8.10
N ILE A 1529 71.45 62.86 -9.21
CA ILE A 1529 71.00 64.23 -9.41
C ILE A 1529 69.53 64.33 -9.05
N VAL A 1530 68.70 63.56 -9.75
CA VAL A 1530 67.35 63.23 -9.29
C VAL A 1530 67.48 62.06 -8.31
N THR A 1531 66.99 62.26 -7.09
CA THR A 1531 67.16 61.29 -6.02
C THR A 1531 65.80 60.94 -5.43
N GLY A 1532 65.56 59.64 -5.24
CA GLY A 1532 64.32 59.18 -4.67
C GLY A 1532 63.83 57.90 -5.32
N PRO A 1533 63.05 57.10 -4.57
CA PRO A 1533 62.47 55.88 -5.15
C PRO A 1533 61.57 56.22 -6.33
N ASP A 1534 61.62 55.40 -7.38
CA ASP A 1534 61.00 55.74 -8.65
C ASP A 1534 59.49 55.85 -8.49
N THR A 1535 58.92 56.93 -9.02
CA THR A 1535 57.52 57.28 -8.81
C THR A 1535 56.63 56.95 -10.01
N ASN A 1536 57.20 56.63 -11.18
CA ASN A 1536 56.42 56.31 -12.37
C ASN A 1536 57.18 55.31 -13.24
N PHE A 1537 56.76 54.05 -13.18
CA PHE A 1537 57.46 52.98 -13.88
C PHE A 1537 56.57 52.15 -14.80
N PHE A 1538 55.24 52.29 -14.70
CA PHE A 1538 54.37 51.38 -15.43
C PHE A 1538 54.52 51.55 -16.94
N MET A 1539 55.01 50.51 -17.58
CA MET A 1539 55.08 50.42 -19.03
C MET A 1539 53.79 49.86 -19.60
N ALA A 1540 52.76 49.71 -18.78
CA ALA A 1540 51.62 48.87 -19.12
C ALA A 1540 50.33 49.65 -19.25
N GLY A 1541 49.93 50.39 -18.21
CA GLY A 1541 48.64 51.05 -18.24
C GLY A 1541 48.65 52.19 -19.23
N LYS A 1542 48.78 51.84 -20.52
CA LYS A 1542 49.15 52.76 -21.59
C LYS A 1542 47.93 53.12 -22.42
N SER A 1543 47.63 54.42 -22.50
CA SER A 1543 46.43 54.92 -23.16
C SER A 1543 46.67 56.18 -24.01
N GLU A 1544 47.89 56.40 -24.49
CA GLU A 1544 48.19 57.62 -25.23
C GLU A 1544 49.46 57.43 -26.06
N THR A 1545 49.99 58.55 -26.54
CA THR A 1545 51.17 58.53 -27.40
C THR A 1545 52.33 57.80 -26.74
N CYS A 1546 52.99 56.95 -27.51
CA CYS A 1546 54.10 56.17 -26.98
C CYS A 1546 55.18 57.12 -26.47
N SER A 1547 55.37 57.13 -25.16
CA SER A 1547 56.27 58.07 -24.52
C SER A 1547 57.69 57.89 -25.04
N THR A 1548 58.23 58.95 -25.62
CA THR A 1548 59.54 58.87 -26.24
C THR A 1548 60.61 58.58 -25.20
N ASN A 1549 61.79 58.19 -25.66
CA ASN A 1549 62.66 57.35 -24.85
C ASN A 1549 63.44 58.14 -23.81
N LEU A 1550 63.75 57.47 -22.70
CA LEU A 1550 64.75 57.97 -21.77
C LEU A 1550 66.14 57.94 -22.41
N PRO A 1551 66.91 59.02 -22.26
CA PRO A 1551 68.14 59.16 -23.07
C PRO A 1551 69.15 58.05 -22.86
N GLY A 1552 69.21 57.46 -21.67
CA GLY A 1552 70.12 56.34 -21.47
C GLY A 1552 69.66 55.12 -22.24
N TYR A 1553 68.38 55.08 -22.61
CA TYR A 1553 67.76 53.89 -23.17
C TYR A 1553 67.59 54.02 -24.68
N TYR A 1554 67.08 52.95 -25.29
CA TYR A 1554 66.74 52.92 -26.71
C TYR A 1554 65.97 51.63 -26.99
N THR A 1555 65.27 51.61 -28.13
CA THR A 1555 64.63 50.41 -28.64
C THR A 1555 64.93 50.26 -30.12
N ASP A 1556 65.40 49.08 -30.50
CA ASP A 1556 65.67 48.77 -31.90
C ASP A 1556 64.44 48.22 -32.60
N VAL A 1557 63.45 47.76 -31.85
CA VAL A 1557 62.28 47.10 -32.43
C VAL A 1557 61.03 47.74 -31.82
N ASP A 1558 59.88 47.16 -32.16
CA ASP A 1558 58.62 47.72 -31.68
C ASP A 1558 58.25 47.16 -30.32
N GLY A 1559 58.16 45.83 -30.21
CA GLY A 1559 57.67 45.17 -29.01
C GLY A 1559 58.70 44.85 -27.95
N LEU A 1560 59.19 45.86 -27.25
CA LEU A 1560 60.09 45.67 -26.12
C LEU A 1560 59.40 46.16 -24.84
N PRO A 1561 59.28 45.32 -23.82
CA PRO A 1561 58.59 45.76 -22.59
C PRO A 1561 59.33 46.85 -21.83
N ILE A 1562 60.58 46.61 -21.44
CA ILE A 1562 61.35 47.62 -20.72
C ILE A 1562 62.54 48.03 -21.58
N GLN A 1563 62.68 49.34 -21.77
CA GLN A 1563 63.68 49.89 -22.66
C GLN A 1563 65.09 49.58 -22.18
N LEU A 1564 66.00 49.36 -23.14
CA LEU A 1564 67.34 48.83 -22.87
C LEU A 1564 68.35 49.95 -22.70
N PRO A 1565 68.97 50.04 -21.53
CA PRO A 1565 70.09 50.99 -21.37
C PRO A 1565 71.22 50.64 -22.32
N CYS A 1566 71.89 51.68 -22.81
CA CYS A 1566 72.94 51.48 -23.80
C CYS A 1566 74.16 50.82 -23.17
N LYS A 1567 74.76 49.88 -23.91
CA LYS A 1567 75.91 49.14 -23.43
C LYS A 1567 77.07 50.07 -23.12
N PRO A 1568 78.13 49.57 -22.49
CA PRO A 1568 79.31 50.40 -22.26
C PRO A 1568 79.93 50.91 -23.57
N GLY A 1569 80.36 52.18 -23.53
CA GLY A 1569 81.17 52.76 -24.59
C GLY A 1569 80.50 53.77 -25.50
N THR A 1570 79.18 53.93 -25.41
CA THR A 1570 78.41 54.65 -26.42
C THR A 1570 77.72 55.87 -25.81
N PHE A 1571 76.85 56.49 -26.60
CA PHE A 1571 76.02 57.61 -26.15
C PHE A 1571 74.85 57.85 -27.10
N MET A 1572 73.62 57.71 -26.59
CA MET A 1572 72.43 58.04 -27.38
C MET A 1572 71.98 59.43 -26.98
N PRO A 1573 72.24 60.45 -27.78
CA PRO A 1573 71.85 61.81 -27.40
C PRO A 1573 70.35 61.94 -27.28
N PHE A 1574 69.93 62.91 -26.48
CA PHE A 1574 68.51 63.10 -26.17
C PHE A 1574 67.70 63.37 -27.44
N ASP A 1575 68.32 63.98 -28.45
CA ASP A 1575 67.68 64.15 -29.74
C ASP A 1575 68.75 64.23 -30.81
N THR A 1576 68.31 64.40 -32.05
CA THR A 1576 69.22 64.46 -33.18
C THR A 1576 70.24 65.58 -33.04
N ALA A 1577 69.77 66.78 -32.66
CA ALA A 1577 70.64 67.95 -32.71
C ALA A 1577 71.57 68.02 -31.50
N THR A 1578 71.03 67.76 -30.31
CA THR A 1578 71.77 67.98 -29.06
C THR A 1578 72.82 66.88 -28.89
N ALA A 1579 73.92 67.05 -29.62
CA ALA A 1579 75.00 66.07 -29.65
C ALA A 1579 76.30 66.75 -29.21
N ASN A 1580 77.11 66.01 -28.43
CA ASN A 1580 78.40 66.55 -28.01
C ASN A 1580 79.42 66.48 -29.14
N LEU A 1581 79.72 65.26 -29.61
CA LEU A 1581 80.82 65.00 -30.53
C LEU A 1581 80.31 64.11 -31.65
N LEU A 1582 79.72 64.73 -32.67
CA LEU A 1582 78.98 63.97 -33.68
C LEU A 1582 79.18 64.53 -35.07
N ASP A 1583 79.12 63.64 -36.07
CA ASP A 1583 79.07 64.03 -37.46
C ASP A 1583 77.70 64.62 -37.79
N THR A 1584 77.68 65.89 -38.19
CA THR A 1584 76.41 66.62 -38.29
C THR A 1584 75.53 66.07 -39.41
N GLY A 1585 75.97 65.00 -40.08
CA GLY A 1585 75.11 64.35 -41.04
C GLY A 1585 74.19 63.33 -40.42
N LEU A 1586 74.55 62.80 -39.25
CA LEU A 1586 73.80 61.71 -38.65
C LEU A 1586 73.00 62.16 -37.43
N THR A 1587 71.83 61.55 -37.27
CA THR A 1587 70.85 61.90 -36.26
C THR A 1587 70.42 60.64 -35.50
N VAL A 1588 69.76 60.82 -34.37
CA VAL A 1588 69.30 59.71 -33.53
C VAL A 1588 67.77 59.70 -33.49
N ASP A 1589 67.15 58.93 -34.39
CA ASP A 1589 65.71 58.94 -34.55
C ASP A 1589 65.00 58.13 -33.48
N GLY A 1590 65.34 58.33 -32.20
CA GLY A 1590 64.62 57.71 -31.11
C GLY A 1590 64.82 56.22 -30.98
N THR A 1591 65.41 55.56 -31.96
CA THR A 1591 65.63 54.14 -31.91
C THR A 1591 67.10 53.75 -31.99
N GLN A 1592 68.00 54.73 -32.16
CA GLN A 1592 69.38 54.46 -32.50
C GLN A 1592 70.31 55.06 -31.46
N CYS A 1593 71.21 54.24 -30.94
CA CYS A 1593 72.24 54.64 -29.98
C CYS A 1593 73.59 54.64 -30.68
N TYR A 1594 74.15 55.83 -30.92
CA TYR A 1594 75.34 56.01 -31.73
C TYR A 1594 76.58 56.09 -30.84
N THR A 1595 77.63 55.37 -31.22
CA THR A 1595 78.76 55.13 -30.32
C THR A 1595 79.63 56.36 -30.15
N CYS A 1596 80.44 56.35 -29.09
CA CYS A 1596 81.27 57.50 -28.72
C CYS A 1596 82.46 57.67 -29.66
N GLN A 1597 83.16 58.79 -29.51
CA GLN A 1597 84.30 59.10 -30.36
C GLN A 1597 85.62 58.83 -29.63
N THR A 1598 86.68 58.79 -30.44
CA THR A 1598 88.05 58.68 -29.95
C THR A 1598 88.32 59.67 -28.81
N GLY A 1599 89.06 59.21 -27.80
CA GLY A 1599 89.31 60.04 -26.64
C GLY A 1599 88.23 60.00 -25.58
N THR A 1600 87.28 59.06 -25.68
CA THR A 1600 86.17 58.96 -24.74
C THR A 1600 86.04 57.51 -24.26
N PHE A 1601 85.41 57.32 -23.11
CA PHE A 1601 85.16 55.98 -22.59
C PHE A 1601 83.88 55.96 -21.77
N ASN A 1602 83.23 54.80 -21.69
CA ASN A 1602 82.10 54.57 -20.78
C ASN A 1602 81.92 53.07 -20.60
N ASP A 1603 82.14 52.58 -19.37
CA ASP A 1603 82.03 51.15 -19.08
C ASP A 1603 80.81 50.78 -18.23
N GLU A 1604 79.67 51.44 -18.44
CA GLU A 1604 78.43 51.09 -17.75
C GLU A 1604 77.22 51.44 -18.63
N PHE A 1605 76.03 51.12 -18.14
CA PHE A 1605 74.81 51.24 -18.93
C PHE A 1605 74.10 52.57 -18.68
N SER A 1606 73.00 52.76 -19.42
CA SER A 1606 72.00 53.80 -19.15
C SER A 1606 72.62 55.18 -18.97
N GLN A 1607 73.74 55.44 -19.65
CA GLN A 1607 74.29 56.78 -19.51
C GLN A 1607 74.06 57.56 -20.79
N PRO A 1608 73.72 58.84 -20.69
CA PRO A 1608 73.49 59.61 -21.93
C PRO A 1608 74.73 59.72 -22.78
N VAL A 1609 75.85 60.13 -22.19
CA VAL A 1609 77.10 60.29 -22.91
C VAL A 1609 78.20 59.60 -22.10
N CYS A 1610 79.39 59.56 -22.67
CA CYS A 1610 80.54 58.88 -22.08
C CYS A 1610 81.52 59.89 -21.51
N LYS A 1611 82.21 59.50 -20.43
CA LYS A 1611 83.06 60.43 -19.70
C LYS A 1611 84.33 60.72 -20.48
N ALA A 1612 84.64 62.01 -20.65
CA ALA A 1612 85.84 62.38 -21.37
C ALA A 1612 87.07 62.22 -20.48
N CYS A 1613 88.07 61.48 -20.99
CA CYS A 1613 89.13 60.94 -20.16
C CYS A 1613 89.96 62.04 -19.51
N TRP A 1614 90.43 61.79 -18.29
CA TRP A 1614 91.41 62.65 -17.67
C TRP A 1614 92.71 62.53 -18.45
N SER A 1615 93.56 63.56 -18.32
CA SER A 1615 94.66 63.75 -19.26
C SER A 1615 95.58 62.56 -19.34
N GLY A 1616 95.67 61.78 -18.29
CA GLY A 1616 96.62 60.67 -18.26
C GLY A 1616 96.27 59.56 -19.24
N SER A 1617 94.98 59.27 -19.36
CA SER A 1617 94.53 58.11 -20.10
C SER A 1617 94.00 58.59 -21.45
N PHE A 1618 94.47 57.96 -22.52
CA PHE A 1618 94.11 58.40 -23.86
C PHE A 1618 93.39 57.28 -24.59
N ALA A 1619 92.35 57.64 -25.32
CA ALA A 1619 91.49 56.70 -26.02
C ALA A 1619 91.53 57.00 -27.51
N SER A 1620 91.67 55.96 -28.32
CA SER A 1620 91.86 56.10 -29.76
C SER A 1620 90.79 55.42 -30.59
N LYS A 1621 90.48 54.16 -30.30
CA LYS A 1621 89.49 53.42 -31.09
C LYS A 1621 88.08 53.94 -30.81
N ARG A 1622 87.19 53.76 -31.79
CA ARG A 1622 85.79 54.10 -31.59
C ARG A 1622 85.07 52.97 -30.85
N GLY A 1623 84.21 53.35 -29.91
CA GLY A 1623 83.45 52.38 -29.12
C GLY A 1623 84.21 51.81 -27.94
N LEU A 1624 84.61 52.67 -27.00
CA LEU A 1624 85.47 52.22 -25.91
C LEU A 1624 84.75 52.33 -24.56
N PRO A 1625 84.64 51.23 -23.82
CA PRO A 1625 84.37 51.37 -22.37
C PRO A 1625 85.55 51.82 -21.53
N THR A 1626 86.75 51.92 -22.11
CA THR A 1626 87.94 52.31 -21.36
C THR A 1626 88.81 53.24 -22.19
N CYS A 1627 89.53 54.13 -21.49
CA CYS A 1627 90.63 54.86 -22.08
C CYS A 1627 91.88 53.97 -22.04
N GLU A 1628 92.91 54.37 -22.78
CA GLU A 1628 94.15 53.61 -22.81
C GLU A 1628 95.27 54.36 -22.10
N ILE A 1629 96.18 53.59 -21.49
CA ILE A 1629 97.26 54.15 -20.69
C ILE A 1629 98.24 54.90 -21.58
N ALA A 1630 98.64 56.08 -21.13
CA ALA A 1630 99.66 56.84 -21.85
C ALA A 1630 101.01 56.18 -21.72
N GLN A 1631 101.35 55.37 -22.71
CA GLN A 1631 102.58 54.60 -22.69
C GLN A 1631 103.79 55.51 -22.51
N PRO A 1632 104.83 55.04 -21.82
CA PRO A 1632 105.96 55.91 -21.49
C PRO A 1632 106.64 56.45 -22.74
N GLY A 1633 107.26 57.63 -22.59
CA GLY A 1633 107.87 58.34 -23.69
C GLY A 1633 107.03 59.47 -24.25
N THR A 1634 105.82 59.66 -23.75
CA THR A 1634 104.87 60.59 -24.33
C THR A 1634 103.82 60.98 -23.30
N PHE A 1635 103.07 62.05 -23.59
CA PHE A 1635 102.24 62.75 -22.61
C PHE A 1635 101.13 63.48 -23.33
N THR A 1636 100.19 64.07 -22.57
CA THR A 1636 99.09 64.85 -23.12
C THR A 1636 98.85 66.11 -22.32
N ASN A 1637 99.00 67.29 -22.96
CA ASN A 1637 98.63 68.59 -22.37
C ASN A 1637 97.46 69.17 -23.17
N VAL A 1638 96.25 68.93 -22.67
CA VAL A 1638 95.03 69.30 -23.38
C VAL A 1638 94.26 70.36 -22.60
N ALA A 1639 93.58 71.25 -23.31
CA ALA A 1639 92.89 72.35 -22.65
C ALA A 1639 91.49 71.95 -22.20
N ALA A 1640 90.67 71.46 -23.12
CA ALA A 1640 89.26 71.19 -22.85
C ALA A 1640 89.02 69.69 -22.93
N ALA A 1641 89.28 68.97 -21.84
CA ALA A 1641 89.14 67.52 -21.81
C ALA A 1641 88.69 67.08 -20.43
N ALA A 1642 87.38 66.89 -20.27
CA ALA A 1642 86.78 66.39 -19.04
C ALA A 1642 85.39 65.91 -19.37
N ASN A 1643 84.88 64.97 -18.57
CA ASN A 1643 83.56 64.41 -18.80
C ASN A 1643 82.50 65.50 -18.83
N ALA A 1644 81.39 65.22 -19.51
CA ALA A 1644 80.37 66.24 -19.75
C ALA A 1644 79.74 66.68 -18.44
N THR A 1645 79.26 67.92 -18.41
CA THR A 1645 78.60 68.41 -17.20
C THR A 1645 77.09 68.25 -17.32
N PHE A 1646 76.51 67.58 -16.34
CA PHE A 1646 75.09 67.27 -16.35
C PHE A 1646 74.34 68.41 -15.68
N ASN A 1647 73.54 69.13 -16.47
CA ASN A 1647 72.76 70.22 -15.91
C ASN A 1647 71.62 69.63 -15.07
N THR A 1648 71.41 70.19 -13.89
CA THR A 1648 70.42 69.63 -12.96
C THR A 1648 69.00 69.84 -13.48
N ALA A 1649 68.82 70.80 -14.39
CA ALA A 1649 67.47 71.15 -14.83
C ALA A 1649 66.82 70.03 -15.63
N THR A 1650 67.52 69.49 -16.63
CA THR A 1650 66.92 68.59 -17.60
C THR A 1650 67.49 67.18 -17.60
N LEU A 1651 68.34 66.84 -16.63
CA LEU A 1651 68.93 65.51 -16.53
C LEU A 1651 69.74 65.18 -17.78
N ILE A 1652 70.38 66.21 -18.36
CA ILE A 1652 71.08 66.04 -19.62
C ILE A 1652 72.53 66.48 -19.48
N PRO A 1653 73.45 65.80 -20.14
CA PRO A 1653 74.83 66.29 -20.19
C PRO A 1653 74.96 67.41 -21.21
N THR A 1654 76.03 68.19 -21.08
CA THR A 1654 76.34 69.26 -22.02
C THR A 1654 77.81 69.65 -21.89
N GLY A 1655 78.27 70.42 -22.87
CA GLY A 1655 79.62 70.97 -22.85
C GLY A 1655 80.72 69.95 -22.96
N LEU A 1656 80.56 68.95 -23.81
CA LEU A 1656 81.56 67.91 -23.96
C LEU A 1656 82.21 68.00 -25.34
N VAL A 1657 83.53 68.19 -25.34
CA VAL A 1657 84.33 68.29 -26.55
C VAL A 1657 85.49 67.32 -26.43
N LYS A 1658 85.86 66.66 -27.53
CA LYS A 1658 86.77 65.53 -27.48
C LYS A 1658 88.17 65.95 -27.01
N GLY A 1659 88.98 64.96 -26.67
CA GLY A 1659 90.33 65.21 -26.18
C GLY A 1659 91.39 64.90 -27.20
N ALA A 1660 92.65 65.07 -26.79
CA ALA A 1660 93.77 64.82 -27.67
C ALA A 1660 93.72 63.40 -28.23
N GLN A 1661 93.90 63.30 -29.54
CA GLN A 1661 93.77 62.02 -30.23
C GLN A 1661 95.07 61.24 -30.26
N ALA A 1662 96.16 61.82 -29.80
CA ALA A 1662 97.43 61.17 -30.05
C ALA A 1662 98.24 61.04 -28.77
N PRO A 1663 99.21 60.13 -28.73
CA PRO A 1663 100.25 60.24 -27.70
C PRO A 1663 101.03 61.54 -27.83
N THR A 1664 100.99 62.18 -29.01
CA THR A 1664 101.61 63.49 -29.34
C THR A 1664 103.01 63.55 -28.74
N PRO A 1665 103.98 62.87 -29.35
CA PRO A 1665 105.18 62.45 -28.62
C PRO A 1665 106.00 63.58 -28.03
N CYS A 1666 106.81 63.21 -27.04
CA CYS A 1666 107.76 64.13 -26.42
C CYS A 1666 108.74 64.66 -27.46
N GLY A 1667 109.14 65.92 -27.28
CA GLY A 1667 110.25 66.44 -28.05
C GLY A 1667 111.58 66.06 -27.43
N MET A 1668 112.62 66.10 -28.27
CA MET A 1668 113.96 65.79 -27.79
C MET A 1668 114.42 66.86 -26.81
N GLY A 1669 115.12 66.42 -25.77
CA GLY A 1669 115.39 67.28 -24.65
C GLY A 1669 114.47 66.95 -23.49
N TYR A 1670 113.34 66.31 -23.78
CA TYR A 1670 112.41 65.93 -22.72
C TYR A 1670 112.04 64.45 -22.79
N PHE A 1671 111.98 63.81 -21.62
CA PHE A 1671 111.73 62.37 -21.49
C PHE A 1671 110.53 62.13 -20.57
N GLN A 1672 109.80 61.05 -20.87
CA GLN A 1672 108.67 60.61 -20.07
C GLN A 1672 108.76 59.11 -19.86
N SER A 1673 109.35 58.71 -18.74
CA SER A 1673 109.40 57.31 -18.35
C SER A 1673 108.21 56.93 -17.48
N SER A 1674 107.33 57.90 -17.19
CA SER A 1674 106.15 57.67 -16.37
C SER A 1674 104.91 57.69 -17.25
N ALA A 1675 104.04 56.69 -17.04
CA ALA A 1675 102.82 56.59 -17.80
C ALA A 1675 101.72 57.37 -17.11
N GLU A 1676 100.55 57.42 -17.74
CA GLU A 1676 99.38 58.07 -17.15
C GLU A 1676 99.61 59.56 -16.92
N THR A 1677 100.37 60.18 -17.81
CA THR A 1677 100.92 61.49 -17.50
C THR A 1677 100.40 62.58 -18.44
N THR A 1678 100.43 63.80 -17.91
CA THR A 1678 100.10 64.99 -18.68
C THR A 1678 101.31 65.54 -19.43
N THR A 1679 102.51 65.48 -18.84
CA THR A 1679 103.63 66.29 -19.31
C THR A 1679 104.85 65.44 -19.63
N CYS A 1680 105.86 66.09 -20.20
CA CYS A 1680 107.17 65.51 -20.44
C CYS A 1680 108.19 66.22 -19.57
N THR A 1681 109.16 65.47 -19.05
CA THR A 1681 110.22 66.06 -18.25
C THR A 1681 111.55 65.97 -18.99
N ALA A 1682 112.37 67.00 -18.84
CA ALA A 1682 113.66 67.00 -19.52
C ALA A 1682 114.57 65.94 -18.91
N CYS A 1683 115.38 65.31 -19.76
CA CYS A 1683 116.38 64.39 -19.23
C CYS A 1683 117.34 65.17 -18.35
N ALA A 1684 117.81 64.53 -17.28
CA ALA A 1684 118.63 65.24 -16.32
C ALA A 1684 120.05 65.43 -16.84
N VAL A 1685 120.95 65.80 -15.92
CA VAL A 1685 122.35 65.88 -16.29
C VAL A 1685 122.92 64.47 -16.38
N GLY A 1686 123.77 64.25 -17.38
CA GLY A 1686 124.46 62.99 -17.54
C GLY A 1686 123.79 61.99 -18.46
N THR A 1687 122.55 62.22 -18.89
CA THR A 1687 121.81 61.28 -19.72
C THR A 1687 121.23 62.02 -20.92
N TYR A 1688 120.92 61.26 -21.98
CA TYR A 1688 120.43 61.84 -23.22
C TYR A 1688 119.19 61.11 -23.73
N ALA A 1689 118.32 61.87 -24.41
CA ALA A 1689 117.10 61.35 -25.03
C ALA A 1689 117.23 61.52 -26.54
N ASP A 1690 117.60 60.43 -27.23
CA ASP A 1690 117.91 60.54 -28.65
C ASP A 1690 116.67 60.90 -29.48
N GLN A 1691 115.59 60.14 -29.35
CA GLN A 1691 114.49 60.22 -30.29
C GLN A 1691 113.17 60.16 -29.53
N ALA A 1692 112.15 60.78 -30.10
CA ALA A 1692 110.84 60.81 -29.48
C ALA A 1692 110.27 59.41 -29.34
N GLY A 1693 109.52 59.20 -28.27
CA GLY A 1693 108.93 57.91 -27.98
C GLY A 1693 109.84 56.95 -27.27
N LEU A 1694 111.07 57.34 -26.98
CA LEU A 1694 112.01 56.46 -26.30
C LEU A 1694 111.53 56.17 -24.89
N ALA A 1695 111.85 54.99 -24.39
CA ALA A 1695 111.37 54.58 -23.07
C ALA A 1695 111.93 55.46 -21.97
N ALA A 1696 113.25 55.66 -21.96
CA ALA A 1696 113.89 56.40 -20.88
C ALA A 1696 115.19 57.01 -21.38
N CYS A 1697 115.74 57.93 -20.60
CA CYS A 1697 117.01 58.55 -20.94
C CYS A 1697 118.11 57.51 -21.02
N LYS A 1698 119.02 57.69 -21.99
CA LYS A 1698 120.21 56.86 -22.06
C LYS A 1698 121.43 57.70 -21.71
N PRO A 1699 122.24 57.27 -20.74
CA PRO A 1699 123.42 58.07 -20.38
C PRO A 1699 124.46 58.06 -21.49
N CYS A 1700 125.27 59.12 -21.51
CA CYS A 1700 126.34 59.21 -22.49
C CYS A 1700 127.35 58.08 -22.29
N GLN A 1701 127.80 57.50 -23.39
CA GLN A 1701 128.76 56.40 -23.37
C GLN A 1701 130.10 56.90 -22.84
N PRO A 1702 130.94 56.01 -22.33
CA PRO A 1702 132.26 56.43 -21.85
C PRO A 1702 133.06 57.10 -22.95
N GLY A 1703 133.81 58.13 -22.58
CA GLY A 1703 134.47 59.00 -23.53
C GLY A 1703 133.66 60.19 -23.97
N ARG A 1704 132.41 60.32 -23.51
CA ARG A 1704 131.54 61.42 -23.85
C ARG A 1704 130.83 61.89 -22.59
N TYR A 1705 130.35 63.14 -22.61
CA TYR A 1705 129.75 63.73 -21.42
C TYR A 1705 128.63 64.69 -21.79
N GLN A 1706 127.74 64.93 -20.83
CA GLN A 1706 126.68 65.94 -20.92
C GLN A 1706 126.58 66.65 -19.58
N ASN A 1707 126.36 67.96 -19.61
CA ASN A 1707 126.35 68.76 -18.39
C ASN A 1707 125.10 69.64 -18.23
N SER A 1708 124.06 69.39 -19.01
CA SER A 1708 122.82 70.15 -18.92
C SER A 1708 121.62 69.21 -18.89
N ILE A 1709 120.46 69.73 -18.50
CA ILE A 1709 119.24 68.95 -18.59
C ILE A 1709 118.48 69.30 -19.87
N GLY A 1710 118.20 68.27 -20.66
CA GLY A 1710 117.54 68.47 -21.94
C GLY A 1710 118.47 68.75 -23.12
N GLN A 1711 119.46 67.89 -23.34
CA GLN A 1711 120.34 67.99 -24.50
C GLN A 1711 120.51 66.60 -25.11
N ARG A 1712 120.24 66.48 -26.41
CA ARG A 1712 120.17 65.19 -27.08
C ARG A 1712 121.51 64.65 -27.57
N VAL A 1713 122.56 65.49 -27.61
CA VAL A 1713 123.84 65.08 -28.15
C VAL A 1713 124.90 65.28 -27.08
N CYS A 1714 125.74 64.26 -26.89
CA CYS A 1714 126.79 64.27 -25.89
C CYS A 1714 128.10 64.71 -26.54
N LYS A 1715 128.65 65.81 -26.04
CA LYS A 1715 129.94 66.27 -26.55
C LYS A 1715 131.04 65.29 -26.15
N PRO A 1716 132.00 65.04 -27.04
CA PRO A 1716 133.15 64.21 -26.67
C PRO A 1716 134.04 64.89 -25.65
N CYS A 1717 134.72 64.07 -24.86
CA CYS A 1717 135.61 64.58 -23.82
C CYS A 1717 136.86 65.20 -24.43
N ASP A 1718 137.58 65.97 -23.61
CA ASP A 1718 138.80 66.61 -24.06
C ASP A 1718 139.89 65.58 -24.31
N MET A 1719 140.93 66.00 -25.02
CA MET A 1719 142.08 65.13 -25.25
C MET A 1719 142.78 64.83 -23.94
N GLY A 1720 143.07 63.54 -23.72
CA GLY A 1720 143.73 63.11 -22.50
C GLY A 1720 142.84 63.03 -21.28
N THR A 1721 141.52 62.91 -21.46
CA THR A 1721 140.57 62.83 -20.35
C THR A 1721 139.65 61.64 -20.60
N TYR A 1722 139.28 60.94 -19.52
CA TYR A 1722 138.46 59.74 -19.60
C TYR A 1722 137.19 59.92 -18.79
N SER A 1723 136.14 59.21 -19.18
CA SER A 1723 134.85 59.25 -18.49
C SER A 1723 134.30 57.85 -18.37
N ARG A 1724 133.58 57.59 -17.28
CA ARG A 1724 132.91 56.31 -17.06
C ARG A 1724 131.47 56.39 -17.56
N TYR A 1725 130.73 55.30 -17.41
CA TYR A 1725 129.32 55.29 -17.77
C TYR A 1725 128.57 56.37 -17.00
N GLY A 1726 127.77 57.16 -17.72
CA GLY A 1726 127.15 58.31 -17.10
C GLY A 1726 128.18 59.40 -16.83
N GLY A 1727 127.83 60.29 -15.92
CA GLY A 1727 128.77 61.31 -15.50
C GLY A 1727 128.42 62.71 -15.95
N GLU A 1728 128.52 63.68 -15.02
CA GLU A 1728 128.24 65.07 -15.35
C GLU A 1728 129.35 65.69 -16.19
N LEU A 1729 130.61 65.40 -15.83
CA LEU A 1729 131.76 65.97 -16.51
C LEU A 1729 132.86 64.93 -16.63
N CYS A 1730 133.75 65.14 -17.60
CA CYS A 1730 134.89 64.26 -17.79
C CYS A 1730 135.89 64.44 -16.64
N THR A 1731 136.55 63.35 -16.26
CA THR A 1731 137.47 63.34 -15.13
C THR A 1731 138.90 63.06 -15.61
N LYS A 1732 139.84 63.85 -15.13
CA LYS A 1732 141.24 63.72 -15.55
C LYS A 1732 141.88 62.48 -14.93
N CYS A 1733 142.99 62.05 -15.53
CA CYS A 1733 143.65 60.83 -15.09
C CYS A 1733 144.36 61.06 -13.76
N PRO A 1734 144.39 60.05 -12.87
CA PRO A 1734 145.03 60.23 -11.57
C PRO A 1734 146.49 59.81 -11.56
N ALA A 1735 147.35 60.69 -11.05
CA ALA A 1735 148.79 60.42 -10.83
C ALA A 1735 149.45 60.09 -12.17
N GLY A 1736 150.26 59.04 -12.26
CA GLY A 1736 151.04 58.78 -13.46
C GLY A 1736 150.36 57.92 -14.51
N THR A 1737 149.42 58.51 -15.24
CA THR A 1737 148.77 57.83 -16.36
C THR A 1737 148.31 58.87 -17.38
N VAL A 1738 148.10 58.41 -18.61
CA VAL A 1738 147.73 59.28 -19.72
C VAL A 1738 146.68 58.56 -20.56
N ALA A 1739 145.64 59.31 -20.96
CA ALA A 1739 144.63 58.76 -21.86
C ALA A 1739 145.13 58.73 -23.30
N SER A 1740 145.86 59.76 -23.72
CA SER A 1740 146.58 59.80 -24.99
C SER A 1740 145.64 59.75 -26.20
N LYS A 1741 144.42 60.27 -26.06
CA LYS A 1741 143.52 60.39 -27.20
C LYS A 1741 142.37 61.33 -26.84
N THR A 1742 141.60 61.69 -27.87
CA THR A 1742 140.36 62.45 -27.70
C THR A 1742 139.19 61.48 -27.74
N GLY A 1743 138.30 61.60 -26.75
CA GLY A 1743 137.20 60.67 -26.62
C GLY A 1743 137.57 59.31 -26.08
N SER A 1744 138.81 59.14 -25.60
CA SER A 1744 139.25 57.86 -25.07
C SER A 1744 138.53 57.55 -23.76
N SER A 1745 138.36 56.25 -23.49
CA SER A 1745 137.56 55.81 -22.35
C SER A 1745 138.39 55.42 -21.12
N GLN A 1746 139.68 55.16 -21.27
CA GLN A 1746 140.49 54.67 -20.17
C GLN A 1746 141.80 55.46 -20.08
N CYS A 1747 142.28 55.62 -18.85
CA CYS A 1747 143.59 56.21 -18.59
C CYS A 1747 144.56 55.08 -18.24
N THR A 1748 145.43 54.73 -19.20
CA THR A 1748 146.33 53.59 -19.07
C THR A 1748 147.60 53.99 -18.32
N PRO A 1749 148.02 53.22 -17.32
CA PRO A 1749 149.29 53.52 -16.64
C PRO A 1749 150.47 53.19 -17.54
N CYS A 1750 151.28 54.21 -17.82
CA CYS A 1750 152.36 54.07 -18.78
C CYS A 1750 153.44 53.14 -18.25
N ALA A 1751 154.35 52.74 -19.13
CA ALA A 1751 155.35 51.74 -18.78
C ALA A 1751 156.55 52.36 -18.07
N ALA A 1752 157.30 51.51 -17.38
CA ALA A 1752 158.50 51.98 -16.68
C ALA A 1752 159.61 52.22 -17.69
N GLY A 1753 160.53 53.11 -17.33
CA GLY A 1753 161.46 53.68 -18.28
C GLY A 1753 160.94 54.89 -19.02
N PHE A 1754 159.75 55.36 -18.66
CA PHE A 1754 159.05 56.42 -19.37
C PHE A 1754 158.42 57.35 -18.35
N TYR A 1755 157.99 58.53 -18.82
CA TYR A 1755 157.34 59.49 -17.95
C TYR A 1755 156.22 60.19 -18.71
N ALA A 1756 155.20 60.62 -17.97
CA ALA A 1756 154.05 61.30 -18.55
C ALA A 1756 154.37 62.76 -18.86
N ASN A 1757 153.50 63.37 -19.66
CA ASN A 1757 153.75 64.74 -20.13
C ASN A 1757 153.67 65.74 -18.99
N ALA A 1758 152.64 65.64 -18.14
CA ALA A 1758 152.44 66.59 -17.06
C ALA A 1758 151.59 65.91 -15.99
N PRO A 1759 151.68 66.37 -14.74
CA PRO A 1759 150.94 65.71 -13.67
C PRO A 1759 149.44 65.97 -13.75
N ASP A 1760 148.66 64.93 -13.46
CA ASP A 1760 147.20 64.98 -13.37
C ASP A 1760 146.54 65.25 -14.72
N SER A 1761 147.35 65.53 -15.74
CA SER A 1761 146.87 65.75 -17.09
C SER A 1761 148.05 65.60 -18.04
N ALA A 1762 148.02 64.59 -18.90
CA ALA A 1762 149.11 64.28 -19.81
C ALA A 1762 148.55 63.98 -21.20
N THR A 1763 149.26 64.45 -22.23
CA THR A 1763 148.86 64.13 -23.59
C THR A 1763 149.47 62.80 -24.05
N SER A 1764 150.71 62.53 -23.64
CA SER A 1764 151.38 61.28 -23.97
C SER A 1764 152.51 61.05 -22.98
N CYS A 1765 153.01 59.82 -22.95
CA CYS A 1765 154.16 59.48 -22.12
C CYS A 1765 155.32 59.09 -23.03
N ARG A 1766 156.50 59.63 -22.75
CA ARG A 1766 157.68 59.44 -23.59
C ARG A 1766 158.85 58.97 -22.72
N ALA A 1767 159.85 58.40 -23.37
CA ALA A 1767 160.98 57.83 -22.65
C ALA A 1767 161.79 58.90 -21.94
N CYS A 1768 162.42 58.52 -20.84
CA CYS A 1768 163.28 59.39 -20.05
C CYS A 1768 164.48 59.80 -20.89
N PRO A 1769 165.14 60.90 -20.55
CA PRO A 1769 166.31 61.34 -21.32
C PRO A 1769 167.43 60.31 -21.27
N ARG A 1770 168.48 60.61 -22.04
CA ARG A 1770 169.63 59.74 -22.20
C ARG A 1770 170.14 59.20 -20.87
N GLY A 1771 170.60 60.11 -20.01
CA GLY A 1771 171.24 59.70 -18.76
C GLY A 1771 170.27 59.34 -17.66
N TYR A 1772 169.05 58.96 -18.02
CA TYR A 1772 168.04 58.70 -17.00
C TYR A 1772 167.53 57.27 -17.09
N TYR A 1773 166.66 56.90 -16.14
CA TYR A 1773 166.02 55.60 -16.09
C TYR A 1773 164.69 55.73 -15.35
N GLY A 1774 163.63 55.12 -15.89
CA GLY A 1774 162.35 55.14 -15.22
C GLY A 1774 161.98 53.80 -14.63
N PRO A 1775 162.09 53.67 -13.31
CA PRO A 1775 161.90 52.35 -12.69
C PRO A 1775 160.46 51.89 -12.63
N TYR A 1776 159.51 52.81 -12.43
CA TYR A 1776 158.15 52.41 -12.10
C TYR A 1776 157.17 52.83 -13.18
N SER A 1777 156.09 52.05 -13.32
CA SER A 1777 155.08 52.32 -14.33
C SER A 1777 154.37 53.63 -14.06
N GLY A 1778 153.96 53.86 -12.82
CA GLY A 1778 153.21 55.07 -12.48
C GLY A 1778 154.09 56.30 -12.40
N ALA A 1779 154.86 56.54 -13.46
CA ALA A 1779 155.84 57.62 -13.53
C ALA A 1779 155.22 58.82 -14.22
N TYR A 1780 155.36 60.00 -13.60
CA TYR A 1780 154.86 61.24 -14.17
C TYR A 1780 155.80 62.39 -13.83
N ALA A 1781 156.12 63.20 -14.84
CA ALA A 1781 156.95 64.38 -14.62
C ALA A 1781 156.16 65.44 -13.86
N ASP A 1782 156.83 66.12 -12.93
CA ASP A 1782 156.13 67.06 -12.06
C ASP A 1782 155.99 68.43 -12.70
N ASN A 1783 156.77 68.72 -13.74
CA ASN A 1783 156.79 69.97 -14.51
C ASN A 1783 157.27 71.16 -13.69
N LEU A 1784 157.53 71.00 -12.39
CA LEU A 1784 157.99 72.10 -11.54
C LEU A 1784 159.23 71.63 -10.79
N GLY A 1785 160.39 72.10 -11.23
CA GLY A 1785 161.63 71.76 -10.57
C GLY A 1785 162.51 70.79 -11.37
N ASP A 1786 163.60 71.32 -11.91
CA ASP A 1786 164.58 70.52 -12.64
C ASP A 1786 163.95 69.78 -13.82
N GLU A 1787 162.90 70.39 -14.38
CA GLU A 1787 162.32 69.97 -15.67
C GLU A 1787 161.77 68.56 -15.54
N PHE A 1788 162.32 67.58 -16.26
CA PHE A 1788 161.74 66.24 -16.44
C PHE A 1788 162.07 65.32 -15.27
N GLU A 1789 161.45 65.59 -14.12
CA GLU A 1789 161.60 64.75 -12.95
C GLU A 1789 160.26 64.57 -12.26
N GLY A 1790 160.03 63.36 -11.72
CA GLY A 1790 158.82 63.07 -10.98
C GLY A 1790 159.07 62.17 -9.79
N PRO A 1791 158.05 61.93 -8.97
CA PRO A 1791 158.24 61.07 -7.79
C PRO A 1791 158.52 59.62 -8.15
N ARG A 1792 157.68 59.03 -8.99
CA ARG A 1792 157.88 57.67 -9.48
C ARG A 1792 158.54 57.67 -10.86
N GLY A 1793 159.09 58.79 -11.29
CA GLY A 1793 159.56 58.95 -12.64
C GLY A 1793 161.01 58.55 -12.84
N CYS A 1794 161.71 59.40 -13.60
CA CYS A 1794 163.05 59.07 -14.05
C CYS A 1794 164.11 59.78 -13.21
N TYR A 1795 165.26 59.13 -13.04
CA TYR A 1795 166.33 59.63 -12.20
C TYR A 1795 167.68 59.51 -12.90
N LYS A 1796 168.66 60.27 -12.39
CA LYS A 1796 169.94 60.38 -13.09
C LYS A 1796 170.74 59.08 -13.02
N CYS A 1797 170.77 58.44 -11.85
CA CYS A 1797 171.56 57.27 -11.48
C CYS A 1797 173.02 57.71 -11.28
N PRO A 1798 173.67 57.28 -10.20
CA PRO A 1798 174.84 58.03 -9.71
C PRO A 1798 176.19 57.60 -10.28
N TYR A 1799 176.88 58.56 -10.90
CA TYR A 1799 178.33 58.54 -11.08
C TYR A 1799 178.87 57.23 -11.62
N ASP A 1800 178.81 56.17 -10.81
CA ASP A 1800 179.12 54.85 -11.34
C ASP A 1800 178.16 54.46 -12.45
N PHE A 1801 176.88 54.75 -12.27
CA PHE A 1801 175.85 54.17 -13.12
C PHE A 1801 175.56 55.03 -14.34
N PHE A 1802 175.18 54.37 -15.44
CA PHE A 1802 174.80 55.05 -16.67
C PHE A 1802 173.95 54.09 -17.51
N ALA A 1803 173.00 54.66 -18.25
CA ALA A 1803 172.16 53.85 -19.14
C ALA A 1803 172.35 54.26 -20.60
N ASP A 1804 172.16 55.55 -20.87
CA ASP A 1804 172.46 56.32 -22.09
C ASP A 1804 171.47 56.08 -23.24
N ARG A 1805 170.55 55.12 -23.17
CA ARG A 1805 169.70 54.98 -24.35
C ARG A 1805 168.24 54.70 -23.97
N PRO A 1806 167.68 55.45 -23.01
CA PRO A 1806 166.31 55.20 -22.53
C PRO A 1806 165.78 53.76 -22.62
N GLY A 1807 166.68 52.78 -22.62
CA GLY A 1807 166.26 51.41 -22.89
C GLY A 1807 165.61 50.76 -21.68
N VAL A 1808 166.34 50.68 -20.56
CA VAL A 1808 165.86 49.96 -19.39
C VAL A 1808 165.93 50.86 -18.17
N ARG A 1809 165.11 50.51 -17.17
CA ARG A 1809 165.15 51.20 -15.89
C ARG A 1809 166.39 50.82 -15.09
N GLN A 1810 167.13 49.82 -15.56
CA GLN A 1810 168.37 49.46 -14.90
C GLN A 1810 169.53 50.30 -15.43
N CYS A 1811 170.15 51.05 -14.54
CA CYS A 1811 171.23 51.96 -14.93
C CYS A 1811 172.54 51.27 -14.59
N THR A 1812 173.41 51.13 -15.60
CA THR A 1812 174.57 50.26 -15.52
C THR A 1812 175.74 51.01 -14.93
N ALA A 1813 176.41 50.40 -13.95
CA ALA A 1813 177.45 51.06 -13.18
C ALA A 1813 178.76 51.14 -13.97
N CYS A 1814 178.67 51.79 -15.14
CA CYS A 1814 179.76 52.07 -16.07
C CYS A 1814 180.41 50.79 -16.59
N PRO A 1815 181.13 50.85 -17.72
CA PRO A 1815 182.01 49.75 -18.07
C PRO A 1815 183.43 50.01 -17.58
N PRO A 1816 184.05 49.05 -16.91
CA PRO A 1816 185.44 49.22 -16.50
C PRO A 1816 186.40 48.94 -17.65
N LEU A 1817 187.23 49.91 -18.03
CA LEU A 1817 187.95 49.75 -19.29
C LEU A 1817 189.15 48.84 -19.10
N ASP A 1818 189.62 48.29 -20.21
CA ASP A 1818 190.81 47.46 -20.25
C ASP A 1818 191.90 48.18 -21.03
N LEU A 1819 193.03 48.43 -20.39
CA LEU A 1819 194.19 49.00 -21.05
C LEU A 1819 195.13 47.88 -21.46
N GLY A 1820 195.39 47.76 -22.76
CA GLY A 1820 196.13 46.61 -23.24
C GLY A 1820 195.33 45.34 -23.03
N GLY A 1821 195.96 44.35 -22.41
CA GLY A 1821 195.30 43.09 -22.14
C GLY A 1821 195.04 42.82 -20.67
N GLY A 1822 195.93 43.29 -19.80
CA GLY A 1822 195.83 42.93 -18.39
C GLY A 1822 195.22 44.01 -17.52
N ASN A 1823 195.68 45.25 -17.68
CA ASN A 1823 195.28 46.32 -16.78
C ASN A 1823 193.80 46.65 -16.92
N LEU A 1824 193.13 46.82 -15.78
CA LEU A 1824 191.73 47.24 -15.74
C LEU A 1824 191.62 48.52 -14.95
N VAL A 1825 190.85 49.47 -15.47
CA VAL A 1825 190.74 50.81 -14.89
C VAL A 1825 189.26 51.11 -14.64
N GLU A 1826 188.98 51.65 -13.45
CA GLU A 1826 187.62 52.00 -13.06
C GLU A 1826 187.21 53.34 -13.66
N GLN A 1827 185.93 53.43 -14.04
CA GLN A 1827 185.37 54.62 -14.68
C GLN A 1827 184.34 55.26 -13.77
N CYS A 1828 184.39 56.58 -13.67
CA CYS A 1828 183.37 57.35 -12.95
C CYS A 1828 182.86 58.46 -13.85
N THR A 1829 181.54 58.55 -14.00
CA THR A 1829 180.97 59.64 -14.78
C THR A 1829 181.11 60.96 -14.03
N GLU A 1830 181.29 62.03 -14.80
CA GLU A 1830 181.74 63.29 -14.22
C GLU A 1830 180.66 63.93 -13.35
N ASP A 1831 179.42 64.01 -13.85
CA ASP A 1831 178.37 64.64 -13.08
C ASP A 1831 177.06 63.86 -13.24
N LEU A 1832 176.71 63.11 -12.19
CA LEU A 1832 175.42 62.41 -12.05
C LEU A 1832 175.14 61.64 -13.34
N GLY A 1833 173.97 61.80 -13.95
CA GLY A 1833 173.70 61.16 -15.22
C GLY A 1833 174.49 61.78 -16.35
N SER A 1834 175.50 61.07 -16.83
CA SER A 1834 176.25 61.47 -18.01
C SER A 1834 176.14 60.35 -19.04
N GLN A 1835 176.00 60.74 -20.31
CA GLN A 1835 175.81 59.76 -21.37
C GLN A 1835 177.02 58.85 -21.51
N ARG A 1836 178.23 59.40 -21.38
CA ARG A 1836 179.47 58.66 -21.56
C ARG A 1836 180.21 58.54 -20.23
N CYS A 1837 180.60 57.33 -19.88
CA CYS A 1837 181.46 57.12 -18.73
C CYS A 1837 182.88 57.60 -19.03
N LYS A 1838 183.62 57.93 -17.98
CA LYS A 1838 185.01 58.32 -18.10
C LYS A 1838 185.83 57.62 -17.02
N PRO A 1839 187.04 57.18 -17.35
CA PRO A 1839 187.87 56.50 -16.35
C PRO A 1839 188.15 57.40 -15.15
N CYS A 1840 188.47 56.75 -14.03
CA CYS A 1840 188.75 57.47 -12.80
C CYS A 1840 190.05 58.26 -12.93
N SER A 1841 190.44 58.90 -11.83
CA SER A 1841 191.59 59.82 -11.80
C SER A 1841 191.39 60.98 -12.75
N LEU A 1842 190.15 61.16 -13.22
CA LEU A 1842 189.81 62.18 -14.19
C LEU A 1842 188.65 63.01 -13.66
N LEU A 1843 188.93 64.29 -13.40
CA LEU A 1843 187.94 65.26 -12.94
C LEU A 1843 187.31 64.86 -11.60
N SER A 1844 188.12 64.91 -10.55
CA SER A 1844 187.64 65.17 -9.19
C SER A 1844 186.47 64.32 -8.72
N LYS A 1845 186.70 63.03 -8.47
CA LYS A 1845 185.76 62.22 -7.72
C LYS A 1845 185.32 62.89 -6.43
N PRO A 1846 186.21 63.50 -5.64
CA PRO A 1846 185.76 64.13 -4.39
C PRO A 1846 184.74 65.25 -4.57
N LYS A 1847 184.68 65.88 -5.75
CA LYS A 1847 183.80 67.03 -5.94
C LYS A 1847 182.34 66.63 -5.82
N THR A 1848 182.05 65.34 -5.96
CA THR A 1848 180.67 64.87 -6.04
C THR A 1848 179.96 64.95 -4.68
N ALA A 1849 179.75 66.16 -4.19
CA ALA A 1849 179.02 66.39 -2.94
C ALA A 1849 177.57 66.69 -3.30
N ARG A 1850 176.71 65.69 -3.16
CA ARG A 1850 175.32 65.84 -3.57
C ARG A 1850 174.44 65.22 -2.48
N THR A 1851 173.13 65.20 -2.69
CA THR A 1851 172.18 64.64 -1.75
C THR A 1851 171.90 63.18 -2.11
N GLU A 1852 171.48 62.41 -1.10
CA GLU A 1852 171.18 61.00 -1.27
C GLU A 1852 169.78 60.72 -0.71
N GLN A 1853 168.95 60.06 -1.52
CA GLN A 1853 167.55 59.80 -1.17
C GLN A 1853 167.31 58.30 -1.11
N SER A 1854 166.08 57.95 -0.71
CA SER A 1854 165.66 56.56 -0.62
C SER A 1854 164.30 56.38 -1.26
N PRO A 1855 164.06 55.27 -1.95
CA PRO A 1855 162.75 55.05 -2.58
C PRO A 1855 161.67 54.82 -1.55
N PRO A 1856 160.43 55.22 -1.84
CA PRO A 1856 159.33 54.93 -0.92
C PRO A 1856 158.98 53.46 -0.94
N PRO A 1857 158.32 52.96 0.10
CA PRO A 1857 157.95 51.53 0.13
C PRO A 1857 156.95 51.20 -0.95
N PRO A 1858 156.95 49.96 -1.44
CA PRO A 1858 156.08 49.61 -2.58
C PRO A 1858 154.61 49.65 -2.20
N SER A 1859 153.78 49.88 -3.22
CA SER A 1859 152.34 49.93 -3.01
C SER A 1859 151.82 48.56 -2.61
N PRO A 1860 150.90 48.50 -1.63
CA PRO A 1860 150.40 47.20 -1.18
C PRO A 1860 149.48 46.55 -2.21
N SER A 1861 149.23 45.27 -2.01
CA SER A 1861 148.32 44.55 -2.90
C SER A 1861 146.89 45.01 -2.68
N PRO A 1862 146.05 44.96 -3.71
CA PRO A 1862 144.64 45.34 -3.55
C PRO A 1862 143.91 44.38 -2.63
N PRO A 1863 142.83 44.83 -1.98
CA PRO A 1863 142.16 43.98 -1.01
C PRO A 1863 141.33 42.91 -1.70
N PRO A 1864 140.97 41.83 -0.98
CA PRO A 1864 140.14 40.81 -1.59
C PRO A 1864 138.71 41.30 -1.77
N PRO A 1865 137.99 40.76 -2.75
CA PRO A 1865 136.58 41.14 -2.94
C PRO A 1865 135.72 40.68 -1.78
N PRO A 1866 134.65 41.42 -1.47
CA PRO A 1866 133.78 40.99 -0.37
C PRO A 1866 132.91 39.83 -0.80
N PRO A 1867 132.40 39.05 0.15
CA PRO A 1867 131.43 38.00 -0.19
C PRO A 1867 130.16 38.60 -0.77
N PRO A 1868 129.52 37.91 -1.72
CA PRO A 1868 128.32 38.47 -2.34
C PRO A 1868 127.16 38.58 -1.37
N SER A 1869 126.18 39.38 -1.76
CA SER A 1869 124.97 39.48 -0.95
C SER A 1869 124.25 38.13 -0.92
N PRO A 1870 123.69 37.74 0.22
CA PRO A 1870 122.99 36.45 0.29
C PRO A 1870 121.78 36.41 -0.63
N ARG A 1871 121.46 35.20 -1.11
CA ARG A 1871 120.42 35.03 -2.09
C ARG A 1871 119.03 35.10 -1.45
N PRO A 1872 118.00 35.44 -2.21
CA PRO A 1872 116.65 35.56 -1.64
C PRO A 1872 116.13 34.22 -1.16
N PRO A 1873 115.29 34.21 -0.13
CA PRO A 1873 114.81 32.95 0.43
C PRO A 1873 113.69 32.33 -0.40
N SER A 1874 113.47 31.04 -0.18
CA SER A 1874 112.37 30.35 -0.83
C SER A 1874 111.04 30.81 -0.25
N PRO A 1875 109.97 30.80 -1.06
CA PRO A 1875 108.66 31.22 -0.55
C PRO A 1875 108.15 30.26 0.52
N ASN A 1876 107.49 30.82 1.53
CA ASN A 1876 106.87 30.00 2.55
C ASN A 1876 105.53 29.45 2.04
N PRO A 1877 105.14 28.25 2.48
CA PRO A 1877 103.92 27.64 1.96
C PRO A 1877 102.69 28.36 2.48
N PRO A 1878 101.77 28.74 1.60
CA PRO A 1878 100.49 29.28 2.04
C PRO A 1878 99.68 28.24 2.82
N SER A 1879 98.51 28.68 3.29
CA SER A 1879 97.68 27.83 4.11
C SER A 1879 97.17 26.62 3.33
N PRO A 1880 96.91 25.49 3.99
CA PRO A 1880 96.26 24.38 3.31
C PRO A 1880 94.89 24.80 2.79
N ARG A 1881 94.41 24.10 1.77
CA ARG A 1881 93.16 24.48 1.13
C ARG A 1881 92.01 24.46 2.13
N PRO A 1882 91.04 25.36 1.97
CA PRO A 1882 90.02 25.57 3.01
C PRO A 1882 89.18 24.31 3.23
N PRO A 1883 88.67 24.11 4.44
CA PRO A 1883 87.85 22.92 4.70
C PRO A 1883 86.54 22.93 3.92
N SER A 1884 85.94 21.76 3.81
CA SER A 1884 84.79 21.57 2.94
C SER A 1884 83.53 22.14 3.58
N PRO A 1885 82.63 22.73 2.78
CA PRO A 1885 81.28 23.01 3.27
C PRO A 1885 80.52 21.72 3.54
N ALA A 1886 79.68 21.75 4.57
CA ALA A 1886 79.20 20.53 5.18
C ALA A 1886 78.27 19.74 4.26
N PRO A 1887 78.24 18.41 4.39
CA PRO A 1887 77.16 17.61 3.80
C PRO A 1887 75.83 17.99 4.43
N PRO A 1888 74.72 17.78 3.71
CA PRO A 1888 73.45 18.40 4.12
C PRO A 1888 73.02 17.99 5.52
N SER A 1889 72.41 18.95 6.22
CA SER A 1889 71.83 18.69 7.53
C SER A 1889 70.50 17.95 7.37
N PRO A 1890 69.99 17.32 8.44
CA PRO A 1890 68.74 16.55 8.30
C PRO A 1890 67.50 17.40 8.11
N ASN A 1891 66.39 16.73 7.89
CA ASN A 1891 65.15 17.41 7.49
C ASN A 1891 64.18 17.48 8.67
N PRO A 1892 63.88 18.67 9.18
CA PRO A 1892 62.90 18.76 10.27
C PRO A 1892 61.53 18.30 9.82
N PRO A 1893 60.74 17.72 10.72
CA PRO A 1893 59.53 17.02 10.29
C PRO A 1893 58.51 17.97 9.69
N PRO A 1894 57.70 17.50 8.74
CA PRO A 1894 56.66 18.36 8.16
C PRO A 1894 55.55 18.66 9.15
N THR A 1895 54.55 19.42 8.69
CA THR A 1895 53.46 19.85 9.56
C THR A 1895 52.64 18.65 10.05
N SER A 1896 51.98 18.84 11.19
CA SER A 1896 51.40 17.73 11.93
C SER A 1896 50.20 17.13 11.20
N PRO A 1897 49.89 15.85 11.41
CA PRO A 1897 48.73 15.25 10.75
C PRO A 1897 47.45 15.85 11.29
N PRO A 1898 46.41 15.96 10.45
CA PRO A 1898 45.18 16.62 10.90
C PRO A 1898 44.23 15.66 11.59
N PRO A 1899 43.84 15.96 12.84
CA PRO A 1899 42.73 15.24 13.49
C PRO A 1899 41.40 15.40 12.75
N SER A 1900 40.38 14.76 13.31
CA SER A 1900 39.11 14.53 12.61
C SER A 1900 38.23 15.78 12.56
N PRO A 1901 37.28 15.84 11.61
CA PRO A 1901 36.37 17.00 11.55
C PRO A 1901 35.04 16.72 12.22
N PRO A 1902 34.16 17.73 12.35
CA PRO A 1902 32.88 17.53 13.06
C PRO A 1902 31.92 16.64 12.27
N PRO A 1903 30.94 16.04 12.95
CA PRO A 1903 30.06 15.07 12.28
C PRO A 1903 28.87 15.74 11.58
N SER A 1904 28.27 15.00 10.64
CA SER A 1904 27.20 15.53 9.81
C SER A 1904 25.86 15.48 10.54
N PRO A 1905 24.92 16.34 10.15
CA PRO A 1905 23.57 16.28 10.73
C PRO A 1905 22.80 15.08 10.22
N PRO A 1906 21.83 14.57 10.98
CA PRO A 1906 21.09 13.37 10.57
C PRO A 1906 19.81 13.73 9.83
N PRO A 1907 19.27 12.82 9.01
CA PRO A 1907 18.09 13.15 8.21
C PRO A 1907 16.82 12.99 9.02
N PRO A 1908 15.77 13.73 8.67
CA PRO A 1908 14.49 13.59 9.38
C PRO A 1908 13.78 12.29 9.03
N ARG A 1909 12.71 12.01 9.80
CA ARG A 1909 11.86 10.84 9.63
C ARG A 1909 10.41 11.26 9.38
N PRO A 1910 9.77 10.79 8.31
CA PRO A 1910 8.41 11.25 7.97
C PRO A 1910 7.40 10.82 9.02
N PRO A 1911 6.33 11.60 9.20
CA PRO A 1911 5.34 11.28 10.24
C PRO A 1911 4.35 10.21 9.79
N PRO A 1912 3.52 9.68 10.70
CA PRO A 1912 2.63 8.59 10.33
C PRO A 1912 1.27 9.12 9.90
N PRO A 1913 0.52 8.38 9.08
CA PRO A 1913 -0.84 8.79 8.74
C PRO A 1913 -1.82 8.31 9.78
N PRO A 1914 -3.08 8.79 9.73
CA PRO A 1914 -4.07 8.38 10.75
C PRO A 1914 -4.55 6.95 10.52
N PRO A 1915 -5.10 6.32 11.57
CA PRO A 1915 -5.54 4.93 11.42
C PRO A 1915 -6.97 4.86 10.91
N PRO A 1916 -7.42 3.68 10.46
CA PRO A 1916 -8.82 3.53 10.01
C PRO A 1916 -9.78 3.55 11.18
N PRO A 1917 -11.04 3.88 10.95
CA PRO A 1917 -12.01 3.99 12.05
C PRO A 1917 -12.46 2.61 12.52
N PRO A 1918 -13.02 2.53 13.72
CA PRO A 1918 -13.56 1.25 14.21
C PRO A 1918 -14.81 0.84 13.42
N SER A 1919 -15.06 -0.47 13.40
CA SER A 1919 -16.20 -0.99 12.67
C SER A 1919 -17.51 -0.55 13.32
N PRO A 1920 -18.55 -0.29 12.55
CA PRO A 1920 -19.84 0.11 13.13
C PRO A 1920 -20.46 -1.01 13.95
N PRO A 1921 -21.17 -0.68 15.02
CA PRO A 1921 -21.80 -1.71 15.86
C PRO A 1921 -22.99 -2.34 15.15
N PRO A 1922 -23.34 -3.58 15.50
CA PRO A 1922 -24.49 -4.23 14.87
C PRO A 1922 -25.80 -3.68 15.40
N PRO A 1923 -26.90 -3.86 14.66
CA PRO A 1923 -28.20 -3.39 15.16
C PRO A 1923 -28.75 -4.31 16.24
N ASN A 1924 -29.89 -3.91 16.80
CA ASN A 1924 -30.53 -4.71 17.84
C ASN A 1924 -31.17 -5.96 17.26
N ARG A 1925 -31.78 -6.76 18.13
CA ARG A 1925 -32.25 -8.09 17.78
C ARG A 1925 -33.66 -8.11 17.19
N SER A 1926 -33.75 -8.22 15.86
CA SER A 1926 -34.98 -8.48 15.12
C SER A 1926 -35.98 -7.35 15.39
N PRO A 1927 -37.29 -7.51 15.16
CA PRO A 1927 -38.24 -6.74 15.95
C PRO A 1927 -38.76 -7.55 17.13
N PRO A 1928 -39.14 -6.89 18.20
CA PRO A 1928 -39.56 -7.61 19.41
C PRO A 1928 -40.84 -8.36 19.15
N PRO A 1929 -41.25 -9.25 20.06
CA PRO A 1929 -42.50 -10.01 19.85
C PRO A 1929 -43.67 -9.08 19.62
N PRO A 1930 -44.53 -9.39 18.65
CA PRO A 1930 -45.63 -8.49 18.33
C PRO A 1930 -46.68 -8.51 19.43
N PRO A 1931 -47.42 -7.43 19.59
CA PRO A 1931 -48.58 -7.47 20.49
C PRO A 1931 -49.71 -8.26 19.86
N PRO A 1932 -50.21 -9.29 20.55
CA PRO A 1932 -51.15 -10.24 19.93
C PRO A 1932 -52.37 -9.60 19.28
N ALA A 1933 -52.60 -8.30 19.51
CA ALA A 1933 -53.65 -7.53 18.87
C ALA A 1933 -55.01 -7.87 19.47
N SER A 1934 -55.93 -6.91 19.44
CA SER A 1934 -57.19 -7.03 20.16
C SER A 1934 -58.03 -5.81 19.87
N SER A 1935 -59.17 -5.72 20.55
CA SER A 1935 -60.20 -4.68 20.41
C SER A 1935 -60.66 -4.63 18.94
N ALA A 1936 -61.45 -3.65 18.55
CA ALA A 1936 -61.86 -3.45 17.17
C ALA A 1936 -61.78 -2.00 16.74
N ILE A 1937 -61.87 -1.08 17.69
CA ILE A 1937 -62.06 0.34 17.41
C ILE A 1937 -63.31 0.56 16.55
N ASN A 1938 -64.43 0.06 17.05
CA ASN A 1938 -65.71 0.13 16.34
C ASN A 1938 -66.76 0.75 17.25
N PRO A 1939 -67.92 1.08 16.67
CA PRO A 1939 -68.96 1.79 17.40
C PRO A 1939 -70.20 0.92 17.60
N GLY A 1940 -71.19 1.50 18.28
CA GLY A 1940 -72.49 0.90 18.58
C GLY A 1940 -72.40 -0.22 19.61
N GLY A 1941 -71.18 -0.57 20.03
CA GLY A 1941 -70.90 -1.53 21.10
C GLY A 1941 -71.16 -2.97 20.67
N GLY A 1942 -71.71 -3.17 19.46
CA GLY A 1942 -71.86 -4.49 18.88
C GLY A 1942 -72.49 -5.47 19.87
N VAL A 1943 -72.14 -6.75 19.74
CA VAL A 1943 -72.38 -7.70 20.82
C VAL A 1943 -71.35 -7.53 21.93
N ASN A 1944 -71.37 -8.46 22.89
CA ASN A 1944 -70.47 -8.35 24.04
C ASN A 1944 -69.00 -8.50 23.64
N GLN A 1945 -68.72 -9.32 22.64
CA GLN A 1945 -67.34 -9.67 22.27
C GLN A 1945 -66.47 -8.45 21.99
N ILE A 1956 -70.26 -10.09 -13.19
CA ILE A 1956 -69.01 -10.82 -13.02
C ILE A 1956 -68.08 -10.54 -14.19
N LEU A 1957 -68.64 -10.45 -15.40
CA LEU A 1957 -67.79 -10.17 -16.56
C LEU A 1957 -67.09 -8.83 -16.44
N SER A 1958 -67.84 -7.78 -16.08
CA SER A 1958 -67.21 -6.49 -15.85
C SER A 1958 -66.24 -6.56 -14.69
N LEU A 1959 -66.52 -7.43 -13.71
CA LEU A 1959 -65.61 -7.58 -12.57
C LEU A 1959 -64.22 -8.02 -13.02
N MET A 1960 -64.13 -9.12 -13.77
CA MET A 1960 -62.81 -9.60 -14.18
C MET A 1960 -62.20 -8.73 -15.27
N GLU A 1961 -63.03 -8.11 -16.10
CA GLU A 1961 -62.51 -7.17 -17.08
C GLU A 1961 -61.82 -5.98 -16.40
N ASP A 1962 -62.45 -5.41 -15.38
CA ASP A 1962 -61.86 -4.28 -14.68
C ASP A 1962 -60.66 -4.69 -13.85
N GLU A 1963 -60.70 -5.88 -13.24
CA GLU A 1963 -59.53 -6.35 -12.50
C GLU A 1963 -58.35 -6.60 -13.43
N ASP A 1964 -58.60 -7.13 -14.64
CA ASP A 1964 -57.53 -7.31 -15.60
C ASP A 1964 -56.99 -5.97 -16.09
N ALA A 1965 -57.86 -4.97 -16.22
CA ALA A 1965 -57.38 -3.63 -16.55
C ALA A 1965 -56.47 -3.10 -15.45
N GLU A 1966 -56.84 -3.32 -14.19
CA GLU A 1966 -55.97 -2.95 -13.07
C GLU A 1966 -54.62 -3.66 -13.16
N ALA A 1967 -54.64 -4.96 -13.45
CA ALA A 1967 -53.39 -5.71 -13.56
C ALA A 1967 -52.53 -5.19 -14.70
N ALA A 1968 -53.15 -4.88 -15.84
CA ALA A 1968 -52.40 -4.37 -16.99
C ALA A 1968 -51.77 -3.02 -16.67
N GLN A 1969 -52.51 -2.13 -16.00
CA GLN A 1969 -51.95 -0.84 -15.64
C GLN A 1969 -50.82 -0.99 -14.62
N GLU A 1970 -50.97 -1.93 -13.68
CA GLU A 1970 -49.90 -2.20 -12.73
C GLU A 1970 -48.65 -2.72 -13.44
N GLU A 1971 -48.84 -3.61 -14.41
CA GLU A 1971 -47.69 -4.12 -15.18
C GLU A 1971 -47.03 -3.03 -16.00
N GLN A 1972 -47.82 -2.14 -16.59
CA GLN A 1972 -47.25 -1.02 -17.32
C GLN A 1972 -46.46 -0.10 -16.40
N ALA A 1973 -46.99 0.14 -15.19
CA ALA A 1973 -46.24 0.92 -14.20
C ALA A 1973 -44.94 0.24 -13.82
N ILE A 1974 -44.97 -1.08 -13.64
CA ILE A 1974 -43.75 -1.82 -13.31
C ILE A 1974 -42.73 -1.70 -14.44
N VAL A 1975 -43.20 -1.81 -15.69
CA VAL A 1975 -42.30 -1.70 -16.84
C VAL A 1975 -41.67 -0.30 -16.89
N ASP A 1976 -42.49 0.72 -16.67
CA ASP A 1976 -41.95 2.10 -16.68
C ASP A 1976 -40.95 2.30 -15.55
N VAL A 1977 -41.23 1.74 -14.37
CA VAL A 1977 -40.30 1.86 -13.25
C VAL A 1977 -38.98 1.16 -13.57
N ASP A 1978 -39.07 -0.03 -14.18
CA ASP A 1978 -37.86 -0.76 -14.57
C ASP A 1978 -37.04 0.04 -15.58
N ALA A 1979 -37.73 0.68 -16.53
CA ALA A 1979 -37.02 1.55 -17.47
C ALA A 1979 -36.41 2.74 -16.76
N GLU A 1980 -37.05 3.22 -15.69
CA GLU A 1980 -36.53 4.36 -14.95
C GLU A 1980 -35.27 4.01 -14.18
N MET A 1981 -35.24 2.84 -13.53
CA MET A 1981 -34.07 2.46 -12.75
C MET A 1981 -32.85 2.22 -13.64
N GLN A 1982 -33.07 1.67 -14.83
CA GLN A 1982 -31.97 1.47 -15.78
C GLN A 1982 -31.51 2.80 -16.37
#